data_3C9P
# 
_entry.id   3C9P 
# 
_audit_conform.dict_name       mmcif_pdbx.dic 
_audit_conform.dict_version    5.397 
_audit_conform.dict_location   http://mmcif.pdb.org/dictionaries/ascii/mmcif_pdbx.dic 
# 
loop_
_database_2.database_id 
_database_2.database_code 
_database_2.pdbx_database_accession 
_database_2.pdbx_DOI 
PDB   3C9P         pdb_00003c9p 10.2210/pdb3c9p/pdb 
RCSB  RCSB046517   ?            ?                   
WWPDB D_1000046517 ?            ?                   
# 
loop_
_pdbx_audit_revision_history.ordinal 
_pdbx_audit_revision_history.data_content_type 
_pdbx_audit_revision_history.major_revision 
_pdbx_audit_revision_history.minor_revision 
_pdbx_audit_revision_history.revision_date 
1 'Structure model' 1 0 2008-02-26 
2 'Structure model' 1 1 2011-07-13 
3 'Structure model' 1 2 2024-10-16 
# 
_pdbx_audit_revision_details.ordinal             1 
_pdbx_audit_revision_details.revision_ordinal    1 
_pdbx_audit_revision_details.data_content_type   'Structure model' 
_pdbx_audit_revision_details.provider            repository 
_pdbx_audit_revision_details.type                'Initial release' 
_pdbx_audit_revision_details.description         ? 
_pdbx_audit_revision_details.details             ? 
# 
loop_
_pdbx_audit_revision_group.ordinal 
_pdbx_audit_revision_group.revision_ordinal 
_pdbx_audit_revision_group.data_content_type 
_pdbx_audit_revision_group.group 
1 2 'Structure model' Advisory                    
2 2 'Structure model' 'Source and taxonomy'       
3 2 'Structure model' 'Version format compliance' 
4 3 'Structure model' 'Data collection'           
5 3 'Structure model' 'Database references'       
6 3 'Structure model' 'Derived calculations'      
7 3 'Structure model' 'Structure summary'         
# 
loop_
_pdbx_audit_revision_category.ordinal 
_pdbx_audit_revision_category.revision_ordinal 
_pdbx_audit_revision_category.data_content_type 
_pdbx_audit_revision_category.category 
1 3 'Structure model' chem_comp_atom            
2 3 'Structure model' chem_comp_bond            
3 3 'Structure model' database_2                
4 3 'Structure model' pdbx_entry_details        
5 3 'Structure model' pdbx_modification_feature 
6 3 'Structure model' struct_conn               
7 3 'Structure model' struct_ref_seq_dif        
8 3 'Structure model' struct_site               
# 
loop_
_pdbx_audit_revision_item.ordinal 
_pdbx_audit_revision_item.revision_ordinal 
_pdbx_audit_revision_item.data_content_type 
_pdbx_audit_revision_item.item 
1 3 'Structure model' '_database_2.pdbx_DOI'                
2 3 'Structure model' '_database_2.pdbx_database_accession' 
3 3 'Structure model' '_struct_conn.pdbx_leaving_atom_flag' 
4 3 'Structure model' '_struct_ref_seq_dif.details'         
5 3 'Structure model' '_struct_site.pdbx_auth_asym_id'      
6 3 'Structure model' '_struct_site.pdbx_auth_comp_id'      
7 3 'Structure model' '_struct_site.pdbx_auth_seq_id'       
# 
_pdbx_database_status.status_code                     REL 
_pdbx_database_status.entry_id                        3C9P 
_pdbx_database_status.recvd_initial_deposition_date   2008-02-18 
_pdbx_database_status.deposit_site                    RCSB 
_pdbx_database_status.process_site                    RCSB 
_pdbx_database_status.status_code_sf                  REL 
_pdbx_database_status.status_code_mr                  ? 
_pdbx_database_status.SG_entry                        Y 
_pdbx_database_status.pdb_format_compatible           Y 
_pdbx_database_status.status_code_cs                  ? 
_pdbx_database_status.status_code_nmr_data            ? 
_pdbx_database_status.methods_development_category    ? 
# 
_pdbx_database_related.db_name        TargetDB 
_pdbx_database_related.db_id          APC80642 
_pdbx_database_related.details        . 
_pdbx_database_related.content_type   unspecified 
# 
loop_
_audit_author.name 
_audit_author.pdbx_ordinal 
'Chang, C.'                                     1 
'Zhou, M.'                                      2 
'Abdullah, J.'                                  3 
'Joachimiak, A.'                                4 
'Midwest Center for Structural Genomics (MCSG)' 5 
# 
_citation.id                        primary 
_citation.title                     'Crystal structure of uncharacterized protein SP1917.' 
_citation.journal_abbrev            'To be Published' 
_citation.journal_volume            ? 
_citation.page_first                ? 
_citation.page_last                 ? 
_citation.year                      ? 
_citation.journal_id_ASTM           ? 
_citation.country                   ? 
_citation.journal_id_ISSN           ? 
_citation.journal_id_CSD            0353 
_citation.book_publisher            ? 
_citation.pdbx_database_id_PubMed   ? 
_citation.pdbx_database_id_DOI      ? 
# 
loop_
_citation_author.citation_id 
_citation_author.name 
_citation_author.ordinal 
_citation_author.identifier_ORCID 
primary 'Chang, C.'      1 ? 
primary 'Zhou, M.'       2 ? 
primary 'Abdullah, J.'   3 ? 
primary 'Joachimiak, A.' 4 ? 
# 
loop_
_entity.id 
_entity.type 
_entity.src_method 
_entity.pdbx_description 
_entity.formula_weight 
_entity.pdbx_number_of_molecules 
_entity.pdbx_ec 
_entity.pdbx_mutation 
_entity.pdbx_fragment 
_entity.details 
1 polymer     man 'Uncharacterized protein SP1917' 14277.993 1   ? ? ? ? 
2 non-polymer syn 1,2-ETHANEDIOL                   62.068    1   ? ? ? ? 
3 water       nat water                            18.015    115 ? ? ? ? 
# 
_entity_poly.entity_id                      1 
_entity_poly.type                           'polypeptide(L)' 
_entity_poly.nstd_linkage                   no 
_entity_poly.nstd_monomer                   yes 
_entity_poly.pdbx_seq_one_letter_code       
;SNA(MSE)SQKLYN(MSE)KFAAVYLALIAKVERKGGKAESVHQVTSWLTGYEVSDVLACLDRDVTYGDFFRQAPYYVPE
RIAITGKICGVRIEEIDDPL(MSE)QEIRRLDKLVDWLAKGKTSQQVLEKYEKHK
;
_entity_poly.pdbx_seq_one_letter_code_can   
;SNAMSQKLYNMKFAAVYLALIAKVERKGGKAESVHQVTSWLTGYEVSDVLACLDRDVTYGDFFRQAPYYVPERIAITGKI
CGVRIEEIDDPLMQEIRRLDKLVDWLAKGKTSQQVLEKYEKHK
;
_entity_poly.pdbx_strand_id                 A 
_entity_poly.pdbx_target_identifier         APC80642 
# 
loop_
_pdbx_entity_nonpoly.entity_id 
_pdbx_entity_nonpoly.name 
_pdbx_entity_nonpoly.comp_id 
2 1,2-ETHANEDIOL EDO 
3 water          HOH 
# 
loop_
_entity_poly_seq.entity_id 
_entity_poly_seq.num 
_entity_poly_seq.mon_id 
_entity_poly_seq.hetero 
1 1   SER n 
1 2   ASN n 
1 3   ALA n 
1 4   MSE n 
1 5   SER n 
1 6   GLN n 
1 7   LYS n 
1 8   LEU n 
1 9   TYR n 
1 10  ASN n 
1 11  MSE n 
1 12  LYS n 
1 13  PHE n 
1 14  ALA n 
1 15  ALA n 
1 16  VAL n 
1 17  TYR n 
1 18  LEU n 
1 19  ALA n 
1 20  LEU n 
1 21  ILE n 
1 22  ALA n 
1 23  LYS n 
1 24  VAL n 
1 25  GLU n 
1 26  ARG n 
1 27  LYS n 
1 28  GLY n 
1 29  GLY n 
1 30  LYS n 
1 31  ALA n 
1 32  GLU n 
1 33  SER n 
1 34  VAL n 
1 35  HIS n 
1 36  GLN n 
1 37  VAL n 
1 38  THR n 
1 39  SER n 
1 40  TRP n 
1 41  LEU n 
1 42  THR n 
1 43  GLY n 
1 44  TYR n 
1 45  GLU n 
1 46  VAL n 
1 47  SER n 
1 48  ASP n 
1 49  VAL n 
1 50  LEU n 
1 51  ALA n 
1 52  CYS n 
1 53  LEU n 
1 54  ASP n 
1 55  ARG n 
1 56  ASP n 
1 57  VAL n 
1 58  THR n 
1 59  TYR n 
1 60  GLY n 
1 61  ASP n 
1 62  PHE n 
1 63  PHE n 
1 64  ARG n 
1 65  GLN n 
1 66  ALA n 
1 67  PRO n 
1 68  TYR n 
1 69  TYR n 
1 70  VAL n 
1 71  PRO n 
1 72  GLU n 
1 73  ARG n 
1 74  ILE n 
1 75  ALA n 
1 76  ILE n 
1 77  THR n 
1 78  GLY n 
1 79  LYS n 
1 80  ILE n 
1 81  CYS n 
1 82  GLY n 
1 83  VAL n 
1 84  ARG n 
1 85  ILE n 
1 86  GLU n 
1 87  GLU n 
1 88  ILE n 
1 89  ASP n 
1 90  ASP n 
1 91  PRO n 
1 92  LEU n 
1 93  MSE n 
1 94  GLN n 
1 95  GLU n 
1 96  ILE n 
1 97  ARG n 
1 98  ARG n 
1 99  LEU n 
1 100 ASP n 
1 101 LYS n 
1 102 LEU n 
1 103 VAL n 
1 104 ASP n 
1 105 TRP n 
1 106 LEU n 
1 107 ALA n 
1 108 LYS n 
1 109 GLY n 
1 110 LYS n 
1 111 THR n 
1 112 SER n 
1 113 GLN n 
1 114 GLN n 
1 115 VAL n 
1 116 LEU n 
1 117 GLU n 
1 118 LYS n 
1 119 TYR n 
1 120 GLU n 
1 121 LYS n 
1 122 HIS n 
1 123 LYS n 
# 
_entity_src_gen.entity_id                          1 
_entity_src_gen.pdbx_src_id                        1 
_entity_src_gen.pdbx_alt_source_flag               sample 
_entity_src_gen.pdbx_seq_type                      ? 
_entity_src_gen.pdbx_beg_seq_num                   ? 
_entity_src_gen.pdbx_end_seq_num                   ? 
_entity_src_gen.gene_src_common_name               ? 
_entity_src_gen.gene_src_genus                     Streptococcus 
_entity_src_gen.pdbx_gene_src_gene                 SP_1917 
_entity_src_gen.gene_src_species                   'Streptococcus pneumoniae' 
_entity_src_gen.gene_src_strain                    TIGR4 
_entity_src_gen.gene_src_tissue                    ? 
_entity_src_gen.gene_src_tissue_fraction           ? 
_entity_src_gen.gene_src_details                   ? 
_entity_src_gen.pdbx_gene_src_fragment             ? 
_entity_src_gen.pdbx_gene_src_scientific_name      'Streptococcus pneumoniae' 
_entity_src_gen.pdbx_gene_src_ncbi_taxonomy_id     170187 
_entity_src_gen.pdbx_gene_src_variant              ? 
_entity_src_gen.pdbx_gene_src_cell_line            ? 
_entity_src_gen.pdbx_gene_src_atcc                 BAA-334 
_entity_src_gen.pdbx_gene_src_organ                ? 
_entity_src_gen.pdbx_gene_src_organelle            ? 
_entity_src_gen.pdbx_gene_src_cell                 ? 
_entity_src_gen.pdbx_gene_src_cellular_location    ? 
_entity_src_gen.host_org_common_name               ? 
_entity_src_gen.pdbx_host_org_scientific_name      'Escherichia coli' 
_entity_src_gen.pdbx_host_org_ncbi_taxonomy_id     562 
_entity_src_gen.host_org_genus                     Escherichia 
_entity_src_gen.pdbx_host_org_gene                 ? 
_entity_src_gen.pdbx_host_org_organ                ? 
_entity_src_gen.host_org_species                   ? 
_entity_src_gen.pdbx_host_org_tissue               ? 
_entity_src_gen.pdbx_host_org_tissue_fraction      ? 
_entity_src_gen.pdbx_host_org_strain               'BL21(DE3)star' 
_entity_src_gen.pdbx_host_org_variant              ? 
_entity_src_gen.pdbx_host_org_cell_line            ? 
_entity_src_gen.pdbx_host_org_atcc                 ? 
_entity_src_gen.pdbx_host_org_culture_collection   ? 
_entity_src_gen.pdbx_host_org_cell                 ? 
_entity_src_gen.pdbx_host_org_organelle            ? 
_entity_src_gen.pdbx_host_org_cellular_location    ? 
_entity_src_gen.pdbx_host_org_vector_type          Plasmid 
_entity_src_gen.pdbx_host_org_vector               ? 
_entity_src_gen.host_org_details                   ? 
_entity_src_gen.expression_system_id               ? 
_entity_src_gen.plasmid_name                       pMCSG9 
_entity_src_gen.plasmid_details                    ? 
_entity_src_gen.pdbx_description                   ? 
# 
loop_
_chem_comp.id 
_chem_comp.type 
_chem_comp.mon_nstd_flag 
_chem_comp.name 
_chem_comp.pdbx_synonyms 
_chem_comp.formula 
_chem_comp.formula_weight 
ALA 'L-peptide linking' y ALANINE          ?                 'C3 H7 N O2'     89.093  
ARG 'L-peptide linking' y ARGININE         ?                 'C6 H15 N4 O2 1' 175.209 
ASN 'L-peptide linking' y ASPARAGINE       ?                 'C4 H8 N2 O3'    132.118 
ASP 'L-peptide linking' y 'ASPARTIC ACID'  ?                 'C4 H7 N O4'     133.103 
CYS 'L-peptide linking' y CYSTEINE         ?                 'C3 H7 N O2 S'   121.158 
EDO non-polymer         . 1,2-ETHANEDIOL   'ETHYLENE GLYCOL' 'C2 H6 O2'       62.068  
GLN 'L-peptide linking' y GLUTAMINE        ?                 'C5 H10 N2 O3'   146.144 
GLU 'L-peptide linking' y 'GLUTAMIC ACID'  ?                 'C5 H9 N O4'     147.129 
GLY 'peptide linking'   y GLYCINE          ?                 'C2 H5 N O2'     75.067  
HIS 'L-peptide linking' y HISTIDINE        ?                 'C6 H10 N3 O2 1' 156.162 
HOH non-polymer         . WATER            ?                 'H2 O'           18.015  
ILE 'L-peptide linking' y ISOLEUCINE       ?                 'C6 H13 N O2'    131.173 
LEU 'L-peptide linking' y LEUCINE          ?                 'C6 H13 N O2'    131.173 
LYS 'L-peptide linking' y LYSINE           ?                 'C6 H15 N2 O2 1' 147.195 
MSE 'L-peptide linking' n SELENOMETHIONINE ?                 'C5 H11 N O2 Se' 196.106 
PHE 'L-peptide linking' y PHENYLALANINE    ?                 'C9 H11 N O2'    165.189 
PRO 'L-peptide linking' y PROLINE          ?                 'C5 H9 N O2'     115.130 
SER 'L-peptide linking' y SERINE           ?                 'C3 H7 N O3'     105.093 
THR 'L-peptide linking' y THREONINE        ?                 'C4 H9 N O3'     119.119 
TRP 'L-peptide linking' y TRYPTOPHAN       ?                 'C11 H12 N2 O2'  204.225 
TYR 'L-peptide linking' y TYROSINE         ?                 'C9 H11 N O3'    181.189 
VAL 'L-peptide linking' y VALINE           ?                 'C5 H11 N O2'    117.146 
# 
loop_
_pdbx_poly_seq_scheme.asym_id 
_pdbx_poly_seq_scheme.entity_id 
_pdbx_poly_seq_scheme.seq_id 
_pdbx_poly_seq_scheme.mon_id 
_pdbx_poly_seq_scheme.ndb_seq_num 
_pdbx_poly_seq_scheme.pdb_seq_num 
_pdbx_poly_seq_scheme.auth_seq_num 
_pdbx_poly_seq_scheme.pdb_mon_id 
_pdbx_poly_seq_scheme.auth_mon_id 
_pdbx_poly_seq_scheme.pdb_strand_id 
_pdbx_poly_seq_scheme.pdb_ins_code 
_pdbx_poly_seq_scheme.hetero 
A 1 1   SER 1   -2  ?   ?   ?   A . n 
A 1 2   ASN 2   -1  -1  ASN ALA A . n 
A 1 3   ALA 3   0   0   ALA ALA A . n 
A 1 4   MSE 4   1   1   MSE MSE A . n 
A 1 5   SER 5   2   2   SER SER A . n 
A 1 6   GLN 6   3   3   GLN GLN A . n 
A 1 7   LYS 7   4   4   LYS LYS A . n 
A 1 8   LEU 8   5   5   LEU LEU A . n 
A 1 9   TYR 9   6   6   TYR TYR A . n 
A 1 10  ASN 10  7   7   ASN ASN A . n 
A 1 11  MSE 11  8   8   MSE MSE A . n 
A 1 12  LYS 12  9   9   LYS LYS A . n 
A 1 13  PHE 13  10  10  PHE PHE A . n 
A 1 14  ALA 14  11  11  ALA ALA A . n 
A 1 15  ALA 15  12  12  ALA ALA A . n 
A 1 16  VAL 16  13  13  VAL VAL A . n 
A 1 17  TYR 17  14  14  TYR TYR A . n 
A 1 18  LEU 18  15  15  LEU LEU A . n 
A 1 19  ALA 19  16  16  ALA ALA A . n 
A 1 20  LEU 20  17  17  LEU LEU A . n 
A 1 21  ILE 21  18  18  ILE ILE A . n 
A 1 22  ALA 22  19  19  ALA ALA A . n 
A 1 23  LYS 23  20  20  LYS LYS A . n 
A 1 24  VAL 24  21  21  VAL VAL A . n 
A 1 25  GLU 25  22  22  GLU GLU A . n 
A 1 26  ARG 26  23  23  ARG ARG A . n 
A 1 27  LYS 27  24  24  LYS LYS A . n 
A 1 28  GLY 28  25  25  GLY GLY A . n 
A 1 29  GLY 29  26  26  GLY GLY A . n 
A 1 30  LYS 30  27  27  LYS LYS A . n 
A 1 31  ALA 31  28  28  ALA ALA A . n 
A 1 32  GLU 32  29  29  GLU GLU A . n 
A 1 33  SER 33  30  30  SER SER A . n 
A 1 34  VAL 34  31  31  VAL VAL A . n 
A 1 35  HIS 35  32  32  HIS HIS A . n 
A 1 36  GLN 36  33  33  GLN GLN A . n 
A 1 37  VAL 37  34  34  VAL VAL A . n 
A 1 38  THR 38  35  35  THR THR A . n 
A 1 39  SER 39  36  36  SER SER A . n 
A 1 40  TRP 40  37  37  TRP TRP A . n 
A 1 41  LEU 41  38  38  LEU LEU A . n 
A 1 42  THR 42  39  39  THR THR A . n 
A 1 43  GLY 43  40  40  GLY GLY A . n 
A 1 44  TYR 44  41  41  TYR TYR A . n 
A 1 45  GLU 45  42  42  GLU GLU A . n 
A 1 46  VAL 46  43  43  VAL VAL A . n 
A 1 47  SER 47  44  44  SER SER A . n 
A 1 48  ASP 48  45  45  ASP ASP A . n 
A 1 49  VAL 49  46  46  VAL VAL A . n 
A 1 50  LEU 50  47  47  LEU LEU A . n 
A 1 51  ALA 51  48  48  ALA ALA A . n 
A 1 52  CYS 52  49  49  CYS CYS A . n 
A 1 53  LEU 53  50  50  LEU LEU A . n 
A 1 54  ASP 54  51  51  ASP ASP A . n 
A 1 55  ARG 55  52  52  ARG ARG A . n 
A 1 56  ASP 56  53  53  ASP ASP A . n 
A 1 57  VAL 57  54  54  VAL VAL A . n 
A 1 58  THR 58  55  55  THR THR A . n 
A 1 59  TYR 59  56  56  TYR TYR A . n 
A 1 60  GLY 60  57  57  GLY GLY A . n 
A 1 61  ASP 61  58  58  ASP ASP A . n 
A 1 62  PHE 62  59  59  PHE PHE A . n 
A 1 63  PHE 63  60  60  PHE PHE A . n 
A 1 64  ARG 64  61  61  ARG ARG A . n 
A 1 65  GLN 65  62  62  GLN GLN A . n 
A 1 66  ALA 66  63  63  ALA ALA A . n 
A 1 67  PRO 67  64  64  PRO PRO A . n 
A 1 68  TYR 68  65  65  TYR TYR A . n 
A 1 69  TYR 69  66  66  TYR TYR A . n 
A 1 70  VAL 70  67  67  VAL VAL A . n 
A 1 71  PRO 71  68  68  PRO PRO A . n 
A 1 72  GLU 72  69  69  GLU GLU A . n 
A 1 73  ARG 73  70  70  ARG ARG A . n 
A 1 74  ILE 74  71  71  ILE ILE A . n 
A 1 75  ALA 75  72  72  ALA ALA A . n 
A 1 76  ILE 76  73  73  ILE ILE A . n 
A 1 77  THR 77  74  74  THR THR A . n 
A 1 78  GLY 78  75  75  GLY GLY A . n 
A 1 79  LYS 79  76  76  LYS LYS A . n 
A 1 80  ILE 80  77  77  ILE ILE A . n 
A 1 81  CYS 81  78  78  CYS CYS A . n 
A 1 82  GLY 82  79  79  GLY GLY A . n 
A 1 83  VAL 83  80  80  VAL VAL A . n 
A 1 84  ARG 84  81  81  ARG ARG A . n 
A 1 85  ILE 85  82  82  ILE ILE A . n 
A 1 86  GLU 86  83  83  GLU GLU A . n 
A 1 87  GLU 87  84  84  GLU GLU A . n 
A 1 88  ILE 88  85  85  ILE ILE A . n 
A 1 89  ASP 89  86  86  ASP ASP A . n 
A 1 90  ASP 90  87  87  ASP ASP A . n 
A 1 91  PRO 91  88  88  PRO PRO A . n 
A 1 92  LEU 92  89  89  LEU LEU A . n 
A 1 93  MSE 93  90  90  MSE MSE A . n 
A 1 94  GLN 94  91  91  GLN GLN A . n 
A 1 95  GLU 95  92  92  GLU GLU A . n 
A 1 96  ILE 96  93  93  ILE ILE A . n 
A 1 97  ARG 97  94  94  ARG ARG A . n 
A 1 98  ARG 98  95  95  ARG ARG A . n 
A 1 99  LEU 99  96  96  LEU LEU A . n 
A 1 100 ASP 100 97  97  ASP ASP A . n 
A 1 101 LYS 101 98  98  LYS LYS A . n 
A 1 102 LEU 102 99  99  LEU LEU A . n 
A 1 103 VAL 103 100 100 VAL VAL A . n 
A 1 104 ASP 104 101 101 ASP ASP A . n 
A 1 105 TRP 105 102 102 TRP TRP A . n 
A 1 106 LEU 106 103 103 LEU LEU A . n 
A 1 107 ALA 107 104 104 ALA ALA A . n 
A 1 108 LYS 108 105 105 LYS LYS A . n 
A 1 109 GLY 109 106 106 GLY GLY A . n 
A 1 110 LYS 110 107 107 LYS LYS A . n 
A 1 111 THR 111 108 108 THR THR A . n 
A 1 112 SER 112 109 109 SER SER A . n 
A 1 113 GLN 113 110 110 GLN GLN A . n 
A 1 114 GLN 114 111 111 GLN GLN A . n 
A 1 115 VAL 115 112 112 VAL VAL A . n 
A 1 116 LEU 116 113 113 LEU LEU A . n 
A 1 117 GLU 117 114 114 GLU GLU A . n 
A 1 118 LYS 118 115 115 LYS LYS A . n 
A 1 119 TYR 119 116 116 TYR TYR A . n 
A 1 120 GLU 120 117 117 GLU GLU A . n 
A 1 121 LYS 121 118 118 LYS LYS A . n 
A 1 122 HIS 122 119 119 HIS HIS A . n 
A 1 123 LYS 123 120 120 LYS LYS A . n 
# 
loop_
_pdbx_nonpoly_scheme.asym_id 
_pdbx_nonpoly_scheme.entity_id 
_pdbx_nonpoly_scheme.mon_id 
_pdbx_nonpoly_scheme.ndb_seq_num 
_pdbx_nonpoly_scheme.pdb_seq_num 
_pdbx_nonpoly_scheme.auth_seq_num 
_pdbx_nonpoly_scheme.pdb_mon_id 
_pdbx_nonpoly_scheme.auth_mon_id 
_pdbx_nonpoly_scheme.pdb_strand_id 
_pdbx_nonpoly_scheme.pdb_ins_code 
B 2 EDO 1   201 201 EDO EDO A . 
C 3 HOH 1   202 1   HOH HOH A . 
C 3 HOH 2   203 2   HOH HOH A . 
C 3 HOH 3   204 3   HOH HOH A . 
C 3 HOH 4   205 4   HOH HOH A . 
C 3 HOH 5   206 5   HOH HOH A . 
C 3 HOH 6   207 6   HOH HOH A . 
C 3 HOH 7   208 7   HOH HOH A . 
C 3 HOH 8   209 8   HOH HOH A . 
C 3 HOH 9   210 9   HOH HOH A . 
C 3 HOH 10  211 10  HOH HOH A . 
C 3 HOH 11  212 11  HOH HOH A . 
C 3 HOH 12  213 12  HOH HOH A . 
C 3 HOH 13  214 13  HOH HOH A . 
C 3 HOH 14  215 14  HOH HOH A . 
C 3 HOH 15  216 15  HOH HOH A . 
C 3 HOH 16  217 16  HOH HOH A . 
C 3 HOH 17  218 17  HOH HOH A . 
C 3 HOH 18  219 18  HOH HOH A . 
C 3 HOH 19  220 19  HOH HOH A . 
C 3 HOH 20  221 20  HOH HOH A . 
C 3 HOH 21  222 21  HOH HOH A . 
C 3 HOH 22  223 22  HOH HOH A . 
C 3 HOH 23  224 23  HOH HOH A . 
C 3 HOH 24  225 24  HOH HOH A . 
C 3 HOH 25  226 25  HOH HOH A . 
C 3 HOH 26  227 26  HOH HOH A . 
C 3 HOH 27  228 27  HOH HOH A . 
C 3 HOH 28  229 28  HOH HOH A . 
C 3 HOH 29  230 29  HOH HOH A . 
C 3 HOH 30  231 30  HOH HOH A . 
C 3 HOH 31  232 31  HOH HOH A . 
C 3 HOH 32  233 32  HOH HOH A . 
C 3 HOH 33  234 33  HOH HOH A . 
C 3 HOH 34  235 34  HOH HOH A . 
C 3 HOH 35  236 35  HOH HOH A . 
C 3 HOH 36  237 36  HOH HOH A . 
C 3 HOH 37  238 37  HOH HOH A . 
C 3 HOH 38  239 38  HOH HOH A . 
C 3 HOH 39  240 39  HOH HOH A . 
C 3 HOH 40  241 40  HOH HOH A . 
C 3 HOH 41  242 41  HOH HOH A . 
C 3 HOH 42  243 42  HOH HOH A . 
C 3 HOH 43  244 43  HOH HOH A . 
C 3 HOH 44  245 44  HOH HOH A . 
C 3 HOH 45  246 45  HOH HOH A . 
C 3 HOH 46  247 46  HOH HOH A . 
C 3 HOH 47  248 47  HOH HOH A . 
C 3 HOH 48  249 48  HOH HOH A . 
C 3 HOH 49  250 49  HOH HOH A . 
C 3 HOH 50  251 50  HOH HOH A . 
C 3 HOH 51  252 51  HOH HOH A . 
C 3 HOH 52  253 52  HOH HOH A . 
C 3 HOH 53  254 53  HOH HOH A . 
C 3 HOH 54  255 54  HOH HOH A . 
C 3 HOH 55  256 55  HOH HOH A . 
C 3 HOH 56  257 56  HOH HOH A . 
C 3 HOH 57  258 57  HOH HOH A . 
C 3 HOH 58  259 58  HOH HOH A . 
C 3 HOH 59  260 59  HOH HOH A . 
C 3 HOH 60  261 60  HOH HOH A . 
C 3 HOH 61  262 61  HOH HOH A . 
C 3 HOH 62  263 62  HOH HOH A . 
C 3 HOH 63  264 63  HOH HOH A . 
C 3 HOH 64  265 64  HOH HOH A . 
C 3 HOH 65  266 65  HOH HOH A . 
C 3 HOH 66  267 66  HOH HOH A . 
C 3 HOH 67  268 67  HOH HOH A . 
C 3 HOH 68  269 68  HOH HOH A . 
C 3 HOH 69  270 69  HOH HOH A . 
C 3 HOH 70  271 70  HOH HOH A . 
C 3 HOH 71  272 71  HOH HOH A . 
C 3 HOH 72  273 72  HOH HOH A . 
C 3 HOH 73  274 73  HOH HOH A . 
C 3 HOH 74  275 74  HOH HOH A . 
C 3 HOH 75  276 75  HOH HOH A . 
C 3 HOH 76  277 76  HOH HOH A . 
C 3 HOH 77  278 77  HOH HOH A . 
C 3 HOH 78  279 78  HOH HOH A . 
C 3 HOH 79  280 79  HOH HOH A . 
C 3 HOH 80  281 80  HOH HOH A . 
C 3 HOH 81  282 81  HOH HOH A . 
C 3 HOH 82  283 82  HOH HOH A . 
C 3 HOH 83  284 83  HOH HOH A . 
C 3 HOH 84  285 84  HOH HOH A . 
C 3 HOH 85  286 85  HOH HOH A . 
C 3 HOH 86  287 86  HOH HOH A . 
C 3 HOH 87  288 87  HOH HOH A . 
C 3 HOH 88  289 88  HOH HOH A . 
C 3 HOH 89  290 89  HOH HOH A . 
C 3 HOH 90  291 90  HOH HOH A . 
C 3 HOH 91  292 91  HOH HOH A . 
C 3 HOH 92  293 92  HOH HOH A . 
C 3 HOH 93  294 93  HOH HOH A . 
C 3 HOH 94  295 94  HOH HOH A . 
C 3 HOH 95  296 95  HOH HOH A . 
C 3 HOH 96  297 96  HOH HOH A . 
C 3 HOH 97  298 97  HOH HOH A . 
C 3 HOH 98  299 98  HOH HOH A . 
C 3 HOH 99  300 99  HOH HOH A . 
C 3 HOH 100 301 100 HOH HOH A . 
C 3 HOH 101 302 101 HOH HOH A . 
C 3 HOH 102 303 102 HOH HOH A . 
C 3 HOH 103 304 103 HOH HOH A . 
C 3 HOH 104 305 104 HOH HOH A . 
C 3 HOH 105 306 105 HOH HOH A . 
C 3 HOH 106 307 106 HOH HOH A . 
C 3 HOH 107 308 107 HOH HOH A . 
C 3 HOH 108 309 108 HOH HOH A . 
C 3 HOH 109 310 109 HOH HOH A . 
C 3 HOH 110 311 110 HOH HOH A . 
C 3 HOH 111 312 111 HOH HOH A . 
C 3 HOH 112 313 112 HOH HOH A . 
C 3 HOH 113 314 113 HOH HOH A . 
C 3 HOH 114 315 114 HOH HOH A . 
C 3 HOH 115 316 115 HOH HOH A . 
# 
loop_
_pdbx_unobs_or_zero_occ_atoms.id 
_pdbx_unobs_or_zero_occ_atoms.PDB_model_num 
_pdbx_unobs_or_zero_occ_atoms.polymer_flag 
_pdbx_unobs_or_zero_occ_atoms.occupancy_flag 
_pdbx_unobs_or_zero_occ_atoms.auth_asym_id 
_pdbx_unobs_or_zero_occ_atoms.auth_comp_id 
_pdbx_unobs_or_zero_occ_atoms.auth_seq_id 
_pdbx_unobs_or_zero_occ_atoms.PDB_ins_code 
_pdbx_unobs_or_zero_occ_atoms.auth_atom_id 
_pdbx_unobs_or_zero_occ_atoms.label_alt_id 
_pdbx_unobs_or_zero_occ_atoms.label_asym_id 
_pdbx_unobs_or_zero_occ_atoms.label_comp_id 
_pdbx_unobs_or_zero_occ_atoms.label_seq_id 
_pdbx_unobs_or_zero_occ_atoms.label_atom_id 
1 1 Y 1 A ASN -1 ? CG  ? A ASN 2 CG  
2 1 Y 1 A ASN -1 ? OD1 ? A ASN 2 OD1 
3 1 Y 1 A ASN -1 ? ND2 ? A ASN 2 ND2 
# 
loop_
_software.name 
_software.classification 
_software.version 
_software.citation_id 
_software.pdbx_ordinal 
REFMAC      refinement        5.2.0019 ? 1 
SBC-Collect 'data collection' .        ? 2 
HKL-3000    'data reduction'  .        ? 3 
HKL-3000    'data scaling'    .        ? 4 
HKL-3000    phasing           .        ? 5 
# 
_cell.entry_id           3C9P 
_cell.length_a           43.787 
_cell.length_b           48.734 
_cell.length_c           58.314 
_cell.angle_alpha        90.00 
_cell.angle_beta         90.00 
_cell.angle_gamma        90.00 
_cell.Z_PDB              4 
_cell.pdbx_unique_axis   ? 
_cell.length_a_esd       ? 
_cell.length_b_esd       ? 
_cell.length_c_esd       ? 
_cell.angle_alpha_esd    ? 
_cell.angle_beta_esd     ? 
_cell.angle_gamma_esd    ? 
# 
_symmetry.entry_id                         3C9P 
_symmetry.space_group_name_H-M             'P 21 21 21' 
_symmetry.pdbx_full_space_group_name_H-M   ? 
_symmetry.cell_setting                     ? 
_symmetry.Int_Tables_number                19 
_symmetry.space_group_name_Hall            ? 
# 
_exptl.entry_id          3C9P 
_exptl.method            'X-RAY DIFFRACTION' 
_exptl.crystals_number   1 
# 
_exptl_crystal.id                    1 
_exptl_crystal.density_meas          ? 
_exptl_crystal.density_Matthews      2.18 
_exptl_crystal.density_percent_sol   43.55 
_exptl_crystal.description           ? 
_exptl_crystal.F_000                 ? 
_exptl_crystal.preparation           ? 
# 
_exptl_crystal_grow.crystal_id      1 
_exptl_crystal_grow.method          'VAPOR DIFFUSION, SITTING DROP' 
_exptl_crystal_grow.temp            289 
_exptl_crystal_grow.temp_details    ? 
_exptl_crystal_grow.pH              7.0 
_exptl_crystal_grow.pdbx_details    
'0.7M Sodium citrate tribasic dihydrate, 0.1M Bis-Tris propane, pH 7.0, VAPOR DIFFUSION, SITTING DROP, temperature 289K' 
_exptl_crystal_grow.pdbx_pH_range   . 
# 
_diffrn.id                     1 
_diffrn.ambient_temp           100 
_diffrn.ambient_temp_details   ? 
_diffrn.crystal_id             1 
# 
_diffrn_detector.diffrn_id              1 
_diffrn_detector.detector               CCD 
_diffrn_detector.type                   'ADSC QUANTUM 315' 
_diffrn_detector.pdbx_collection_date   2007-11-21 
_diffrn_detector.details                ? 
# 
_diffrn_radiation.diffrn_id                        1 
_diffrn_radiation.wavelength_id                    1 
_diffrn_radiation.pdbx_monochromatic_or_laue_m_l   M 
_diffrn_radiation.monochromator                    'Double crystal' 
_diffrn_radiation.pdbx_diffrn_protocol             'SINGLE WAVELENGTH' 
_diffrn_radiation.pdbx_scattering_type             x-ray 
# 
_diffrn_radiation_wavelength.id           1 
_diffrn_radiation_wavelength.wavelength   0.97935 
_diffrn_radiation_wavelength.wt           1.0 
# 
_diffrn_source.diffrn_id                   1 
_diffrn_source.source                      SYNCHROTRON 
_diffrn_source.type                        'APS BEAMLINE 19-ID' 
_diffrn_source.pdbx_synchrotron_site       APS 
_diffrn_source.pdbx_synchrotron_beamline   19-ID 
_diffrn_source.pdbx_wavelength             ? 
_diffrn_source.pdbx_wavelength_list        0.97935 
# 
_reflns.entry_id                     3C9P 
_reflns.observed_criterion_sigma_F   ? 
_reflns.observed_criterion_sigma_I   -3 
_reflns.d_resolution_high            1.96 
_reflns.d_resolution_low             50 
_reflns.number_all                   9499 
_reflns.number_obs                   9480 
_reflns.percent_possible_obs         99.8 
_reflns.pdbx_Rmerge_I_obs            0.135 
_reflns.pdbx_Rsym_value              ? 
_reflns.pdbx_netI_over_sigmaI        24.9 
_reflns.B_iso_Wilson_estimate        16.65 
_reflns.pdbx_redundancy              9.3 
_reflns.R_free_details               ? 
_reflns.limit_h_max                  ? 
_reflns.limit_h_min                  ? 
_reflns.limit_k_max                  ? 
_reflns.limit_k_min                  ? 
_reflns.limit_l_max                  ? 
_reflns.limit_l_min                  ? 
_reflns.observed_criterion_F_max     ? 
_reflns.observed_criterion_F_min     ? 
_reflns.pdbx_chi_squared             ? 
_reflns.pdbx_scaling_rejects         ? 
_reflns.pdbx_ordinal                 1 
_reflns.pdbx_diffrn_id               1 
# 
_reflns_shell.d_res_high             1.96 
_reflns_shell.d_res_low              2.03 
_reflns_shell.percent_possible_all   98.5 
_reflns_shell.Rmerge_I_obs           0.414 
_reflns_shell.pdbx_Rsym_value        ? 
_reflns_shell.meanI_over_sigI_obs    5.18 
_reflns_shell.pdbx_redundancy        8.0 
_reflns_shell.percent_possible_obs   ? 
_reflns_shell.number_unique_all      921 
_reflns_shell.number_measured_all    ? 
_reflns_shell.number_measured_obs    ? 
_reflns_shell.number_unique_obs      ? 
_reflns_shell.pdbx_chi_squared       ? 
_reflns_shell.pdbx_ordinal           1 
_reflns_shell.pdbx_diffrn_id         1 
# 
_refine.entry_id                                 3C9P 
_refine.ls_number_reflns_obs                     9429 
_refine.ls_number_reflns_all                     9429 
_refine.pdbx_ls_sigma_I                          ? 
_refine.pdbx_ls_sigma_F                          0 
_refine.pdbx_data_cutoff_high_absF               ? 
_refine.pdbx_data_cutoff_low_absF                ? 
_refine.pdbx_data_cutoff_high_rms_absF           ? 
_refine.ls_d_res_low                             37.40 
_refine.ls_d_res_high                            1.96 
_refine.ls_percent_reflns_obs                    99.48 
_refine.ls_R_factor_obs                          0.16517 
_refine.ls_R_factor_all                          0.16517 
_refine.ls_R_factor_R_work                       0.163 
_refine.ls_R_factor_R_free                       0.21026 
_refine.ls_R_factor_R_free_error                 ? 
_refine.ls_R_factor_R_free_error_details         ? 
_refine.ls_percent_reflns_R_free                 4.8 
_refine.ls_number_reflns_R_free                  451 
_refine.ls_number_parameters                     ? 
_refine.ls_number_restraints                     ? 
_refine.occupancy_min                            ? 
_refine.occupancy_max                            ? 
_refine.correlation_coeff_Fo_to_Fc               0.955 
_refine.correlation_coeff_Fo_to_Fc_free          0.935 
_refine.B_iso_mean                               17.329 
_refine.aniso_B[1][1]                            1.10 
_refine.aniso_B[2][2]                            0.16 
_refine.aniso_B[3][3]                            -1.25 
_refine.aniso_B[1][2]                            0.00 
_refine.aniso_B[1][3]                            0.00 
_refine.aniso_B[2][3]                            0.00 
_refine.solvent_model_details                    MASK 
_refine.solvent_model_param_ksol                 ? 
_refine.solvent_model_param_bsol                 ? 
_refine.pdbx_solvent_vdw_probe_radii             1.20 
_refine.pdbx_solvent_ion_probe_radii             0.80 
_refine.pdbx_solvent_shrinkage_radii             0.80 
_refine.pdbx_ls_cross_valid_method               THROUGHOUT 
_refine.details                                  'HYDROGENS HAVE BEEN ADDED IN THE RIDING POSITIONS' 
_refine.pdbx_starting_model                      ? 
_refine.pdbx_method_to_determine_struct          SAD 
_refine.pdbx_isotropic_thermal_model             ? 
_refine.pdbx_stereochemistry_target_values       'MAXIMUM LIKELIHOOD' 
_refine.pdbx_stereochem_target_val_spec_case     ? 
_refine.pdbx_R_Free_selection_details            RANDOM 
_refine.pdbx_overall_ESU_R                       0.165 
_refine.pdbx_overall_ESU_R_Free                  0.149 
_refine.overall_SU_ML                            0.088 
_refine.overall_SU_B                             5.827 
_refine.ls_redundancy_reflns_obs                 ? 
_refine.B_iso_min                                ? 
_refine.B_iso_max                                ? 
_refine.overall_SU_R_Cruickshank_DPI             ? 
_refine.overall_SU_R_free                        ? 
_refine.ls_wR_factor_R_free                      ? 
_refine.ls_wR_factor_R_work                      ? 
_refine.overall_FOM_free_R_set                   ? 
_refine.overall_FOM_work_R_set                   ? 
_refine.pdbx_overall_phase_error                 ? 
_refine.pdbx_refine_id                           'X-RAY DIFFRACTION' 
_refine.pdbx_TLS_residual_ADP_flag               'LIKELY RESIDUAL' 
_refine.pdbx_diffrn_id                           1 
_refine.pdbx_overall_SU_R_free_Cruickshank_DPI   ? 
_refine.pdbx_overall_SU_R_Blow_DPI               ? 
_refine.pdbx_overall_SU_R_free_Blow_DPI          ? 
# 
_refine_hist.pdbx_refine_id                   'X-RAY DIFFRACTION' 
_refine_hist.cycle_id                         LAST 
_refine_hist.pdbx_number_atoms_protein        984 
_refine_hist.pdbx_number_atoms_nucleic_acid   0 
_refine_hist.pdbx_number_atoms_ligand         4 
_refine_hist.number_atoms_solvent             115 
_refine_hist.number_atoms_total               1103 
_refine_hist.d_res_high                       1.96 
_refine_hist.d_res_low                        37.40 
# 
loop_
_refine_ls_restr.type 
_refine_ls_restr.dev_ideal 
_refine_ls_restr.dev_ideal_target 
_refine_ls_restr.weight 
_refine_ls_restr.number 
_refine_ls_restr.pdbx_refine_id 
_refine_ls_restr.pdbx_restraint_function 
r_bond_refined_d             0.014  0.022  ? 1050 'X-RAY DIFFRACTION' ? 
r_bond_other_d               ?      ?      ? ?    'X-RAY DIFFRACTION' ? 
r_angle_refined_deg          1.354  1.973  ? 1422 'X-RAY DIFFRACTION' ? 
r_angle_other_deg            ?      ?      ? ?    'X-RAY DIFFRACTION' ? 
r_dihedral_angle_1_deg       5.150  5.000  ? 135  'X-RAY DIFFRACTION' ? 
r_dihedral_angle_2_deg       31.632 24.286 ? 49   'X-RAY DIFFRACTION' ? 
r_dihedral_angle_3_deg       15.567 15.000 ? 206  'X-RAY DIFFRACTION' ? 
r_dihedral_angle_4_deg       24.064 15.000 ? 7    'X-RAY DIFFRACTION' ? 
r_chiral_restr               0.090  0.200  ? 156  'X-RAY DIFFRACTION' ? 
r_gen_planes_refined         0.006  0.020  ? 784  'X-RAY DIFFRACTION' ? 
r_gen_planes_other           ?      ?      ? ?    'X-RAY DIFFRACTION' ? 
r_nbd_refined                0.197  0.200  ? 491  'X-RAY DIFFRACTION' ? 
r_nbd_other                  ?      ?      ? ?    'X-RAY DIFFRACTION' ? 
r_nbtor_refined              0.307  0.200  ? 721  'X-RAY DIFFRACTION' ? 
r_nbtor_other                ?      ?      ? ?    'X-RAY DIFFRACTION' ? 
r_xyhbond_nbd_refined        0.143  0.200  ? 92   'X-RAY DIFFRACTION' ? 
r_xyhbond_nbd_other          ?      ?      ? ?    'X-RAY DIFFRACTION' ? 
r_metal_ion_refined          ?      ?      ? ?    'X-RAY DIFFRACTION' ? 
r_metal_ion_other            ?      ?      ? ?    'X-RAY DIFFRACTION' ? 
r_symmetry_vdw_refined       0.185  0.200  ? 43   'X-RAY DIFFRACTION' ? 
r_symmetry_vdw_other         ?      ?      ? ?    'X-RAY DIFFRACTION' ? 
r_symmetry_hbond_refined     0.148  0.200  ? 22   'X-RAY DIFFRACTION' ? 
r_symmetry_hbond_other       ?      ?      ? ?    'X-RAY DIFFRACTION' ? 
r_symmetry_metal_ion_refined ?      ?      ? ?    'X-RAY DIFFRACTION' ? 
r_symmetry_metal_ion_other   ?      ?      ? ?    'X-RAY DIFFRACTION' ? 
r_mcbond_it                  0.881  1.500  ? 650  'X-RAY DIFFRACTION' ? 
r_mcbond_other               ?      ?      ? ?    'X-RAY DIFFRACTION' ? 
r_mcangle_it                 1.385  2.000  ? 1017 'X-RAY DIFFRACTION' ? 
r_scbond_it                  2.672  3.000  ? 464  'X-RAY DIFFRACTION' ? 
r_scangle_it                 4.144  4.500  ? 398  'X-RAY DIFFRACTION' ? 
r_rigid_bond_restr           ?      ?      ? ?    'X-RAY DIFFRACTION' ? 
r_sphericity_free            ?      ?      ? ?    'X-RAY DIFFRACTION' ? 
r_sphericity_bonded          ?      ?      ? ?    'X-RAY DIFFRACTION' ? 
# 
_refine_ls_shell.pdbx_total_number_of_bins_used   20 
_refine_ls_shell.d_res_high                       1.96 
_refine_ls_shell.d_res_low                        2.01 
_refine_ls_shell.number_reflns_R_work             620 
_refine_ls_shell.R_factor_R_work                  0.161 
_refine_ls_shell.percent_reflns_obs               95.32 
_refine_ls_shell.R_factor_R_free                  0.237 
_refine_ls_shell.R_factor_R_free_error            ? 
_refine_ls_shell.percent_reflns_R_free            ? 
_refine_ls_shell.number_reflns_R_free             32 
_refine_ls_shell.number_reflns_all                ? 
_refine_ls_shell.R_factor_all                     ? 
_refine_ls_shell.number_reflns_obs                652 
_refine_ls_shell.redundancy_reflns_obs            ? 
_refine_ls_shell.pdbx_refine_id                   'X-RAY DIFFRACTION' 
# 
_struct.entry_id                  3C9P 
_struct.title                     'Crystal structure of uncharacterized protein SP1917' 
_struct.pdbx_model_details        ? 
_struct.pdbx_CASP_flag            ? 
_struct.pdbx_model_type_details   ? 
# 
_struct_keywords.entry_id        3C9P 
_struct_keywords.pdbx_keywords   'STRUCTURAL GENOMICS, UNKNOWN FUNCTION' 
_struct_keywords.text            
;Streptococcus pneumoniae, SP_1917, Structural Genomics, PSI-2, Protein Structure Initiative, Midwest Center for Structural Genomics, MCSG, UNKNOWN FUNCTION
;
# 
loop_
_struct_asym.id 
_struct_asym.pdbx_blank_PDB_chainid_flag 
_struct_asym.pdbx_modified 
_struct_asym.entity_id 
_struct_asym.details 
A N N 1 ? 
B N N 2 ? 
C N N 3 ? 
# 
_struct_ref.id                         1 
_struct_ref.db_name                    UNP 
_struct_ref.db_code                    Q97NU5_STRPN 
_struct_ref.pdbx_db_accession          Q97NU5 
_struct_ref.entity_id                  1 
_struct_ref.pdbx_seq_one_letter_code   
;MSQKLYNMKFAAVYLALIAKVERKGGKAESVHQVTSWLTGYEVSDVLACLDRDVTYGDFFRQAPYYVPERIAITGKICGV
RIEEIDDPLMQEIRRLDKLVDWLAKGKTSQQVLEKYEKHK
;
_struct_ref.pdbx_align_begin           1 
_struct_ref.pdbx_db_isoform            ? 
# 
_struct_ref_seq.align_id                      1 
_struct_ref_seq.ref_id                        1 
_struct_ref_seq.pdbx_PDB_id_code              3C9P 
_struct_ref_seq.pdbx_strand_id                A 
_struct_ref_seq.seq_align_beg                 4 
_struct_ref_seq.pdbx_seq_align_beg_ins_code   ? 
_struct_ref_seq.seq_align_end                 123 
_struct_ref_seq.pdbx_seq_align_end_ins_code   ? 
_struct_ref_seq.pdbx_db_accession             Q97NU5 
_struct_ref_seq.db_align_beg                  1 
_struct_ref_seq.pdbx_db_align_beg_ins_code    ? 
_struct_ref_seq.db_align_end                  120 
_struct_ref_seq.pdbx_db_align_end_ins_code    ? 
_struct_ref_seq.pdbx_auth_seq_align_beg       1 
_struct_ref_seq.pdbx_auth_seq_align_end       120 
# 
loop_
_struct_ref_seq_dif.align_id 
_struct_ref_seq_dif.pdbx_pdb_id_code 
_struct_ref_seq_dif.mon_id 
_struct_ref_seq_dif.pdbx_pdb_strand_id 
_struct_ref_seq_dif.seq_num 
_struct_ref_seq_dif.pdbx_pdb_ins_code 
_struct_ref_seq_dif.pdbx_seq_db_name 
_struct_ref_seq_dif.pdbx_seq_db_accession_code 
_struct_ref_seq_dif.db_mon_id 
_struct_ref_seq_dif.pdbx_seq_db_seq_num 
_struct_ref_seq_dif.details 
_struct_ref_seq_dif.pdbx_auth_seq_num 
_struct_ref_seq_dif.pdbx_ordinal 
1 3C9P SER A 1 ? UNP Q97NU5 ? ? 'expression tag' -2 1 
1 3C9P ASN A 2 ? UNP Q97NU5 ? ? 'expression tag' -1 2 
1 3C9P ALA A 3 ? UNP Q97NU5 ? ? 'expression tag' 0  3 
# 
_pdbx_struct_assembly.id                   1 
_pdbx_struct_assembly.details              author_and_software_defined_assembly 
_pdbx_struct_assembly.method_details       PISA 
_pdbx_struct_assembly.oligomeric_details   monomeric 
_pdbx_struct_assembly.oligomeric_count     1 
# 
_pdbx_struct_assembly_gen.assembly_id       1 
_pdbx_struct_assembly_gen.oper_expression   1 
_pdbx_struct_assembly_gen.asym_id_list      A,B,C 
# 
_pdbx_struct_oper_list.id                   1 
_pdbx_struct_oper_list.type                 'identity operation' 
_pdbx_struct_oper_list.name                 1_555 
_pdbx_struct_oper_list.symmetry_operation   x,y,z 
_pdbx_struct_oper_list.matrix[1][1]         1.0000000000 
_pdbx_struct_oper_list.matrix[1][2]         0.0000000000 
_pdbx_struct_oper_list.matrix[1][3]         0.0000000000 
_pdbx_struct_oper_list.vector[1]            0.0000000000 
_pdbx_struct_oper_list.matrix[2][1]         0.0000000000 
_pdbx_struct_oper_list.matrix[2][2]         1.0000000000 
_pdbx_struct_oper_list.matrix[2][3]         0.0000000000 
_pdbx_struct_oper_list.vector[2]            0.0000000000 
_pdbx_struct_oper_list.matrix[3][1]         0.0000000000 
_pdbx_struct_oper_list.matrix[3][2]         0.0000000000 
_pdbx_struct_oper_list.matrix[3][3]         1.0000000000 
_pdbx_struct_oper_list.vector[3]            0.0000000000 
# 
_struct_biol.id        1 
_struct_biol.details   ? 
# 
loop_
_struct_conf.conf_type_id 
_struct_conf.id 
_struct_conf.pdbx_PDB_helix_id 
_struct_conf.beg_label_comp_id 
_struct_conf.beg_label_asym_id 
_struct_conf.beg_label_seq_id 
_struct_conf.pdbx_beg_PDB_ins_code 
_struct_conf.end_label_comp_id 
_struct_conf.end_label_asym_id 
_struct_conf.end_label_seq_id 
_struct_conf.pdbx_end_PDB_ins_code 
_struct_conf.beg_auth_comp_id 
_struct_conf.beg_auth_asym_id 
_struct_conf.beg_auth_seq_id 
_struct_conf.end_auth_comp_id 
_struct_conf.end_auth_asym_id 
_struct_conf.end_auth_seq_id 
_struct_conf.pdbx_PDB_helix_class 
_struct_conf.details 
_struct_conf.pdbx_PDB_helix_length 
HELX_P HELX_P1 1 SER A 5   ? MSE A 11  ? SER A 2   MSE A 8   5 ? 7  
HELX_P HELX_P2 2 LYS A 12  ? LYS A 27  ? LYS A 9   LYS A 24  1 ? 16 
HELX_P HELX_P3 3 LYS A 30  ? GLY A 43  ? LYS A 27  GLY A 40  1 ? 14 
HELX_P HELX_P4 4 GLU A 45  ? LEU A 53  ? GLU A 42  LEU A 50  1 ? 9  
HELX_P HELX_P5 5 THR A 58  ? GLN A 65  ? THR A 55  GLN A 62  1 ? 8  
HELX_P HELX_P6 6 VAL A 70  ? ILE A 76  ? VAL A 67  ILE A 73  5 ? 7  
HELX_P HELX_P7 7 GLU A 86  ? ILE A 88  ? GLU A 83  ILE A 85  5 ? 3  
HELX_P HELX_P8 8 ASP A 90  ? LYS A 108 ? ASP A 87  LYS A 105 1 ? 19 
HELX_P HELX_P9 9 THR A 111 ? GLU A 120 ? THR A 108 GLU A 117 1 ? 10 
# 
_struct_conf_type.id          HELX_P 
_struct_conf_type.criteria    ? 
_struct_conf_type.reference   ? 
# 
loop_
_struct_conn.id 
_struct_conn.conn_type_id 
_struct_conn.pdbx_leaving_atom_flag 
_struct_conn.pdbx_PDB_id 
_struct_conn.ptnr1_label_asym_id 
_struct_conn.ptnr1_label_comp_id 
_struct_conn.ptnr1_label_seq_id 
_struct_conn.ptnr1_label_atom_id 
_struct_conn.pdbx_ptnr1_label_alt_id 
_struct_conn.pdbx_ptnr1_PDB_ins_code 
_struct_conn.pdbx_ptnr1_standard_comp_id 
_struct_conn.ptnr1_symmetry 
_struct_conn.ptnr2_label_asym_id 
_struct_conn.ptnr2_label_comp_id 
_struct_conn.ptnr2_label_seq_id 
_struct_conn.ptnr2_label_atom_id 
_struct_conn.pdbx_ptnr2_label_alt_id 
_struct_conn.pdbx_ptnr2_PDB_ins_code 
_struct_conn.ptnr1_auth_asym_id 
_struct_conn.ptnr1_auth_comp_id 
_struct_conn.ptnr1_auth_seq_id 
_struct_conn.ptnr2_auth_asym_id 
_struct_conn.ptnr2_auth_comp_id 
_struct_conn.ptnr2_auth_seq_id 
_struct_conn.ptnr2_symmetry 
_struct_conn.pdbx_ptnr3_label_atom_id 
_struct_conn.pdbx_ptnr3_label_seq_id 
_struct_conn.pdbx_ptnr3_label_comp_id 
_struct_conn.pdbx_ptnr3_label_asym_id 
_struct_conn.pdbx_ptnr3_label_alt_id 
_struct_conn.pdbx_ptnr3_PDB_ins_code 
_struct_conn.details 
_struct_conn.pdbx_dist_value 
_struct_conn.pdbx_value_order 
_struct_conn.pdbx_role 
covale1 covale both ? A ALA 3  C ? ? ? 1_555 A MSE 4  N ? ? A ALA 0  A MSE 1  1_555 ? ? ? ? ? ? ? 1.331 ? ? 
covale2 covale both ? A MSE 4  C ? ? ? 1_555 A SER 5  N ? ? A MSE 1  A SER 2  1_555 ? ? ? ? ? ? ? 1.333 ? ? 
covale3 covale both ? A ASN 10 C ? ? ? 1_555 A MSE 11 N ? ? A ASN 7  A MSE 8  1_555 ? ? ? ? ? ? ? 1.334 ? ? 
covale4 covale both ? A MSE 11 C ? ? ? 1_555 A LYS 12 N ? ? A MSE 8  A LYS 9  1_555 ? ? ? ? ? ? ? 1.333 ? ? 
covale5 covale both ? A LEU 92 C ? ? ? 1_555 A MSE 93 N ? ? A LEU 89 A MSE 90 1_555 ? ? ? ? ? ? ? 1.335 ? ? 
covale6 covale both ? A MSE 93 C ? ? ? 1_555 A GLN 94 N ? ? A MSE 90 A GLN 91 1_555 ? ? ? ? ? ? ? 1.330 ? ? 
# 
_struct_conn_type.id          covale 
_struct_conn_type.criteria    ? 
_struct_conn_type.reference   ? 
# 
loop_
_pdbx_modification_feature.ordinal 
_pdbx_modification_feature.label_comp_id 
_pdbx_modification_feature.label_asym_id 
_pdbx_modification_feature.label_seq_id 
_pdbx_modification_feature.label_alt_id 
_pdbx_modification_feature.modified_residue_label_comp_id 
_pdbx_modification_feature.modified_residue_label_asym_id 
_pdbx_modification_feature.modified_residue_label_seq_id 
_pdbx_modification_feature.modified_residue_label_alt_id 
_pdbx_modification_feature.auth_comp_id 
_pdbx_modification_feature.auth_asym_id 
_pdbx_modification_feature.auth_seq_id 
_pdbx_modification_feature.PDB_ins_code 
_pdbx_modification_feature.symmetry 
_pdbx_modification_feature.modified_residue_auth_comp_id 
_pdbx_modification_feature.modified_residue_auth_asym_id 
_pdbx_modification_feature.modified_residue_auth_seq_id 
_pdbx_modification_feature.modified_residue_PDB_ins_code 
_pdbx_modification_feature.modified_residue_symmetry 
_pdbx_modification_feature.comp_id_linking_atom 
_pdbx_modification_feature.modified_residue_id_linking_atom 
_pdbx_modification_feature.modified_residue_id 
_pdbx_modification_feature.ref_pcm_id 
_pdbx_modification_feature.ref_comp_id 
_pdbx_modification_feature.type 
_pdbx_modification_feature.category 
1 MSE A 4  ? . . . . MSE A 1  ? 1_555 . . . . . . . MET 1 MSE Selenomethionine 'Named protein modification' 
2 MSE A 11 ? . . . . MSE A 8  ? 1_555 . . . . . . . MET 1 MSE Selenomethionine 'Named protein modification' 
3 MSE A 93 ? . . . . MSE A 90 ? 1_555 . . . . . . . MET 1 MSE Selenomethionine 'Named protein modification' 
# 
_struct_sheet.id               A 
_struct_sheet.type             ? 
_struct_sheet.number_strands   2 
_struct_sheet.details          ? 
# 
_struct_sheet_order.sheet_id     A 
_struct_sheet_order.range_id_1   1 
_struct_sheet_order.range_id_2   2 
_struct_sheet_order.offset       ? 
_struct_sheet_order.sense        anti-parallel 
# 
loop_
_struct_sheet_range.sheet_id 
_struct_sheet_range.id 
_struct_sheet_range.beg_label_comp_id 
_struct_sheet_range.beg_label_asym_id 
_struct_sheet_range.beg_label_seq_id 
_struct_sheet_range.pdbx_beg_PDB_ins_code 
_struct_sheet_range.end_label_comp_id 
_struct_sheet_range.end_label_asym_id 
_struct_sheet_range.end_label_seq_id 
_struct_sheet_range.pdbx_end_PDB_ins_code 
_struct_sheet_range.beg_auth_comp_id 
_struct_sheet_range.beg_auth_asym_id 
_struct_sheet_range.beg_auth_seq_id 
_struct_sheet_range.end_auth_comp_id 
_struct_sheet_range.end_auth_asym_id 
_struct_sheet_range.end_auth_seq_id 
A 1 LYS A 79 ? ILE A 80 ? LYS A 76 ILE A 77 
A 2 VAL A 83 ? ARG A 84 ? VAL A 80 ARG A 81 
# 
_pdbx_struct_sheet_hbond.sheet_id                A 
_pdbx_struct_sheet_hbond.range_id_1              1 
_pdbx_struct_sheet_hbond.range_id_2              2 
_pdbx_struct_sheet_hbond.range_1_label_atom_id   N 
_pdbx_struct_sheet_hbond.range_1_label_comp_id   ILE 
_pdbx_struct_sheet_hbond.range_1_label_asym_id   A 
_pdbx_struct_sheet_hbond.range_1_label_seq_id    80 
_pdbx_struct_sheet_hbond.range_1_PDB_ins_code    ? 
_pdbx_struct_sheet_hbond.range_1_auth_atom_id    N 
_pdbx_struct_sheet_hbond.range_1_auth_comp_id    ILE 
_pdbx_struct_sheet_hbond.range_1_auth_asym_id    A 
_pdbx_struct_sheet_hbond.range_1_auth_seq_id     77 
_pdbx_struct_sheet_hbond.range_2_label_atom_id   O 
_pdbx_struct_sheet_hbond.range_2_label_comp_id   VAL 
_pdbx_struct_sheet_hbond.range_2_label_asym_id   A 
_pdbx_struct_sheet_hbond.range_2_label_seq_id    83 
_pdbx_struct_sheet_hbond.range_2_PDB_ins_code    ? 
_pdbx_struct_sheet_hbond.range_2_auth_atom_id    O 
_pdbx_struct_sheet_hbond.range_2_auth_comp_id    VAL 
_pdbx_struct_sheet_hbond.range_2_auth_asym_id    A 
_pdbx_struct_sheet_hbond.range_2_auth_seq_id     80 
# 
_struct_site.id                   AC1 
_struct_site.pdbx_evidence_code   Software 
_struct_site.pdbx_auth_asym_id    A 
_struct_site.pdbx_auth_comp_id    EDO 
_struct_site.pdbx_auth_seq_id     201 
_struct_site.pdbx_auth_ins_code   ? 
_struct_site.pdbx_num_residues    5 
_struct_site.details              'BINDING SITE FOR RESIDUE EDO A 201' 
# 
loop_
_struct_site_gen.id 
_struct_site_gen.site_id 
_struct_site_gen.pdbx_num_res 
_struct_site_gen.label_comp_id 
_struct_site_gen.label_asym_id 
_struct_site_gen.label_seq_id 
_struct_site_gen.pdbx_auth_ins_code 
_struct_site_gen.auth_comp_id 
_struct_site_gen.auth_asym_id 
_struct_site_gen.auth_seq_id 
_struct_site_gen.label_atom_id 
_struct_site_gen.label_alt_id 
_struct_site_gen.symmetry 
_struct_site_gen.details 
1 AC1 5 LEU A 20  ? LEU A 17  . ? 1_555 ? 
2 AC1 5 TYR A 59  ? TYR A 56  . ? 1_555 ? 
3 AC1 5 ARG A 97  ? ARG A 94  . ? 1_555 ? 
4 AC1 5 ASP A 100 ? ASP A 97  . ? 1_555 ? 
5 AC1 5 HOH C .   ? HOH A 248 . ? 1_555 ? 
# 
_pdbx_entry_details.entry_id                   3C9P 
_pdbx_entry_details.compound_details           ? 
_pdbx_entry_details.source_details             ? 
_pdbx_entry_details.nonpolymer_details         ? 
_pdbx_entry_details.sequence_details           ? 
_pdbx_entry_details.has_ligand_of_interest     ? 
_pdbx_entry_details.has_protein_modification   Y 
# 
_pdbx_validate_torsion.id              1 
_pdbx_validate_torsion.PDB_model_num   1 
_pdbx_validate_torsion.auth_comp_id    TYR 
_pdbx_validate_torsion.auth_asym_id    A 
_pdbx_validate_torsion.auth_seq_id     65 
_pdbx_validate_torsion.PDB_ins_code    ? 
_pdbx_validate_torsion.label_alt_id    ? 
_pdbx_validate_torsion.phi             -163.40 
_pdbx_validate_torsion.psi             93.31 
# 
_pdbx_SG_project.id                    1 
_pdbx_SG_project.project_name          'PSI, Protein Structure Initiative' 
_pdbx_SG_project.full_name_of_center   'Midwest Center for Structural Genomics' 
_pdbx_SG_project.initial_of_center     MCSG 
# 
loop_
_pdbx_struct_mod_residue.id 
_pdbx_struct_mod_residue.label_asym_id 
_pdbx_struct_mod_residue.label_comp_id 
_pdbx_struct_mod_residue.label_seq_id 
_pdbx_struct_mod_residue.auth_asym_id 
_pdbx_struct_mod_residue.auth_comp_id 
_pdbx_struct_mod_residue.auth_seq_id 
_pdbx_struct_mod_residue.PDB_ins_code 
_pdbx_struct_mod_residue.parent_comp_id 
_pdbx_struct_mod_residue.details 
1 A MSE 4  A MSE 1  ? MET SELENOMETHIONINE 
2 A MSE 11 A MSE 8  ? MET SELENOMETHIONINE 
3 A MSE 93 A MSE 90 ? MET SELENOMETHIONINE 
# 
_pdbx_refine_tls.id               1 
_pdbx_refine_tls.details          ? 
_pdbx_refine_tls.method           refined 
_pdbx_refine_tls.origin_x         0.2772 
_pdbx_refine_tls.origin_y         0.7976 
_pdbx_refine_tls.origin_z         0.0127 
_pdbx_refine_tls.T[1][1]          -0.0385 
_pdbx_refine_tls.T[2][2]          -0.0208 
_pdbx_refine_tls.T[3][3]          -0.0246 
_pdbx_refine_tls.T[1][2]          -0.0047 
_pdbx_refine_tls.T[1][3]          0.0070 
_pdbx_refine_tls.T[2][3]          0.0020 
_pdbx_refine_tls.L[1][1]          0.4379 
_pdbx_refine_tls.L[2][2]          1.3896 
_pdbx_refine_tls.L[3][3]          1.1792 
_pdbx_refine_tls.L[1][2]          0.0561 
_pdbx_refine_tls.L[1][3]          0.0768 
_pdbx_refine_tls.L[2][3]          -0.6252 
_pdbx_refine_tls.S[1][1]          0.0103 
_pdbx_refine_tls.S[1][2]          0.0001 
_pdbx_refine_tls.S[1][3]          0.0203 
_pdbx_refine_tls.S[2][1]          -0.0277 
_pdbx_refine_tls.S[2][2]          -0.0045 
_pdbx_refine_tls.S[2][3]          0.0395 
_pdbx_refine_tls.S[3][1]          -0.0490 
_pdbx_refine_tls.S[3][2]          -0.0598 
_pdbx_refine_tls.S[3][3]          -0.0059 
_pdbx_refine_tls.pdbx_refine_id   'X-RAY DIFFRACTION' 
# 
_pdbx_refine_tls_group.id                  1 
_pdbx_refine_tls_group.refine_tls_id       1 
_pdbx_refine_tls_group.beg_auth_asym_id    A 
_pdbx_refine_tls_group.beg_auth_seq_id     -1 
_pdbx_refine_tls_group.beg_label_asym_id   A 
_pdbx_refine_tls_group.beg_label_seq_id    2 
_pdbx_refine_tls_group.end_auth_asym_id    A 
_pdbx_refine_tls_group.end_auth_seq_id     120 
_pdbx_refine_tls_group.end_label_asym_id   A 
_pdbx_refine_tls_group.end_label_seq_id    123 
_pdbx_refine_tls_group.selection           ? 
_pdbx_refine_tls_group.pdbx_refine_id      'X-RAY DIFFRACTION' 
_pdbx_refine_tls_group.selection_details   ? 
# 
_pdbx_unobs_or_zero_occ_residues.id               1 
_pdbx_unobs_or_zero_occ_residues.PDB_model_num    1 
_pdbx_unobs_or_zero_occ_residues.polymer_flag     Y 
_pdbx_unobs_or_zero_occ_residues.occupancy_flag   1 
_pdbx_unobs_or_zero_occ_residues.auth_asym_id     A 
_pdbx_unobs_or_zero_occ_residues.auth_comp_id     SER 
_pdbx_unobs_or_zero_occ_residues.auth_seq_id      -2 
_pdbx_unobs_or_zero_occ_residues.PDB_ins_code     ? 
_pdbx_unobs_or_zero_occ_residues.label_asym_id    A 
_pdbx_unobs_or_zero_occ_residues.label_comp_id    SER 
_pdbx_unobs_or_zero_occ_residues.label_seq_id     1 
# 
loop_
_chem_comp_atom.comp_id 
_chem_comp_atom.atom_id 
_chem_comp_atom.type_symbol 
_chem_comp_atom.pdbx_aromatic_flag 
_chem_comp_atom.pdbx_stereo_config 
_chem_comp_atom.pdbx_ordinal 
ALA N    N  N N 1   
ALA CA   C  N S 2   
ALA C    C  N N 3   
ALA O    O  N N 4   
ALA CB   C  N N 5   
ALA OXT  O  N N 6   
ALA H    H  N N 7   
ALA H2   H  N N 8   
ALA HA   H  N N 9   
ALA HB1  H  N N 10  
ALA HB2  H  N N 11  
ALA HB3  H  N N 12  
ALA HXT  H  N N 13  
ARG N    N  N N 14  
ARG CA   C  N S 15  
ARG C    C  N N 16  
ARG O    O  N N 17  
ARG CB   C  N N 18  
ARG CG   C  N N 19  
ARG CD   C  N N 20  
ARG NE   N  N N 21  
ARG CZ   C  N N 22  
ARG NH1  N  N N 23  
ARG NH2  N  N N 24  
ARG OXT  O  N N 25  
ARG H    H  N N 26  
ARG H2   H  N N 27  
ARG HA   H  N N 28  
ARG HB2  H  N N 29  
ARG HB3  H  N N 30  
ARG HG2  H  N N 31  
ARG HG3  H  N N 32  
ARG HD2  H  N N 33  
ARG HD3  H  N N 34  
ARG HE   H  N N 35  
ARG HH11 H  N N 36  
ARG HH12 H  N N 37  
ARG HH21 H  N N 38  
ARG HH22 H  N N 39  
ARG HXT  H  N N 40  
ASN N    N  N N 41  
ASN CA   C  N S 42  
ASN C    C  N N 43  
ASN O    O  N N 44  
ASN CB   C  N N 45  
ASN CG   C  N N 46  
ASN OD1  O  N N 47  
ASN ND2  N  N N 48  
ASN OXT  O  N N 49  
ASN H    H  N N 50  
ASN H2   H  N N 51  
ASN HA   H  N N 52  
ASN HB2  H  N N 53  
ASN HB3  H  N N 54  
ASN HD21 H  N N 55  
ASN HD22 H  N N 56  
ASN HXT  H  N N 57  
ASP N    N  N N 58  
ASP CA   C  N S 59  
ASP C    C  N N 60  
ASP O    O  N N 61  
ASP CB   C  N N 62  
ASP CG   C  N N 63  
ASP OD1  O  N N 64  
ASP OD2  O  N N 65  
ASP OXT  O  N N 66  
ASP H    H  N N 67  
ASP H2   H  N N 68  
ASP HA   H  N N 69  
ASP HB2  H  N N 70  
ASP HB3  H  N N 71  
ASP HD2  H  N N 72  
ASP HXT  H  N N 73  
CYS N    N  N N 74  
CYS CA   C  N R 75  
CYS C    C  N N 76  
CYS O    O  N N 77  
CYS CB   C  N N 78  
CYS SG   S  N N 79  
CYS OXT  O  N N 80  
CYS H    H  N N 81  
CYS H2   H  N N 82  
CYS HA   H  N N 83  
CYS HB2  H  N N 84  
CYS HB3  H  N N 85  
CYS HG   H  N N 86  
CYS HXT  H  N N 87  
EDO C1   C  N N 88  
EDO O1   O  N N 89  
EDO C2   C  N N 90  
EDO O2   O  N N 91  
EDO H11  H  N N 92  
EDO H12  H  N N 93  
EDO HO1  H  N N 94  
EDO H21  H  N N 95  
EDO H22  H  N N 96  
EDO HO2  H  N N 97  
GLN N    N  N N 98  
GLN CA   C  N S 99  
GLN C    C  N N 100 
GLN O    O  N N 101 
GLN CB   C  N N 102 
GLN CG   C  N N 103 
GLN CD   C  N N 104 
GLN OE1  O  N N 105 
GLN NE2  N  N N 106 
GLN OXT  O  N N 107 
GLN H    H  N N 108 
GLN H2   H  N N 109 
GLN HA   H  N N 110 
GLN HB2  H  N N 111 
GLN HB3  H  N N 112 
GLN HG2  H  N N 113 
GLN HG3  H  N N 114 
GLN HE21 H  N N 115 
GLN HE22 H  N N 116 
GLN HXT  H  N N 117 
GLU N    N  N N 118 
GLU CA   C  N S 119 
GLU C    C  N N 120 
GLU O    O  N N 121 
GLU CB   C  N N 122 
GLU CG   C  N N 123 
GLU CD   C  N N 124 
GLU OE1  O  N N 125 
GLU OE2  O  N N 126 
GLU OXT  O  N N 127 
GLU H    H  N N 128 
GLU H2   H  N N 129 
GLU HA   H  N N 130 
GLU HB2  H  N N 131 
GLU HB3  H  N N 132 
GLU HG2  H  N N 133 
GLU HG3  H  N N 134 
GLU HE2  H  N N 135 
GLU HXT  H  N N 136 
GLY N    N  N N 137 
GLY CA   C  N N 138 
GLY C    C  N N 139 
GLY O    O  N N 140 
GLY OXT  O  N N 141 
GLY H    H  N N 142 
GLY H2   H  N N 143 
GLY HA2  H  N N 144 
GLY HA3  H  N N 145 
GLY HXT  H  N N 146 
HIS N    N  N N 147 
HIS CA   C  N S 148 
HIS C    C  N N 149 
HIS O    O  N N 150 
HIS CB   C  N N 151 
HIS CG   C  Y N 152 
HIS ND1  N  Y N 153 
HIS CD2  C  Y N 154 
HIS CE1  C  Y N 155 
HIS NE2  N  Y N 156 
HIS OXT  O  N N 157 
HIS H    H  N N 158 
HIS H2   H  N N 159 
HIS HA   H  N N 160 
HIS HB2  H  N N 161 
HIS HB3  H  N N 162 
HIS HD1  H  N N 163 
HIS HD2  H  N N 164 
HIS HE1  H  N N 165 
HIS HE2  H  N N 166 
HIS HXT  H  N N 167 
HOH O    O  N N 168 
HOH H1   H  N N 169 
HOH H2   H  N N 170 
ILE N    N  N N 171 
ILE CA   C  N S 172 
ILE C    C  N N 173 
ILE O    O  N N 174 
ILE CB   C  N S 175 
ILE CG1  C  N N 176 
ILE CG2  C  N N 177 
ILE CD1  C  N N 178 
ILE OXT  O  N N 179 
ILE H    H  N N 180 
ILE H2   H  N N 181 
ILE HA   H  N N 182 
ILE HB   H  N N 183 
ILE HG12 H  N N 184 
ILE HG13 H  N N 185 
ILE HG21 H  N N 186 
ILE HG22 H  N N 187 
ILE HG23 H  N N 188 
ILE HD11 H  N N 189 
ILE HD12 H  N N 190 
ILE HD13 H  N N 191 
ILE HXT  H  N N 192 
LEU N    N  N N 193 
LEU CA   C  N S 194 
LEU C    C  N N 195 
LEU O    O  N N 196 
LEU CB   C  N N 197 
LEU CG   C  N N 198 
LEU CD1  C  N N 199 
LEU CD2  C  N N 200 
LEU OXT  O  N N 201 
LEU H    H  N N 202 
LEU H2   H  N N 203 
LEU HA   H  N N 204 
LEU HB2  H  N N 205 
LEU HB3  H  N N 206 
LEU HG   H  N N 207 
LEU HD11 H  N N 208 
LEU HD12 H  N N 209 
LEU HD13 H  N N 210 
LEU HD21 H  N N 211 
LEU HD22 H  N N 212 
LEU HD23 H  N N 213 
LEU HXT  H  N N 214 
LYS N    N  N N 215 
LYS CA   C  N S 216 
LYS C    C  N N 217 
LYS O    O  N N 218 
LYS CB   C  N N 219 
LYS CG   C  N N 220 
LYS CD   C  N N 221 
LYS CE   C  N N 222 
LYS NZ   N  N N 223 
LYS OXT  O  N N 224 
LYS H    H  N N 225 
LYS H2   H  N N 226 
LYS HA   H  N N 227 
LYS HB2  H  N N 228 
LYS HB3  H  N N 229 
LYS HG2  H  N N 230 
LYS HG3  H  N N 231 
LYS HD2  H  N N 232 
LYS HD3  H  N N 233 
LYS HE2  H  N N 234 
LYS HE3  H  N N 235 
LYS HZ1  H  N N 236 
LYS HZ2  H  N N 237 
LYS HZ3  H  N N 238 
LYS HXT  H  N N 239 
MSE N    N  N N 240 
MSE CA   C  N S 241 
MSE C    C  N N 242 
MSE O    O  N N 243 
MSE OXT  O  N N 244 
MSE CB   C  N N 245 
MSE CG   C  N N 246 
MSE SE   SE N N 247 
MSE CE   C  N N 248 
MSE H    H  N N 249 
MSE H2   H  N N 250 
MSE HA   H  N N 251 
MSE HXT  H  N N 252 
MSE HB2  H  N N 253 
MSE HB3  H  N N 254 
MSE HG2  H  N N 255 
MSE HG3  H  N N 256 
MSE HE1  H  N N 257 
MSE HE2  H  N N 258 
MSE HE3  H  N N 259 
PHE N    N  N N 260 
PHE CA   C  N S 261 
PHE C    C  N N 262 
PHE O    O  N N 263 
PHE CB   C  N N 264 
PHE CG   C  Y N 265 
PHE CD1  C  Y N 266 
PHE CD2  C  Y N 267 
PHE CE1  C  Y N 268 
PHE CE2  C  Y N 269 
PHE CZ   C  Y N 270 
PHE OXT  O  N N 271 
PHE H    H  N N 272 
PHE H2   H  N N 273 
PHE HA   H  N N 274 
PHE HB2  H  N N 275 
PHE HB3  H  N N 276 
PHE HD1  H  N N 277 
PHE HD2  H  N N 278 
PHE HE1  H  N N 279 
PHE HE2  H  N N 280 
PHE HZ   H  N N 281 
PHE HXT  H  N N 282 
PRO N    N  N N 283 
PRO CA   C  N S 284 
PRO C    C  N N 285 
PRO O    O  N N 286 
PRO CB   C  N N 287 
PRO CG   C  N N 288 
PRO CD   C  N N 289 
PRO OXT  O  N N 290 
PRO H    H  N N 291 
PRO HA   H  N N 292 
PRO HB2  H  N N 293 
PRO HB3  H  N N 294 
PRO HG2  H  N N 295 
PRO HG3  H  N N 296 
PRO HD2  H  N N 297 
PRO HD3  H  N N 298 
PRO HXT  H  N N 299 
SER N    N  N N 300 
SER CA   C  N S 301 
SER C    C  N N 302 
SER O    O  N N 303 
SER CB   C  N N 304 
SER OG   O  N N 305 
SER OXT  O  N N 306 
SER H    H  N N 307 
SER H2   H  N N 308 
SER HA   H  N N 309 
SER HB2  H  N N 310 
SER HB3  H  N N 311 
SER HG   H  N N 312 
SER HXT  H  N N 313 
THR N    N  N N 314 
THR CA   C  N S 315 
THR C    C  N N 316 
THR O    O  N N 317 
THR CB   C  N R 318 
THR OG1  O  N N 319 
THR CG2  C  N N 320 
THR OXT  O  N N 321 
THR H    H  N N 322 
THR H2   H  N N 323 
THR HA   H  N N 324 
THR HB   H  N N 325 
THR HG1  H  N N 326 
THR HG21 H  N N 327 
THR HG22 H  N N 328 
THR HG23 H  N N 329 
THR HXT  H  N N 330 
TRP N    N  N N 331 
TRP CA   C  N S 332 
TRP C    C  N N 333 
TRP O    O  N N 334 
TRP CB   C  N N 335 
TRP CG   C  Y N 336 
TRP CD1  C  Y N 337 
TRP CD2  C  Y N 338 
TRP NE1  N  Y N 339 
TRP CE2  C  Y N 340 
TRP CE3  C  Y N 341 
TRP CZ2  C  Y N 342 
TRP CZ3  C  Y N 343 
TRP CH2  C  Y N 344 
TRP OXT  O  N N 345 
TRP H    H  N N 346 
TRP H2   H  N N 347 
TRP HA   H  N N 348 
TRP HB2  H  N N 349 
TRP HB3  H  N N 350 
TRP HD1  H  N N 351 
TRP HE1  H  N N 352 
TRP HE3  H  N N 353 
TRP HZ2  H  N N 354 
TRP HZ3  H  N N 355 
TRP HH2  H  N N 356 
TRP HXT  H  N N 357 
TYR N    N  N N 358 
TYR CA   C  N S 359 
TYR C    C  N N 360 
TYR O    O  N N 361 
TYR CB   C  N N 362 
TYR CG   C  Y N 363 
TYR CD1  C  Y N 364 
TYR CD2  C  Y N 365 
TYR CE1  C  Y N 366 
TYR CE2  C  Y N 367 
TYR CZ   C  Y N 368 
TYR OH   O  N N 369 
TYR OXT  O  N N 370 
TYR H    H  N N 371 
TYR H2   H  N N 372 
TYR HA   H  N N 373 
TYR HB2  H  N N 374 
TYR HB3  H  N N 375 
TYR HD1  H  N N 376 
TYR HD2  H  N N 377 
TYR HE1  H  N N 378 
TYR HE2  H  N N 379 
TYR HH   H  N N 380 
TYR HXT  H  N N 381 
VAL N    N  N N 382 
VAL CA   C  N S 383 
VAL C    C  N N 384 
VAL O    O  N N 385 
VAL CB   C  N N 386 
VAL CG1  C  N N 387 
VAL CG2  C  N N 388 
VAL OXT  O  N N 389 
VAL H    H  N N 390 
VAL H2   H  N N 391 
VAL HA   H  N N 392 
VAL HB   H  N N 393 
VAL HG11 H  N N 394 
VAL HG12 H  N N 395 
VAL HG13 H  N N 396 
VAL HG21 H  N N 397 
VAL HG22 H  N N 398 
VAL HG23 H  N N 399 
VAL HXT  H  N N 400 
# 
loop_
_chem_comp_bond.comp_id 
_chem_comp_bond.atom_id_1 
_chem_comp_bond.atom_id_2 
_chem_comp_bond.value_order 
_chem_comp_bond.pdbx_aromatic_flag 
_chem_comp_bond.pdbx_stereo_config 
_chem_comp_bond.pdbx_ordinal 
ALA N   CA   sing N N 1   
ALA N   H    sing N N 2   
ALA N   H2   sing N N 3   
ALA CA  C    sing N N 4   
ALA CA  CB   sing N N 5   
ALA CA  HA   sing N N 6   
ALA C   O    doub N N 7   
ALA C   OXT  sing N N 8   
ALA CB  HB1  sing N N 9   
ALA CB  HB2  sing N N 10  
ALA CB  HB3  sing N N 11  
ALA OXT HXT  sing N N 12  
ARG N   CA   sing N N 13  
ARG N   H    sing N N 14  
ARG N   H2   sing N N 15  
ARG CA  C    sing N N 16  
ARG CA  CB   sing N N 17  
ARG CA  HA   sing N N 18  
ARG C   O    doub N N 19  
ARG C   OXT  sing N N 20  
ARG CB  CG   sing N N 21  
ARG CB  HB2  sing N N 22  
ARG CB  HB3  sing N N 23  
ARG CG  CD   sing N N 24  
ARG CG  HG2  sing N N 25  
ARG CG  HG3  sing N N 26  
ARG CD  NE   sing N N 27  
ARG CD  HD2  sing N N 28  
ARG CD  HD3  sing N N 29  
ARG NE  CZ   sing N N 30  
ARG NE  HE   sing N N 31  
ARG CZ  NH1  sing N N 32  
ARG CZ  NH2  doub N N 33  
ARG NH1 HH11 sing N N 34  
ARG NH1 HH12 sing N N 35  
ARG NH2 HH21 sing N N 36  
ARG NH2 HH22 sing N N 37  
ARG OXT HXT  sing N N 38  
ASN N   CA   sing N N 39  
ASN N   H    sing N N 40  
ASN N   H2   sing N N 41  
ASN CA  C    sing N N 42  
ASN CA  CB   sing N N 43  
ASN CA  HA   sing N N 44  
ASN C   O    doub N N 45  
ASN C   OXT  sing N N 46  
ASN CB  CG   sing N N 47  
ASN CB  HB2  sing N N 48  
ASN CB  HB3  sing N N 49  
ASN CG  OD1  doub N N 50  
ASN CG  ND2  sing N N 51  
ASN ND2 HD21 sing N N 52  
ASN ND2 HD22 sing N N 53  
ASN OXT HXT  sing N N 54  
ASP N   CA   sing N N 55  
ASP N   H    sing N N 56  
ASP N   H2   sing N N 57  
ASP CA  C    sing N N 58  
ASP CA  CB   sing N N 59  
ASP CA  HA   sing N N 60  
ASP C   O    doub N N 61  
ASP C   OXT  sing N N 62  
ASP CB  CG   sing N N 63  
ASP CB  HB2  sing N N 64  
ASP CB  HB3  sing N N 65  
ASP CG  OD1  doub N N 66  
ASP CG  OD2  sing N N 67  
ASP OD2 HD2  sing N N 68  
ASP OXT HXT  sing N N 69  
CYS N   CA   sing N N 70  
CYS N   H    sing N N 71  
CYS N   H2   sing N N 72  
CYS CA  C    sing N N 73  
CYS CA  CB   sing N N 74  
CYS CA  HA   sing N N 75  
CYS C   O    doub N N 76  
CYS C   OXT  sing N N 77  
CYS CB  SG   sing N N 78  
CYS CB  HB2  sing N N 79  
CYS CB  HB3  sing N N 80  
CYS SG  HG   sing N N 81  
CYS OXT HXT  sing N N 82  
EDO C1  O1   sing N N 83  
EDO C1  C2   sing N N 84  
EDO C1  H11  sing N N 85  
EDO C1  H12  sing N N 86  
EDO O1  HO1  sing N N 87  
EDO C2  O2   sing N N 88  
EDO C2  H21  sing N N 89  
EDO C2  H22  sing N N 90  
EDO O2  HO2  sing N N 91  
GLN N   CA   sing N N 92  
GLN N   H    sing N N 93  
GLN N   H2   sing N N 94  
GLN CA  C    sing N N 95  
GLN CA  CB   sing N N 96  
GLN CA  HA   sing N N 97  
GLN C   O    doub N N 98  
GLN C   OXT  sing N N 99  
GLN CB  CG   sing N N 100 
GLN CB  HB2  sing N N 101 
GLN CB  HB3  sing N N 102 
GLN CG  CD   sing N N 103 
GLN CG  HG2  sing N N 104 
GLN CG  HG3  sing N N 105 
GLN CD  OE1  doub N N 106 
GLN CD  NE2  sing N N 107 
GLN NE2 HE21 sing N N 108 
GLN NE2 HE22 sing N N 109 
GLN OXT HXT  sing N N 110 
GLU N   CA   sing N N 111 
GLU N   H    sing N N 112 
GLU N   H2   sing N N 113 
GLU CA  C    sing N N 114 
GLU CA  CB   sing N N 115 
GLU CA  HA   sing N N 116 
GLU C   O    doub N N 117 
GLU C   OXT  sing N N 118 
GLU CB  CG   sing N N 119 
GLU CB  HB2  sing N N 120 
GLU CB  HB3  sing N N 121 
GLU CG  CD   sing N N 122 
GLU CG  HG2  sing N N 123 
GLU CG  HG3  sing N N 124 
GLU CD  OE1  doub N N 125 
GLU CD  OE2  sing N N 126 
GLU OE2 HE2  sing N N 127 
GLU OXT HXT  sing N N 128 
GLY N   CA   sing N N 129 
GLY N   H    sing N N 130 
GLY N   H2   sing N N 131 
GLY CA  C    sing N N 132 
GLY CA  HA2  sing N N 133 
GLY CA  HA3  sing N N 134 
GLY C   O    doub N N 135 
GLY C   OXT  sing N N 136 
GLY OXT HXT  sing N N 137 
HIS N   CA   sing N N 138 
HIS N   H    sing N N 139 
HIS N   H2   sing N N 140 
HIS CA  C    sing N N 141 
HIS CA  CB   sing N N 142 
HIS CA  HA   sing N N 143 
HIS C   O    doub N N 144 
HIS C   OXT  sing N N 145 
HIS CB  CG   sing N N 146 
HIS CB  HB2  sing N N 147 
HIS CB  HB3  sing N N 148 
HIS CG  ND1  sing Y N 149 
HIS CG  CD2  doub Y N 150 
HIS ND1 CE1  doub Y N 151 
HIS ND1 HD1  sing N N 152 
HIS CD2 NE2  sing Y N 153 
HIS CD2 HD2  sing N N 154 
HIS CE1 NE2  sing Y N 155 
HIS CE1 HE1  sing N N 156 
HIS NE2 HE2  sing N N 157 
HIS OXT HXT  sing N N 158 
HOH O   H1   sing N N 159 
HOH O   H2   sing N N 160 
ILE N   CA   sing N N 161 
ILE N   H    sing N N 162 
ILE N   H2   sing N N 163 
ILE CA  C    sing N N 164 
ILE CA  CB   sing N N 165 
ILE CA  HA   sing N N 166 
ILE C   O    doub N N 167 
ILE C   OXT  sing N N 168 
ILE CB  CG1  sing N N 169 
ILE CB  CG2  sing N N 170 
ILE CB  HB   sing N N 171 
ILE CG1 CD1  sing N N 172 
ILE CG1 HG12 sing N N 173 
ILE CG1 HG13 sing N N 174 
ILE CG2 HG21 sing N N 175 
ILE CG2 HG22 sing N N 176 
ILE CG2 HG23 sing N N 177 
ILE CD1 HD11 sing N N 178 
ILE CD1 HD12 sing N N 179 
ILE CD1 HD13 sing N N 180 
ILE OXT HXT  sing N N 181 
LEU N   CA   sing N N 182 
LEU N   H    sing N N 183 
LEU N   H2   sing N N 184 
LEU CA  C    sing N N 185 
LEU CA  CB   sing N N 186 
LEU CA  HA   sing N N 187 
LEU C   O    doub N N 188 
LEU C   OXT  sing N N 189 
LEU CB  CG   sing N N 190 
LEU CB  HB2  sing N N 191 
LEU CB  HB3  sing N N 192 
LEU CG  CD1  sing N N 193 
LEU CG  CD2  sing N N 194 
LEU CG  HG   sing N N 195 
LEU CD1 HD11 sing N N 196 
LEU CD1 HD12 sing N N 197 
LEU CD1 HD13 sing N N 198 
LEU CD2 HD21 sing N N 199 
LEU CD2 HD22 sing N N 200 
LEU CD2 HD23 sing N N 201 
LEU OXT HXT  sing N N 202 
LYS N   CA   sing N N 203 
LYS N   H    sing N N 204 
LYS N   H2   sing N N 205 
LYS CA  C    sing N N 206 
LYS CA  CB   sing N N 207 
LYS CA  HA   sing N N 208 
LYS C   O    doub N N 209 
LYS C   OXT  sing N N 210 
LYS CB  CG   sing N N 211 
LYS CB  HB2  sing N N 212 
LYS CB  HB3  sing N N 213 
LYS CG  CD   sing N N 214 
LYS CG  HG2  sing N N 215 
LYS CG  HG3  sing N N 216 
LYS CD  CE   sing N N 217 
LYS CD  HD2  sing N N 218 
LYS CD  HD3  sing N N 219 
LYS CE  NZ   sing N N 220 
LYS CE  HE2  sing N N 221 
LYS CE  HE3  sing N N 222 
LYS NZ  HZ1  sing N N 223 
LYS NZ  HZ2  sing N N 224 
LYS NZ  HZ3  sing N N 225 
LYS OXT HXT  sing N N 226 
MSE N   CA   sing N N 227 
MSE N   H    sing N N 228 
MSE N   H2   sing N N 229 
MSE CA  C    sing N N 230 
MSE CA  CB   sing N N 231 
MSE CA  HA   sing N N 232 
MSE C   O    doub N N 233 
MSE C   OXT  sing N N 234 
MSE OXT HXT  sing N N 235 
MSE CB  CG   sing N N 236 
MSE CB  HB2  sing N N 237 
MSE CB  HB3  sing N N 238 
MSE CG  SE   sing N N 239 
MSE CG  HG2  sing N N 240 
MSE CG  HG3  sing N N 241 
MSE SE  CE   sing N N 242 
MSE CE  HE1  sing N N 243 
MSE CE  HE2  sing N N 244 
MSE CE  HE3  sing N N 245 
PHE N   CA   sing N N 246 
PHE N   H    sing N N 247 
PHE N   H2   sing N N 248 
PHE CA  C    sing N N 249 
PHE CA  CB   sing N N 250 
PHE CA  HA   sing N N 251 
PHE C   O    doub N N 252 
PHE C   OXT  sing N N 253 
PHE CB  CG   sing N N 254 
PHE CB  HB2  sing N N 255 
PHE CB  HB3  sing N N 256 
PHE CG  CD1  doub Y N 257 
PHE CG  CD2  sing Y N 258 
PHE CD1 CE1  sing Y N 259 
PHE CD1 HD1  sing N N 260 
PHE CD2 CE2  doub Y N 261 
PHE CD2 HD2  sing N N 262 
PHE CE1 CZ   doub Y N 263 
PHE CE1 HE1  sing N N 264 
PHE CE2 CZ   sing Y N 265 
PHE CE2 HE2  sing N N 266 
PHE CZ  HZ   sing N N 267 
PHE OXT HXT  sing N N 268 
PRO N   CA   sing N N 269 
PRO N   CD   sing N N 270 
PRO N   H    sing N N 271 
PRO CA  C    sing N N 272 
PRO CA  CB   sing N N 273 
PRO CA  HA   sing N N 274 
PRO C   O    doub N N 275 
PRO C   OXT  sing N N 276 
PRO CB  CG   sing N N 277 
PRO CB  HB2  sing N N 278 
PRO CB  HB3  sing N N 279 
PRO CG  CD   sing N N 280 
PRO CG  HG2  sing N N 281 
PRO CG  HG3  sing N N 282 
PRO CD  HD2  sing N N 283 
PRO CD  HD3  sing N N 284 
PRO OXT HXT  sing N N 285 
SER N   CA   sing N N 286 
SER N   H    sing N N 287 
SER N   H2   sing N N 288 
SER CA  C    sing N N 289 
SER CA  CB   sing N N 290 
SER CA  HA   sing N N 291 
SER C   O    doub N N 292 
SER C   OXT  sing N N 293 
SER CB  OG   sing N N 294 
SER CB  HB2  sing N N 295 
SER CB  HB3  sing N N 296 
SER OG  HG   sing N N 297 
SER OXT HXT  sing N N 298 
THR N   CA   sing N N 299 
THR N   H    sing N N 300 
THR N   H2   sing N N 301 
THR CA  C    sing N N 302 
THR CA  CB   sing N N 303 
THR CA  HA   sing N N 304 
THR C   O    doub N N 305 
THR C   OXT  sing N N 306 
THR CB  OG1  sing N N 307 
THR CB  CG2  sing N N 308 
THR CB  HB   sing N N 309 
THR OG1 HG1  sing N N 310 
THR CG2 HG21 sing N N 311 
THR CG2 HG22 sing N N 312 
THR CG2 HG23 sing N N 313 
THR OXT HXT  sing N N 314 
TRP N   CA   sing N N 315 
TRP N   H    sing N N 316 
TRP N   H2   sing N N 317 
TRP CA  C    sing N N 318 
TRP CA  CB   sing N N 319 
TRP CA  HA   sing N N 320 
TRP C   O    doub N N 321 
TRP C   OXT  sing N N 322 
TRP CB  CG   sing N N 323 
TRP CB  HB2  sing N N 324 
TRP CB  HB3  sing N N 325 
TRP CG  CD1  doub Y N 326 
TRP CG  CD2  sing Y N 327 
TRP CD1 NE1  sing Y N 328 
TRP CD1 HD1  sing N N 329 
TRP CD2 CE2  doub Y N 330 
TRP CD2 CE3  sing Y N 331 
TRP NE1 CE2  sing Y N 332 
TRP NE1 HE1  sing N N 333 
TRP CE2 CZ2  sing Y N 334 
TRP CE3 CZ3  doub Y N 335 
TRP CE3 HE3  sing N N 336 
TRP CZ2 CH2  doub Y N 337 
TRP CZ2 HZ2  sing N N 338 
TRP CZ3 CH2  sing Y N 339 
TRP CZ3 HZ3  sing N N 340 
TRP CH2 HH2  sing N N 341 
TRP OXT HXT  sing N N 342 
TYR N   CA   sing N N 343 
TYR N   H    sing N N 344 
TYR N   H2   sing N N 345 
TYR CA  C    sing N N 346 
TYR CA  CB   sing N N 347 
TYR CA  HA   sing N N 348 
TYR C   O    doub N N 349 
TYR C   OXT  sing N N 350 
TYR CB  CG   sing N N 351 
TYR CB  HB2  sing N N 352 
TYR CB  HB3  sing N N 353 
TYR CG  CD1  doub Y N 354 
TYR CG  CD2  sing Y N 355 
TYR CD1 CE1  sing Y N 356 
TYR CD1 HD1  sing N N 357 
TYR CD2 CE2  doub Y N 358 
TYR CD2 HD2  sing N N 359 
TYR CE1 CZ   doub Y N 360 
TYR CE1 HE1  sing N N 361 
TYR CE2 CZ   sing Y N 362 
TYR CE2 HE2  sing N N 363 
TYR CZ  OH   sing N N 364 
TYR OH  HH   sing N N 365 
TYR OXT HXT  sing N N 366 
VAL N   CA   sing N N 367 
VAL N   H    sing N N 368 
VAL N   H2   sing N N 369 
VAL CA  C    sing N N 370 
VAL CA  CB   sing N N 371 
VAL CA  HA   sing N N 372 
VAL C   O    doub N N 373 
VAL C   OXT  sing N N 374 
VAL CB  CG1  sing N N 375 
VAL CB  CG2  sing N N 376 
VAL CB  HB   sing N N 377 
VAL CG1 HG11 sing N N 378 
VAL CG1 HG12 sing N N 379 
VAL CG1 HG13 sing N N 380 
VAL CG2 HG21 sing N N 381 
VAL CG2 HG22 sing N N 382 
VAL CG2 HG23 sing N N 383 
VAL OXT HXT  sing N N 384 
# 
_atom_sites.entry_id                    3C9P 
_atom_sites.fract_transf_matrix[1][1]   0.02126677 
_atom_sites.fract_transf_matrix[1][2]   -0.00431802 
_atom_sites.fract_transf_matrix[1][3]   -0.00711713 
_atom_sites.fract_transf_matrix[2][1]   0.00724826 
_atom_sites.fract_transf_matrix[2][2]   0.00527482 
_atom_sites.fract_transf_matrix[2][3]   0.01845831 
_atom_sites.fract_transf_matrix[3][1]   -0.00154284 
_atom_sites.fract_transf_matrix[3][2]   -0.01625245 
_atom_sites.fract_transf_matrix[3][3]   0.00525030 
_atom_sites.fract_transf_vector[1]      0.703209 
_atom_sites.fract_transf_vector[2]      0.030783 
_atom_sites.fract_transf_vector[3]      0.091712 
# 
loop_
_atom_type.symbol 
C  
N  
O  
S  
SE 
# 
loop_
_atom_site.group_PDB 
_atom_site.id 
_atom_site.type_symbol 
_atom_site.label_atom_id 
_atom_site.label_alt_id 
_atom_site.label_comp_id 
_atom_site.label_asym_id 
_atom_site.label_entity_id 
_atom_site.label_seq_id 
_atom_site.pdbx_PDB_ins_code 
_atom_site.Cartn_x 
_atom_site.Cartn_y 
_atom_site.Cartn_z 
_atom_site.occupancy 
_atom_site.B_iso_or_equiv 
_atom_site.pdbx_formal_charge 
_atom_site.auth_seq_id 
_atom_site.auth_comp_id 
_atom_site.auth_asym_id 
_atom_site.auth_atom_id 
_atom_site.pdbx_PDB_model_num 
ATOM   1    N  N   . ASN A 1 2   ? -9.055  0.675   9.825   1.00 33.06 ? -1  ASN A N   1 
ATOM   2    C  CA  . ASN A 1 2   ? -9.538  2.015   10.295  1.00 32.90 ? -1  ASN A CA  1 
ATOM   3    C  C   . ASN A 1 2   ? -8.663  2.645   11.409  1.00 32.40 ? -1  ASN A C   1 
ATOM   4    O  O   . ASN A 1 2   ? -9.146  3.441   12.228  1.00 32.51 ? -1  ASN A O   1 
ATOM   5    C  CB  . ASN A 1 2   ? -11.028 1.936   10.722  1.00 33.30 ? -1  ASN A CB  1 
ATOM   6    N  N   . ALA A 1 3   ? -7.379  2.281   11.438  1.00 31.78 ? 0   ALA A N   1 
ATOM   7    C  CA  . ALA A 1 3   ? -6.391  2.964   12.287  1.00 30.60 ? 0   ALA A CA  1 
ATOM   8    C  C   . ALA A 1 3   ? -5.987  4.299   11.657  1.00 29.72 ? 0   ALA A C   1 
ATOM   9    O  O   . ALA A 1 3   ? -5.309  4.336   10.610  1.00 30.11 ? 0   ALA A O   1 
ATOM   10   C  CB  . ALA A 1 3   ? -5.172  2.092   12.510  1.00 30.78 ? 0   ALA A CB  1 
HETATM 11   N  N   . MSE A 1 4   ? -6.361  5.379   12.339  1.00 27.83 ? 1   MSE A N   1 
HETATM 12   C  CA  . MSE A 1 4   ? -6.317  6.751   11.823  1.00 27.18 ? 1   MSE A CA  1 
HETATM 13   C  C   . MSE A 1 4   ? -5.210  7.611   12.411  1.00 24.22 ? 1   MSE A C   1 
HETATM 14   O  O   . MSE A 1 4   ? -4.946  8.701   11.902  1.00 23.37 ? 1   MSE A O   1 
HETATM 15   C  CB  . MSE A 1 4   ? -7.635  7.436   12.161  1.00 28.41 ? 1   MSE A CB  1 
HETATM 16   C  CG  . MSE A 1 4   ? -8.825  6.564   11.885  1.00 36.30 ? 1   MSE A CG  1 
HETATM 17   SE SE  . MSE A 1 4   ? -9.045  6.597   9.958   1.00 56.80 ? 1   MSE A SE  1 
HETATM 18   C  CE  . MSE A 1 4   ? -10.298 8.125   10.037  1.00 48.24 ? 1   MSE A CE  1 
ATOM   19   N  N   . SER A 1 5   ? -4.617  7.144   13.510  1.00 21.07 ? 2   SER A N   1 
ATOM   20   C  CA  . SER A 1 5   ? -3.652  7.934   14.250  1.00 17.94 ? 2   SER A CA  1 
ATOM   21   C  C   . SER A 1 5   ? -2.243  7.373   14.088  1.00 17.09 ? 2   SER A C   1 
ATOM   22   O  O   . SER A 1 5   ? -2.035  6.344   13.424  1.00 16.30 ? 2   SER A O   1 
ATOM   23   C  CB  . SER A 1 5   ? -4.063  8.042   15.740  1.00 17.38 ? 2   SER A CB  1 
ATOM   24   O  OG  . SER A 1 5   ? -3.673  6.892   16.485  1.00 13.63 ? 2   SER A OG  1 
ATOM   25   N  N   . GLN A 1 6   ? -1.286  8.052   14.720  1.00 15.93 ? 3   GLN A N   1 
ATOM   26   C  CA  . GLN A 1 6   ? 0.122   7.661   14.696  1.00 15.32 ? 3   GLN A CA  1 
ATOM   27   C  C   . GLN A 1 6   ? 0.390   6.371   15.486  1.00 14.42 ? 3   GLN A C   1 
ATOM   28   O  O   . GLN A 1 6   ? 1.460   5.786   15.361  1.00 14.46 ? 3   GLN A O   1 
ATOM   29   C  CB  . GLN A 1 6   ? 0.994   8.812   15.205  1.00 14.80 ? 3   GLN A CB  1 
ATOM   30   C  CG  . GLN A 1 6   ? 0.847   10.074  14.318  1.00 15.19 ? 3   GLN A CG  1 
ATOM   31   C  CD  . GLN A 1 6   ? 1.922   11.131  14.556  1.00 16.84 ? 3   GLN A CD  1 
ATOM   32   O  OE1 . GLN A 1 6   ? 2.510   11.201  15.619  1.00 20.55 ? 3   GLN A OE1 1 
ATOM   33   N  NE2 . GLN A 1 6   ? 2.164   11.967  13.551  1.00 18.89 ? 3   GLN A NE2 1 
ATOM   34   N  N   . LYS A 1 7   ? -0.582  5.928   16.282  1.00 13.29 ? 4   LYS A N   1 
ATOM   35   C  CA  . LYS A 1 7   ? -0.532  4.587   16.885  1.00 12.42 ? 4   LYS A CA  1 
ATOM   36   C  C   . LYS A 1 7   ? -0.283  3.511   15.812  1.00 11.99 ? 4   LYS A C   1 
ATOM   37   O  O   . LYS A 1 7   ? 0.406   2.523   16.067  1.00 11.52 ? 4   LYS A O   1 
ATOM   38   C  CB  . LYS A 1 7   ? -1.810  4.279   17.705  1.00 12.65 ? 4   LYS A CB  1 
ATOM   39   C  CG  . LYS A 1 7   ? -1.896  5.156   18.974  1.00 12.67 ? 4   LYS A CG  1 
ATOM   40   C  CD  . LYS A 1 7   ? -3.146  4.970   19.844  1.00 13.08 ? 4   LYS A CD  1 
ATOM   41   C  CE  . LYS A 1 7   ? -3.169  6.108   20.902  1.00 12.60 ? 4   LYS A CE  1 
ATOM   42   N  NZ  . LYS A 1 7   ? -4.412  6.190   21.749  1.00 14.48 ? 4   LYS A NZ  1 
ATOM   43   N  N   . LEU A 1 8   ? -0.817  3.720   14.614  1.00 11.16 ? 5   LEU A N   1 
ATOM   44   C  CA  . LEU A 1 8   ? -0.549  2.813   13.490  1.00 12.38 ? 5   LEU A CA  1 
ATOM   45   C  C   . LEU A 1 8   ? 0.951   2.602   13.201  1.00 12.77 ? 5   LEU A C   1 
ATOM   46   O  O   . LEU A 1 8   ? 1.379   1.498   12.853  1.00 13.37 ? 5   LEU A O   1 
ATOM   47   C  CB  . LEU A 1 8   ? -1.233  3.340   12.222  1.00 12.24 ? 5   LEU A CB  1 
ATOM   48   C  CG  . LEU A 1 8   ? -1.109  2.513   10.951  1.00 13.87 ? 5   LEU A CG  1 
ATOM   49   C  CD1 . LEU A 1 8   ? -1.676  1.074   11.107  1.00 13.95 ? 5   LEU A CD1 1 
ATOM   50   C  CD2 . LEU A 1 8   ? -1.835  3.245   9.841   1.00 17.87 ? 5   LEU A CD2 1 
ATOM   51   N  N   . TYR A 1 9   ? 1.735   3.663   13.314  1.00 12.74 ? 6   TYR A N   1 
ATOM   52   C  CA  . TYR A 1 9   ? 3.147   3.596   12.941  1.00 13.03 ? 6   TYR A CA  1 
ATOM   53   C  C   . TYR A 1 9   ? 3.907   2.552   13.754  1.00 13.09 ? 6   TYR A C   1 
ATOM   54   O  O   . TYR A 1 9   ? 4.913   2.031   13.291  1.00 14.09 ? 6   TYR A O   1 
ATOM   55   C  CB  . TYR A 1 9   ? 3.818   4.945   13.137  1.00 13.10 ? 6   TYR A CB  1 
ATOM   56   C  CG  . TYR A 1 9   ? 3.229   6.107   12.367  1.00 12.11 ? 6   TYR A CG  1 
ATOM   57   C  CD1 . TYR A 1 9   ? 2.317   5.909   11.306  1.00 12.39 ? 6   TYR A CD1 1 
ATOM   58   C  CD2 . TYR A 1 9   ? 3.613   7.417   12.679  1.00 13.19 ? 6   TYR A CD2 1 
ATOM   59   C  CE1 . TYR A 1 9   ? 1.792   6.968   10.616  1.00 10.14 ? 6   TYR A CE1 1 
ATOM   60   C  CE2 . TYR A 1 9   ? 3.100   8.498   11.976  1.00 13.11 ? 6   TYR A CE2 1 
ATOM   61   C  CZ  . TYR A 1 9   ? 2.179   8.256   10.955  1.00 13.96 ? 6   TYR A CZ  1 
ATOM   62   O  OH  . TYR A 1 9   ? 1.679   9.319   10.257  1.00 13.10 ? 6   TYR A OH  1 
ATOM   63   N  N   . ASN A 1 10  ? 3.442   2.269   14.971  1.00 13.53 ? 7   ASN A N   1 
ATOM   64   C  CA  . ASN A 1 10  ? 4.159   1.385   15.860  1.00 14.11 ? 7   ASN A CA  1 
ATOM   65   C  C   . ASN A 1 10  ? 3.582   -0.013  15.900  1.00 13.94 ? 7   ASN A C   1 
ATOM   66   O  O   . ASN A 1 10  ? 4.106   -0.864  16.616  1.00 14.53 ? 7   ASN A O   1 
ATOM   67   C  CB  . ASN A 1 10  ? 4.233   1.989   17.262  1.00 15.02 ? 7   ASN A CB  1 
ATOM   68   C  CG  . ASN A 1 10  ? 4.873   3.365   17.247  1.00 19.21 ? 7   ASN A CG  1 
ATOM   69   O  OD1 . ASN A 1 10  ? 5.888   3.574   16.572  1.00 19.04 ? 7   ASN A OD1 1 
ATOM   70   N  ND2 . ASN A 1 10  ? 4.249   4.328   17.941  1.00 21.83 ? 7   ASN A ND2 1 
HETATM 71   N  N   . MSE A 1 11  ? 2.501   -0.248  15.153  1.00 12.64 ? 8   MSE A N   1 
HETATM 72   C  CA  . MSE A 1 11  ? 1.974   -1.615  14.987  1.00 14.07 ? 8   MSE A CA  1 
HETATM 73   C  C   . MSE A 1 11  ? 2.906   -2.408  14.088  1.00 12.15 ? 8   MSE A C   1 
HETATM 74   O  O   . MSE A 1 11  ? 3.527   -1.849  13.202  1.00 11.42 ? 8   MSE A O   1 
HETATM 75   C  CB  . MSE A 1 11  ? 0.555   -1.588  14.442  1.00 12.71 ? 8   MSE A CB  1 
HETATM 76   C  CG  . MSE A 1 11  ? -0.379  -0.846  15.418  1.00 15.35 ? 8   MSE A CG  1 
HETATM 77   SE SE  . MSE A 1 11  ? -2.201  -0.909  14.728  1.00 23.32 ? 8   MSE A SE  1 
HETATM 78   C  CE  . MSE A 1 11  ? -2.968  0.600   15.757  1.00 18.50 ? 8   MSE A CE  1 
ATOM   79   N  N   . LYS A 1 12  ? 3.038   -3.707  14.355  1.00 11.81 ? 9   LYS A N   1 
ATOM   80   C  CA  . LYS A 1 12  ? 3.973   -4.532  13.581  1.00 12.40 ? 9   LYS A CA  1 
ATOM   81   C  C   . LYS A 1 12  ? 3.612   -4.608  12.102  1.00 11.28 ? 9   LYS A C   1 
ATOM   82   O  O   . LYS A 1 12  ? 2.457   -4.852  11.751  1.00 11.16 ? 9   LYS A O   1 
ATOM   83   C  CB  . LYS A 1 12  ? 4.098   -5.929  14.194  1.00 12.75 ? 9   LYS A CB  1 
ATOM   84   C  CG  . LYS A 1 12  ? 4.639   -5.919  15.633  1.00 17.44 ? 9   LYS A CG  1 
ATOM   85   C  CD  . LYS A 1 12  ? 6.040   -5.369  15.725  1.00 21.12 ? 9   LYS A CD  1 
ATOM   86   C  CE  . LYS A 1 12  ? 6.618   -5.437  17.187  1.00 22.87 ? 9   LYS A CE  1 
ATOM   87   N  NZ  . LYS A 1 12  ? 5.914   -6.368  18.109  1.00 25.24 ? 9   LYS A NZ  1 
ATOM   88   N  N   . PHE A 1 13  ? 4.612   -4.400  11.237  1.00 11.35 ? 10  PHE A N   1 
ATOM   89   C  CA  . PHE A 1 13  ? 4.401   -4.506  9.796   1.00 10.92 ? 10  PHE A CA  1 
ATOM   90   C  C   . PHE A 1 13  ? 3.658   -5.780  9.394   1.00 11.05 ? 10  PHE A C   1 
ATOM   91   O  O   . PHE A 1 13  ? 2.694   -5.734  8.630   1.00 11.53 ? 10  PHE A O   1 
ATOM   92   C  CB  . PHE A 1 13  ? 5.734   -4.444  9.020   1.00 10.93 ? 10  PHE A CB  1 
ATOM   93   C  CG  . PHE A 1 13  ? 5.577   -4.781  7.573   1.00 11.63 ? 10  PHE A CG  1 
ATOM   94   C  CD1 . PHE A 1 13  ? 5.023   -3.853  6.685   1.00 11.41 ? 10  PHE A CD1 1 
ATOM   95   C  CD2 . PHE A 1 13  ? 5.908   -6.060  7.102   1.00 12.15 ? 10  PHE A CD2 1 
ATOM   96   C  CE1 . PHE A 1 13  ? 4.840   -4.181  5.333   1.00 12.98 ? 10  PHE A CE1 1 
ATOM   97   C  CE2 . PHE A 1 13  ? 5.703   -6.395  5.780   1.00 11.42 ? 10  PHE A CE2 1 
ATOM   98   C  CZ  . PHE A 1 13  ? 5.168   -5.454  4.882   1.00 10.72 ? 10  PHE A CZ  1 
ATOM   99   N  N   . ALA A 1 14  ? 4.104   -6.924  9.894   1.00 10.33 ? 11  ALA A N   1 
ATOM   100  C  CA  . ALA A 1 14  ? 3.638   -8.180  9.329   1.00 10.97 ? 11  ALA A CA  1 
ATOM   101  C  C   . ALA A 1 14  ? 2.124   -8.364  9.515   1.00 11.17 ? 11  ALA A C   1 
ATOM   102  O  O   . ALA A 1 14  ? 1.415   -8.631  8.557   1.00 11.01 ? 11  ALA A O   1 
ATOM   103  C  CB  . ALA A 1 14  ? 4.457   -9.377  9.859   1.00 10.02 ? 11  ALA A CB  1 
ATOM   104  N  N   . ALA A 1 15  ? 1.626   -8.191  10.736  1.00 10.73 ? 12  ALA A N   1 
ATOM   105  C  CA  . ALA A 1 15  ? 0.194   -8.244  10.989  1.00 11.76 ? 12  ALA A CA  1 
ATOM   106  C  C   . ALA A 1 15  ? -0.622  -7.230  10.211  1.00 11.87 ? 12  ALA A C   1 
ATOM   107  O  O   . ALA A 1 15  ? -1.684  -7.557  9.671   1.00 11.84 ? 12  ALA A O   1 
ATOM   108  C  CB  . ALA A 1 15  ? -0.080  -8.074  12.471  1.00 10.90 ? 12  ALA A CB  1 
ATOM   109  N  N   . VAL A 1 16  ? -0.161  -5.983  10.178  1.00 11.62 ? 13  VAL A N   1 
ATOM   110  C  CA  . VAL A 1 16  ? -0.876  -4.954  9.404   1.00 11.46 ? 13  VAL A CA  1 
ATOM   111  C  C   . VAL A 1 16  ? -0.948  -5.320  7.904   1.00 11.60 ? 13  VAL A C   1 
ATOM   112  O  O   . VAL A 1 16  ? -2.017  -5.210  7.278   1.00 9.57  ? 13  VAL A O   1 
ATOM   113  C  CB  . VAL A 1 16  ? -0.269  -3.526  9.614   1.00 11.55 ? 13  VAL A CB  1 
ATOM   114  C  CG1 . VAL A 1 16  ? -1.044  -2.477  8.764   1.00 10.85 ? 13  VAL A CG1 1 
ATOM   115  C  CG2 . VAL A 1 16  ? -0.340  -3.137  11.132  1.00 11.05 ? 13  VAL A CG2 1 
ATOM   116  N  N   . TYR A 1 17  ? 0.192   -5.722  7.331   1.00 10.90 ? 14  TYR A N   1 
ATOM   117  C  CA  . TYR A 1 17  ? 0.257   -6.053  5.918   1.00 11.85 ? 14  TYR A CA  1 
ATOM   118  C  C   . TYR A 1 17  ? -0.568  -7.290  5.585   1.00 11.70 ? 14  TYR A C   1 
ATOM   119  O  O   . TYR A 1 17  ? -1.280  -7.334  4.543   1.00 12.34 ? 14  TYR A O   1 
ATOM   120  C  CB  . TYR A 1 17  ? 1.734   -6.220  5.488   1.00 11.96 ? 14  TYR A CB  1 
ATOM   121  C  CG  . TYR A 1 17  ? 1.914   -6.406  4.009   1.00 13.15 ? 14  TYR A CG  1 
ATOM   122  C  CD1 . TYR A 1 17  ? 1.736   -5.327  3.123   1.00 13.21 ? 14  TYR A CD1 1 
ATOM   123  C  CD2 . TYR A 1 17  ? 2.272   -7.649  3.488   1.00 13.88 ? 14  TYR A CD2 1 
ATOM   124  C  CE1 . TYR A 1 17  ? 1.892   -5.495  1.752   1.00 13.96 ? 14  TYR A CE1 1 
ATOM   125  C  CE2 . TYR A 1 17  ? 2.447   -7.828  2.108   1.00 14.09 ? 14  TYR A CE2 1 
ATOM   126  C  CZ  . TYR A 1 17  ? 2.243   -6.743  1.258   1.00 13.56 ? 14  TYR A CZ  1 
ATOM   127  O  OH  . TYR A 1 17  ? 2.410   -6.907  -0.082  1.00 13.00 ? 14  TYR A OH  1 
ATOM   128  N  N   . LEU A 1 18  ? -0.507  -8.297  6.459   1.00 11.73 ? 15  LEU A N   1 
ATOM   129  C  CA  . LEU A 1 18  ? -1.339  -9.497  6.270   1.00 12.18 ? 15  LEU A CA  1 
ATOM   130  C  C   . LEU A 1 18  ? -2.851  -9.217  6.351   1.00 12.58 ? 15  LEU A C   1 
ATOM   131  O  O   . LEU A 1 18  ? -3.658  -9.851  5.652   1.00 12.78 ? 15  LEU A O   1 
ATOM   132  C  CB  . LEU A 1 18  ? -0.924  -10.630 7.213   1.00 11.67 ? 15  LEU A CB  1 
ATOM   133  C  CG  . LEU A 1 18  ? 0.486   -11.200 6.961   1.00 11.97 ? 15  LEU A CG  1 
ATOM   134  C  CD1 . LEU A 1 18  ? 0.867   -12.101 8.129   1.00 14.13 ? 15  LEU A CD1 1 
ATOM   135  C  CD2 . LEU A 1 18  ? 0.531   -11.950 5.676   1.00 12.23 ? 15  LEU A CD2 1 
ATOM   136  N  N   . ALA A 1 19  ? -3.238  -8.244  7.167   1.00 13.19 ? 16  ALA A N   1 
ATOM   137  C  CA  . ALA A 1 19  ? -4.639  -7.795  7.168   1.00 13.71 ? 16  ALA A CA  1 
ATOM   138  C  C   . ALA A 1 19  ? -5.064  -7.144  5.847   1.00 14.33 ? 16  ALA A C   1 
ATOM   139  O  O   . ALA A 1 19  ? -6.211  -7.311  5.433   1.00 14.25 ? 16  ALA A O   1 
ATOM   140  C  CB  . ALA A 1 19  ? -4.895  -6.838  8.356   1.00 14.94 ? 16  ALA A CB  1 
ATOM   141  N  N   . LEU A 1 20  ? -4.168  -6.381  5.201   1.00 14.80 ? 17  LEU A N   1 
ATOM   142  C  CA  . LEU A 1 20  ? -4.435  -5.839  3.847   1.00 15.95 ? 17  LEU A CA  1 
ATOM   143  C  C   . LEU A 1 20  ? -4.716  -6.976  2.861   1.00 16.24 ? 17  LEU A C   1 
ATOM   144  O  O   . LEU A 1 20  ? -5.703  -6.963  2.114   1.00 15.96 ? 17  LEU A O   1 
ATOM   145  C  CB  . LEU A 1 20  ? -3.236  -5.036  3.303   1.00 16.53 ? 17  LEU A CB  1 
ATOM   146  C  CG  . LEU A 1 20  ? -2.802  -3.657  3.802   1.00 17.02 ? 17  LEU A CG  1 
ATOM   147  C  CD1 . LEU A 1 20  ? -1.610  -3.199  2.980   1.00 17.54 ? 17  LEU A CD1 1 
ATOM   148  C  CD2 . LEU A 1 20  ? -3.927  -2.636  3.732   1.00 19.01 ? 17  LEU A CD2 1 
ATOM   149  N  N   . ILE A 1 21  ? -3.834  -7.969  2.877   1.00 15.99 ? 18  ILE A N   1 
ATOM   150  C  CA  . ILE A 1 21  ? -3.995  -9.163  2.040   1.00 16.52 ? 18  ILE A CA  1 
ATOM   151  C  C   . ILE A 1 21  ? -5.317  -9.876  2.318   1.00 15.87 ? 18  ILE A C   1 
ATOM   152  O  O   . ILE A 1 21  ? -6.023  -10.271 1.387   1.00 16.03 ? 18  ILE A O   1 
ATOM   153  C  CB  . ILE A 1 21  ? -2.795  -10.121 2.203   1.00 16.28 ? 18  ILE A CB  1 
ATOM   154  C  CG1 . ILE A 1 21  ? -1.564  -9.500  1.525   1.00 18.01 ? 18  ILE A CG1 1 
ATOM   155  C  CG2 . ILE A 1 21  ? -3.111  -11.515 1.585   1.00 17.57 ? 18  ILE A CG2 1 
ATOM   156  C  CD1 . ILE A 1 21  ? -0.281  -10.078 1.941   1.00 17.39 ? 18  ILE A CD1 1 
ATOM   157  N  N   . ALA A 1 22  ? -5.663  -10.025 3.589   1.00 15.52 ? 19  ALA A N   1 
ATOM   158  C  CA  . ALA A 1 22  ? -6.908  -10.703 3.943   1.00 15.16 ? 19  ALA A CA  1 
ATOM   159  C  C   . ALA A 1 22  ? -8.123  -9.982  3.354   1.00 15.10 ? 19  ALA A C   1 
ATOM   160  O  O   . ALA A 1 22  ? -9.033  -10.643 2.899   1.00 14.21 ? 19  ALA A O   1 
ATOM   161  C  CB  . ALA A 1 22  ? -7.042  -10.847 5.447   1.00 15.51 ? 19  ALA A CB  1 
ATOM   162  N  N   . LYS A 1 23  ? -8.131  -8.640  3.406   1.00 15.17 ? 20  LYS A N   1 
ATOM   163  C  CA  A LYS A 1 23  ? -9.186  -7.824  2.798   0.50 15.42 ? 20  LYS A CA  1 
ATOM   164  C  CA  B LYS A 1 23  ? -9.197  -7.829  2.804   0.50 15.42 ? 20  LYS A CA  1 
ATOM   165  C  C   . LYS A 1 23  ? -9.324  -8.153  1.320   1.00 15.18 ? 20  LYS A C   1 
ATOM   166  O  O   . LYS A 1 23  ? -10.433 -8.364  0.817   1.00 15.08 ? 20  LYS A O   1 
ATOM   167  C  CB  A LYS A 1 23  ? -8.857  -6.328  2.948   0.50 16.05 ? 20  LYS A CB  1 
ATOM   168  C  CB  B LYS A 1 23  ? -8.909  -6.323  2.979   0.50 15.79 ? 20  LYS A CB  1 
ATOM   169  C  CG  A LYS A 1 23  ? -8.960  -5.810  4.367   0.50 17.43 ? 20  LYS A CG  1 
ATOM   170  C  CG  B LYS A 1 23  ? -10.134 -5.412  2.804   0.50 16.41 ? 20  LYS A CG  1 
ATOM   171  C  CD  A LYS A 1 23  ? -8.050  -4.616  4.604   0.50 20.65 ? 20  LYS A CD  1 
ATOM   172  C  CD  B LYS A 1 23  ? -9.751  -3.908  2.749   0.50 16.28 ? 20  LYS A CD  1 
ATOM   173  C  CE  A LYS A 1 23  ? -7.957  -4.282  6.096   0.50 21.10 ? 20  LYS A CE  1 
ATOM   174  C  CE  B LYS A 1 23  ? -9.762  -3.359  1.299   0.50 15.99 ? 20  LYS A CE  1 
ATOM   175  N  NZ  A LYS A 1 23  ? -6.712  -3.506  6.394   0.50 17.13 ? 20  LYS A NZ  1 
ATOM   176  N  NZ  B LYS A 1 23  ? -10.098 -1.893  1.184   0.50 13.25 ? 20  LYS A NZ  1 
ATOM   177  N  N   . VAL A 1 24  ? -8.189  -8.193  0.617   1.00 13.78 ? 21  VAL A N   1 
ATOM   178  C  CA  . VAL A 1 24  ? -8.231  -8.468  -0.815  1.00 13.68 ? 21  VAL A CA  1 
ATOM   179  C  C   . VAL A 1 24  ? -8.668  -9.908  -1.103  1.00 12.74 ? 21  VAL A C   1 
ATOM   180  O  O   . VAL A 1 24  ? -9.488  -10.155 -1.997  1.00 13.12 ? 21  VAL A O   1 
ATOM   181  C  CB  . VAL A 1 24  ? -6.881  -8.136  -1.481  1.00 13.61 ? 21  VAL A CB  1 
ATOM   182  C  CG1 . VAL A 1 24  ? -6.873  -8.576  -2.943  1.00 14.39 ? 21  VAL A CG1 1 
ATOM   183  C  CG2 . VAL A 1 24  ? -6.618  -6.628  -1.371  1.00 15.28 ? 21  VAL A CG2 1 
ATOM   184  N  N   . GLU A 1 25  ? -8.152  -10.864 -0.343  1.00 12.31 ? 22  GLU A N   1 
ATOM   185  C  CA  . GLU A 1 25  ? -8.542  -12.267 -0.570  1.00 12.87 ? 22  GLU A CA  1 
ATOM   186  C  C   . GLU A 1 25  ? -10.002 -12.514 -0.280  1.00 12.94 ? 22  GLU A C   1 
ATOM   187  O  O   . GLU A 1 25  ? -10.643 -13.297 -0.993  1.00 13.15 ? 22  GLU A O   1 
ATOM   188  C  CB  . GLU A 1 25  ? -7.646  -13.222 0.215   1.00 13.41 ? 22  GLU A CB  1 
ATOM   189  C  CG  . GLU A 1 25  ? -6.221  -13.254 -0.376  1.00 15.33 ? 22  GLU A CG  1 
ATOM   190  C  CD  . GLU A 1 25  ? -5.376  -14.402 0.182   1.00 19.21 ? 22  GLU A CD  1 
ATOM   191  O  OE1 . GLU A 1 25  ? -5.736  -14.954 1.231   1.00 19.04 ? 22  GLU A OE1 1 
ATOM   192  O  OE2 . GLU A 1 25  ? -4.362  -14.762 -0.440  1.00 22.75 ? 22  GLU A OE2 1 
ATOM   193  N  N   . ARG A 1 26  ? -10.537 -11.861 0.757   1.00 12.83 ? 23  ARG A N   1 
ATOM   194  C  CA  . ARG A 1 26  ? -11.974 -11.960 1.092   1.00 14.19 ? 23  ARG A CA  1 
ATOM   195  C  C   . ARG A 1 26  ? -12.880 -11.499 -0.049  1.00 13.93 ? 23  ARG A C   1 
ATOM   196  O  O   . ARG A 1 26  ? -14.053 -11.925 -0.159  1.00 13.96 ? 23  ARG A O   1 
ATOM   197  C  CB  . ARG A 1 26  ? -12.288 -11.164 2.379   1.00 14.01 ? 23  ARG A CB  1 
ATOM   198  C  CG  . ARG A 1 26  ? -11.901 -11.947 3.659   1.00 16.76 ? 23  ARG A CG  1 
ATOM   199  C  CD  . ARG A 1 26  ? -12.545 -11.369 4.923   1.00 16.88 ? 23  ARG A CD  1 
ATOM   200  N  NE  . ARG A 1 26  ? -12.205 -9.952  5.094   1.00 21.40 ? 23  ARG A NE  1 
ATOM   201  C  CZ  . ARG A 1 26  ? -11.171 -9.509  5.809   1.00 21.74 ? 23  ARG A CZ  1 
ATOM   202  N  NH1 . ARG A 1 26  ? -10.371 -10.368 6.442   1.00 22.09 ? 23  ARG A NH1 1 
ATOM   203  N  NH2 . ARG A 1 26  ? -10.946 -8.200  5.899   1.00 20.27 ? 23  ARG A NH2 1 
ATOM   204  N  N   . LYS A 1 27  ? -12.334 -10.638 -0.898  1.00 14.48 ? 24  LYS A N   1 
ATOM   205  C  CA  . LYS A 1 27  ? -13.069 -10.146 -2.073  1.00 15.82 ? 24  LYS A CA  1 
ATOM   206  C  C   . LYS A 1 27  ? -12.632 -10.801 -3.375  1.00 16.10 ? 24  LYS A C   1 
ATOM   207  O  O   . LYS A 1 27  ? -12.891 -10.265 -4.464  1.00 17.22 ? 24  LYS A O   1 
ATOM   208  C  CB  . LYS A 1 27  ? -12.970 -8.621  -2.174  1.00 15.54 ? 24  LYS A CB  1 
ATOM   209  C  CG  . LYS A 1 27  ? -13.467 -7.883  -0.930  1.00 15.39 ? 24  LYS A CG  1 
ATOM   210  C  CD  . LYS A 1 27  ? -14.898 -8.309  -0.608  1.00 16.09 ? 24  LYS A CD  1 
ATOM   211  C  CE  . LYS A 1 27  ? -15.473 -7.553  0.585   1.00 14.27 ? 24  LYS A CE  1 
ATOM   212  N  NZ  . LYS A 1 27  ? -16.875 -8.083  0.870   1.00 13.37 ? 24  LYS A NZ  1 
ATOM   213  N  N   . GLY A 1 28  ? -11.996 -11.955 -3.266  1.00 15.77 ? 25  GLY A N   1 
ATOM   214  C  CA  . GLY A 1 28  ? -11.654 -12.756 -4.438  1.00 17.05 ? 25  GLY A CA  1 
ATOM   215  C  C   . GLY A 1 28  ? -10.367 -12.387 -5.163  1.00 17.42 ? 25  GLY A C   1 
ATOM   216  O  O   . GLY A 1 28  ? -10.039 -12.995 -6.191  1.00 17.75 ? 25  GLY A O   1 
ATOM   217  N  N   . GLY A 1 29  ? -9.634  -11.403 -4.633  1.00 17.36 ? 26  GLY A N   1 
ATOM   218  C  CA  . GLY A 1 29  ? -8.346  -11.023 -5.203  1.00 16.75 ? 26  GLY A CA  1 
ATOM   219  C  C   . GLY A 1 29  ? -7.198  -11.924 -4.754  1.00 16.66 ? 26  GLY A C   1 
ATOM   220  O  O   . GLY A 1 29  ? -7.410  -12.902 -4.031  1.00 17.21 ? 26  GLY A O   1 
ATOM   221  N  N   . LYS A 1 30  ? -5.976  -11.572 -5.152  1.00 16.49 ? 27  LYS A N   1 
ATOM   222  C  CA  A LYS A 1 30  ? -4.801  -12.423 -4.913  0.50 16.07 ? 27  LYS A CA  1 
ATOM   223  C  CA  B LYS A 1 30  ? -4.799  -12.421 -4.910  0.50 15.73 ? 27  LYS A CA  1 
ATOM   224  C  C   . LYS A 1 30  ? -3.737  -11.688 -4.100  1.00 15.02 ? 27  LYS A C   1 
ATOM   225  O  O   . LYS A 1 30  ? -3.485  -10.517 -4.329  1.00 13.43 ? 27  LYS A O   1 
ATOM   226  C  CB  A LYS A 1 30  ? -4.190  -12.875 -6.247  0.50 16.89 ? 27  LYS A CB  1 
ATOM   227  C  CB  B LYS A 1 30  ? -4.165  -12.836 -6.237  0.50 16.30 ? 27  LYS A CB  1 
ATOM   228  C  CG  A LYS A 1 30  ? -4.952  -13.987 -6.972  0.50 19.45 ? 27  LYS A CG  1 
ATOM   229  C  CG  B LYS A 1 30  ? -5.138  -13.150 -7.361  0.50 17.33 ? 27  LYS A CG  1 
ATOM   230  C  CD  A LYS A 1 30  ? -4.039  -14.721 -7.959  0.50 23.29 ? 27  LYS A CD  1 
ATOM   231  C  CD  B LYS A 1 30  ? -4.395  -13.652 -8.579  0.50 18.52 ? 27  LYS A CD  1 
ATOM   232  C  CE  A LYS A 1 30  ? -4.790  -15.842 -8.690  0.50 25.31 ? 27  LYS A CE  1 
ATOM   233  C  CE  B LYS A 1 30  ? -3.308  -12.693 -9.034  0.50 19.29 ? 27  LYS A CE  1 
ATOM   234  N  NZ  A LYS A 1 30  ? -3.907  -16.966 -9.167  0.50 26.40 ? 27  LYS A NZ  1 
ATOM   235  N  NZ  B LYS A 1 30  ? -2.923  -12.995 -10.435 0.50 21.31 ? 27  LYS A NZ  1 
ATOM   236  N  N   . ALA A 1 31  ? -3.090  -12.396 -3.178  1.00 13.94 ? 28  ALA A N   1 
ATOM   237  C  CA  . ALA A 1 31  ? -2.004  -11.816 -2.377  1.00 13.89 ? 28  ALA A CA  1 
ATOM   238  C  C   . ALA A 1 31  ? -0.917  -11.176 -3.243  1.00 14.29 ? 28  ALA A C   1 
ATOM   239  O  O   . ALA A 1 31  ? -0.385  -10.094 -2.907  1.00 13.36 ? 28  ALA A O   1 
ATOM   240  C  CB  . ALA A 1 31  ? -1.373  -12.895 -1.449  1.00 13.91 ? 28  ALA A CB  1 
ATOM   241  N  N   . GLU A 1 32  ? -0.569  -11.848 -4.344  1.00 12.80 ? 29  GLU A N   1 
ATOM   242  C  CA  . GLU A 1 32  ? 0.455   -11.350 -5.253  1.00 13.57 ? 29  GLU A CA  1 
ATOM   243  C  C   . GLU A 1 32  ? 0.156   -9.934  -5.746  1.00 12.88 ? 29  GLU A C   1 
ATOM   244  O  O   . GLU A 1 32  ? 1.065   -9.141  -5.890  1.00 11.94 ? 29  GLU A O   1 
ATOM   245  C  CB  . GLU A 1 32  ? 0.667   -12.313 -6.443  1.00 14.37 ? 29  GLU A CB  1 
ATOM   246  C  CG  . GLU A 1 32  ? 1.931   -12.028 -7.264  1.00 18.19 ? 29  GLU A CG  1 
ATOM   247  C  CD  . GLU A 1 32  ? 3.282   -12.117 -6.499  1.00 25.50 ? 29  GLU A CD  1 
ATOM   248  O  OE1 . GLU A 1 32  ? 3.426   -12.889 -5.523  1.00 28.04 ? 29  GLU A OE1 1 
ATOM   249  O  OE2 . GLU A 1 32  ? 4.233   -11.417 -6.914  1.00 30.48 ? 29  GLU A OE2 1 
ATOM   250  N  N   . SER A 1 33  ? -1.117  -9.597  -5.965  1.00 12.29 ? 30  SER A N   1 
ATOM   251  C  CA  A SER A 1 33  ? -1.485  -8.261  -6.447  0.50 11.85 ? 30  SER A CA  1 
ATOM   252  C  CA  B SER A 1 33  ? -1.443  -8.270  -6.473  0.50 12.36 ? 30  SER A CA  1 
ATOM   253  C  C   . SER A 1 33  ? -1.121  -7.163  -5.444  1.00 12.21 ? 30  SER A C   1 
ATOM   254  O  O   . SER A 1 33  ? -0.716  -6.044  -5.827  1.00 11.82 ? 30  SER A O   1 
ATOM   255  C  CB  A SER A 1 33  ? -2.983  -8.184  -6.748  0.50 11.76 ? 30  SER A CB  1 
ATOM   256  C  CB  B SER A 1 33  ? -2.902  -8.204  -6.936  0.50 12.36 ? 30  SER A CB  1 
ATOM   257  O  OG  A SER A 1 33  ? -3.369  -9.227  -7.606  0.50 8.44  ? 30  SER A OG  1 
ATOM   258  O  OG  B SER A 1 33  ? -3.776  -8.312  -5.834  0.50 12.32 ? 30  SER A OG  1 
ATOM   259  N  N   . VAL A 1 34  ? -1.284  -7.479  -4.163  1.00 11.87 ? 31  VAL A N   1 
ATOM   260  C  CA  . VAL A 1 34  ? -0.922  -6.581  -3.071  1.00 11.15 ? 31  VAL A CA  1 
ATOM   261  C  C   . VAL A 1 34  ? 0.573   -6.351  -3.051  1.00 11.03 ? 31  VAL A C   1 
ATOM   262  O  O   . VAL A 1 34  ? 1.018   -5.185  -2.953  1.00 10.44 ? 31  VAL A O   1 
ATOM   263  C  CB  . VAL A 1 34  ? -1.406  -7.084  -1.686  1.00 11.22 ? 31  VAL A CB  1 
ATOM   264  C  CG1 . VAL A 1 34  ? -0.976  -6.112  -0.564  1.00 12.21 ? 31  VAL A CG1 1 
ATOM   265  C  CG2 . VAL A 1 34  ? -2.922  -7.213  -1.678  1.00 13.79 ? 31  VAL A CG2 1 
ATOM   266  N  N   . HIS A 1 35  ? 1.353   -7.432  -3.135  1.00 10.59 ? 32  HIS A N   1 
ATOM   267  C  CA  . HIS A 1 35  ? 2.816   -7.296  -3.175  1.00 10.91 ? 32  HIS A CA  1 
ATOM   268  C  C   . HIS A 1 35  ? 3.229   -6.387  -4.343  1.00 11.35 ? 32  HIS A C   1 
ATOM   269  O  O   . HIS A 1 35  ? 4.122   -5.559  -4.194  1.00 11.97 ? 32  HIS A O   1 
ATOM   270  C  CB  . HIS A 1 35  ? 3.552   -8.632  -3.387  1.00 10.75 ? 32  HIS A CB  1 
ATOM   271  C  CG  . HIS A 1 35  ? 3.134   -9.738  -2.465  1.00 11.36 ? 32  HIS A CG  1 
ATOM   272  N  ND1 . HIS A 1 35  ? 2.768   -9.533  -1.148  1.00 13.48 ? 32  HIS A ND1 1 
ATOM   273  C  CD2 . HIS A 1 35  ? 3.067   -11.069 -2.670  1.00 13.10 ? 32  HIS A CD2 1 
ATOM   274  C  CE1 . HIS A 1 35  ? 2.446   -10.693 -0.601  1.00 13.67 ? 32  HIS A CE1 1 
ATOM   275  N  NE2 . HIS A 1 35  ? 2.627   -11.641 -1.501  1.00 12.66 ? 32  HIS A NE2 1 
ATOM   276  N  N   . GLN A 1 36  ? 2.613   -6.603  -5.509  1.00 11.50 ? 33  GLN A N   1 
ATOM   277  C  CA  A GLN A 1 36  ? 2.935   -5.862  -6.736  0.50 11.98 ? 33  GLN A CA  1 
ATOM   278  C  CA  B GLN A 1 36  ? 2.944   -5.853  -6.730  0.50 11.98 ? 33  GLN A CA  1 
ATOM   279  C  C   . GLN A 1 36  ? 2.675   -4.352  -6.579  1.00 11.77 ? 33  GLN A C   1 
ATOM   280  O  O   . GLN A 1 36  ? 3.523   -3.536  -6.917  1.00 10.77 ? 33  GLN A O   1 
ATOM   281  C  CB  A GLN A 1 36  ? 2.193   -6.470  -7.949  0.50 11.94 ? 33  GLN A CB  1 
ATOM   282  C  CB  B GLN A 1 36  ? 2.212   -6.429  -7.956  0.50 12.18 ? 33  GLN A CB  1 
ATOM   283  C  CG  A GLN A 1 36  ? 2.805   -7.841  -8.410  0.50 12.37 ? 33  GLN A CG  1 
ATOM   284  C  CG  B GLN A 1 36  ? 2.724   -7.831  -8.418  0.50 13.70 ? 33  GLN A CG  1 
ATOM   285  C  CD  A GLN A 1 36  ? 1.919   -8.674  -9.346  0.50 13.01 ? 33  GLN A CD  1 
ATOM   286  C  CD  B GLN A 1 36  ? 4.181   -7.830  -8.880  0.50 15.86 ? 33  GLN A CD  1 
ATOM   287  O  OE1 A GLN A 1 36  ? 0.736   -8.372  -9.568  0.50 14.22 ? 33  GLN A OE1 1 
ATOM   288  O  OE1 B GLN A 1 36  ? 4.665   -6.851  -9.464  0.50 18.80 ? 33  GLN A OE1 1 
ATOM   289  N  NE2 A GLN A 1 36  ? 2.494   -9.755  -9.885  0.50 13.44 ? 33  GLN A NE2 1 
ATOM   290  N  NE2 B GLN A 1 36  ? 4.887   -8.925  -8.616  0.50 16.68 ? 33  GLN A NE2 1 
ATOM   291  N  N   . VAL A 1 37  ? 1.505   -3.972  -6.066  1.00 11.50 ? 34  VAL A N   1 
ATOM   292  C  CA  . VAL A 1 37  ? 1.223   -2.518  -5.899  1.00 11.12 ? 34  VAL A CA  1 
ATOM   293  C  C   . VAL A 1 37  ? 2.061   -1.898  -4.758  1.00 11.76 ? 34  VAL A C   1 
ATOM   294  O  O   . VAL A 1 37  ? 2.436   -0.732  -4.833  1.00 11.68 ? 34  VAL A O   1 
ATOM   295  C  CB  . VAL A 1 37  ? -0.311  -2.147  -5.736  1.00 11.31 ? 34  VAL A CB  1 
ATOM   296  C  CG1 . VAL A 1 37  ? -1.168  -2.711  -6.932  1.00 9.94  ? 34  VAL A CG1 1 
ATOM   297  C  CG2 . VAL A 1 37  ? -0.867  -2.622  -4.378  1.00 10.18 ? 34  VAL A CG2 1 
ATOM   298  N  N   . THR A 1 38  ? 2.375   -2.681  -3.725  1.00 10.69 ? 35  THR A N   1 
ATOM   299  C  CA  . THR A 1 38  ? 3.212   -2.190  -2.633  1.00 11.08 ? 35  THR A CA  1 
ATOM   300  C  C   . THR A 1 38  ? 4.632   -1.927  -3.172  1.00 11.65 ? 35  THR A C   1 
ATOM   301  O  O   . THR A 1 38  ? 5.224   -0.879  -2.894  1.00 12.30 ? 35  THR A O   1 
ATOM   302  C  CB  . THR A 1 38  ? 3.259   -3.193  -1.465  1.00 11.13 ? 35  THR A CB  1 
ATOM   303  O  OG1 . THR A 1 38  ? 1.919   -3.428  -0.999  1.00 12.88 ? 35  THR A OG1 1 
ATOM   304  C  CG2 . THR A 1 38  ? 4.125   -2.652  -0.312  1.00 9.59  ? 35  THR A CG2 1 
ATOM   305  N  N   . SER A 1 39  ? 5.171   -2.894  -3.896  1.00 10.72 ? 36  SER A N   1 
ATOM   306  C  CA  . SER A 1 39  ? 6.481   -2.759  -4.551  1.00 11.28 ? 36  SER A CA  1 
ATOM   307  C  C   . SER A 1 39  ? 6.542   -1.528  -5.490  1.00 11.81 ? 36  SER A C   1 
ATOM   308  O  O   . SER A 1 39  ? 7.486   -0.742  -5.451  1.00 11.26 ? 36  SER A O   1 
ATOM   309  C  CB  . SER A 1 39  ? 6.768   -4.024  -5.355  1.00 11.35 ? 36  SER A CB  1 
ATOM   310  O  OG  . SER A 1 39  ? 8.012   -3.902  -6.047  1.00 12.12 ? 36  SER A OG  1 
ATOM   311  N  N   . TRP A 1 40  ? 5.518   -1.369  -6.318  1.00 11.86 ? 37  TRP A N   1 
ATOM   312  C  CA  . TRP A 1 40  ? 5.426   -0.221  -7.220  1.00 12.21 ? 37  TRP A CA  1 
ATOM   313  C  C   . TRP A 1 40  ? 5.486   1.107   -6.464  1.00 11.87 ? 37  TRP A C   1 
ATOM   314  O  O   . TRP A 1 40  ? 6.279   1.988   -6.794  1.00 11.13 ? 37  TRP A O   1 
ATOM   315  C  CB  . TRP A 1 40  ? 4.138   -0.318  -8.049  1.00 12.34 ? 37  TRP A CB  1 
ATOM   316  C  CG  . TRP A 1 40  ? 3.952   0.855   -8.961  1.00 12.90 ? 37  TRP A CG  1 
ATOM   317  C  CD1 . TRP A 1 40  ? 4.548   1.079   -10.162 1.00 15.02 ? 37  TRP A CD1 1 
ATOM   318  C  CD2 . TRP A 1 40  ? 3.102   1.961   -8.723  1.00 13.42 ? 37  TRP A CD2 1 
ATOM   319  N  NE1 . TRP A 1 40  ? 4.112   2.263   -10.696 1.00 14.26 ? 37  TRP A NE1 1 
ATOM   320  C  CE2 . TRP A 1 40  ? 3.211   2.819   -9.831  1.00 14.20 ? 37  TRP A CE2 1 
ATOM   321  C  CE3 . TRP A 1 40  ? 2.211   2.287   -7.691  1.00 15.07 ? 37  TRP A CE3 1 
ATOM   322  C  CZ2 . TRP A 1 40  ? 2.503   4.003   -9.925  1.00 15.25 ? 37  TRP A CZ2 1 
ATOM   323  C  CZ3 . TRP A 1 40  ? 1.514   3.482   -7.777  1.00 15.08 ? 37  TRP A CZ3 1 
ATOM   324  C  CH2 . TRP A 1 40  ? 1.642   4.308   -8.902  1.00 14.19 ? 37  TRP A CH2 1 
ATOM   325  N  N   . LEU A 1 41  ? 4.679   1.224   -5.420  1.00 10.86 ? 38  LEU A N   1 
ATOM   326  C  CA  . LEU A 1 41  ? 4.594   2.455   -4.640  1.00 12.19 ? 38  LEU A CA  1 
ATOM   327  C  C   . LEU A 1 41  ? 5.889   2.828   -3.940  1.00 11.98 ? 38  LEU A C   1 
ATOM   328  O  O   . LEU A 1 41  ? 6.326   3.991   -3.990  1.00 11.38 ? 38  LEU A O   1 
ATOM   329  C  CB  . LEU A 1 41  ? 3.475   2.349   -3.580  1.00 11.58 ? 38  LEU A CB  1 
ATOM   330  C  CG  . LEU A 1 41  ? 3.411   3.504   -2.592  1.00 12.23 ? 38  LEU A CG  1 
ATOM   331  C  CD1 . LEU A 1 41  ? 3.000   4.823   -3.319  1.00 13.96 ? 38  LEU A CD1 1 
ATOM   332  C  CD2 . LEU A 1 41  ? 2.421   3.188   -1.476  1.00 11.48 ? 38  LEU A CD2 1 
ATOM   333  N  N   . THR A 1 42  ? 6.492   1.844   -3.281  1.00 11.76 ? 39  THR A N   1 
ATOM   334  C  CA  . THR A 1 42  ? 7.585   2.103   -2.352  1.00 11.30 ? 39  THR A CA  1 
ATOM   335  C  C   . THR A 1 42  ? 8.984   1.924   -2.951  1.00 11.21 ? 39  THR A C   1 
ATOM   336  O  O   . THR A 1 42  ? 9.947   2.450   -2.413  1.00 11.95 ? 39  THR A O   1 
ATOM   337  C  CB  . THR A 1 42  ? 7.475   1.159   -1.147  1.00 11.59 ? 39  THR A CB  1 
ATOM   338  O  OG1 . THR A 1 42  ? 7.578   -0.172  -1.632  1.00 11.80 ? 39  THR A OG1 1 
ATOM   339  C  CG2 . THR A 1 42  ? 6.122   1.341   -0.410  1.00 11.20 ? 39  THR A CG2 1 
ATOM   340  N  N   . GLY A 1 43  ? 9.110   1.171   -4.039  1.00 10.95 ? 40  GLY A N   1 
ATOM   341  C  CA  . GLY A 1 43  ? 10.429  0.839   -4.581  1.00 11.73 ? 40  GLY A CA  1 
ATOM   342  C  C   . GLY A 1 43  ? 11.056  -0.421  -3.979  1.00 12.28 ? 40  GLY A C   1 
ATOM   343  O  O   . GLY A 1 43  ? 12.083  -0.883  -4.458  1.00 13.07 ? 40  GLY A O   1 
ATOM   344  N  N   . TYR A 1 44  ? 10.457  -0.972  -2.921  1.00 12.71 ? 41  TYR A N   1 
ATOM   345  C  CA  . TYR A 1 44  ? 10.866  -2.286  -2.387  1.00 13.26 ? 41  TYR A CA  1 
ATOM   346  C  C   . TYR A 1 44  ? 10.627  -3.352  -3.453  1.00 14.00 ? 41  TYR A C   1 
ATOM   347  O  O   . TYR A 1 44  ? 9.602   -3.295  -4.145  1.00 12.65 ? 41  TYR A O   1 
ATOM   348  C  CB  . TYR A 1 44  ? 9.981   -2.668  -1.210  1.00 12.73 ? 41  TYR A CB  1 
ATOM   349  C  CG  . TYR A 1 44  ? 10.332  -2.046  0.122   1.00 13.05 ? 41  TYR A CG  1 
ATOM   350  C  CD1 . TYR A 1 44  ? 11.567  -2.267  0.727   1.00 12.16 ? 41  TYR A CD1 1 
ATOM   351  C  CD2 . TYR A 1 44  ? 9.381   -1.295  0.813   1.00 13.35 ? 41  TYR A CD2 1 
ATOM   352  C  CE1 . TYR A 1 44  ? 11.859  -1.702  2.002   1.00 11.79 ? 41  TYR A CE1 1 
ATOM   353  C  CE2 . TYR A 1 44  ? 9.654   -0.743  2.054   1.00 11.83 ? 41  TYR A CE2 1 
ATOM   354  C  CZ  . TYR A 1 44  ? 10.896  -0.940  2.640   1.00 13.02 ? 41  TYR A CZ  1 
ATOM   355  O  OH  . TYR A 1 44  ? 11.119  -0.406  3.896   1.00 12.02 ? 41  TYR A OH  1 
ATOM   356  N  N   . GLU A 1 45  ? 11.558  -4.304  -3.573  1.00 14.28 ? 42  GLU A N   1 
ATOM   357  C  CA  . GLU A 1 45  ? 11.359  -5.507  -4.401  1.00 15.44 ? 42  GLU A CA  1 
ATOM   358  C  C   . GLU A 1 45  ? 10.305  -6.353  -3.698  1.00 15.35 ? 42  GLU A C   1 
ATOM   359  O  O   . GLU A 1 45  ? 10.188  -6.287  -2.489  1.00 14.39 ? 42  GLU A O   1 
ATOM   360  C  CB  . GLU A 1 45  ? 12.653  -6.320  -4.543  1.00 16.29 ? 42  GLU A CB  1 
ATOM   361  C  CG  . GLU A 1 45  ? 13.787  -5.630  -5.327  1.00 20.76 ? 42  GLU A CG  1 
ATOM   362  C  CD  . GLU A 1 45  ? 13.362  -5.099  -6.705  1.00 27.08 ? 42  GLU A CD  1 
ATOM   363  O  OE1 . GLU A 1 45  ? 12.671  -5.824  -7.453  1.00 28.05 ? 42  GLU A OE1 1 
ATOM   364  O  OE2 . GLU A 1 45  ? 13.714  -3.935  -7.044  1.00 32.76 ? 42  GLU A OE2 1 
ATOM   365  N  N   . VAL A 1 46  ? 9.499   -7.099  -4.444  1.00 14.85 ? 43  VAL A N   1 
ATOM   366  C  CA  . VAL A 1 46  ? 8.526   -7.987  -3.810  1.00 15.93 ? 43  VAL A CA  1 
ATOM   367  C  C   . VAL A 1 46  ? 9.219   -8.875  -2.773  1.00 15.09 ? 43  VAL A C   1 
ATOM   368  O  O   . VAL A 1 46  ? 8.675   -9.095  -1.681  1.00 15.34 ? 43  VAL A O   1 
ATOM   369  C  CB  . VAL A 1 46  ? 7.793   -8.846  -4.868  1.00 16.01 ? 43  VAL A CB  1 
ATOM   370  C  CG1 . VAL A 1 46  ? 7.010   -10.030 -4.202  1.00 17.24 ? 43  VAL A CG1 1 
ATOM   371  C  CG2 . VAL A 1 46  ? 6.887   -7.944  -5.684  1.00 17.57 ? 43  VAL A CG2 1 
ATOM   372  N  N   . SER A 1 47  ? 10.429  -9.348  -3.086  1.00 14.31 ? 44  SER A N   1 
ATOM   373  C  CA  . SER A 1 47  ? 11.139  -10.230 -2.156  1.00 15.04 ? 44  SER A CA  1 
ATOM   374  C  C   . SER A 1 47  ? 11.496  -9.497  -0.862  1.00 15.67 ? 44  SER A C   1 
ATOM   375  O  O   . SER A 1 47  ? 11.542  -10.128 0.197   1.00 14.57 ? 44  SER A O   1 
ATOM   376  C  CB  . SER A 1 47  ? 12.399  -10.853 -2.768  1.00 15.31 ? 44  SER A CB  1 
ATOM   377  O  OG  . SER A 1 47  ? 13.281  -9.834  -3.243  1.00 16.61 ? 44  SER A OG  1 
ATOM   378  N  N   . ASP A 1 48  ? 11.770  -8.185  -0.971  1.00 16.01 ? 45  ASP A N   1 
ATOM   379  C  CA  . ASP A 1 48  ? 11.991  -7.314  0.192   1.00 16.90 ? 45  ASP A CA  1 
ATOM   380  C  C   . ASP A 1 48  ? 10.743  -7.247  1.069   1.00 16.22 ? 45  ASP A C   1 
ATOM   381  O  O   . ASP A 1 48  ? 10.806  -7.377  2.299   1.00 15.95 ? 45  ASP A O   1 
ATOM   382  C  CB  . ASP A 1 48  ? 12.327  -5.890  -0.268  1.00 17.31 ? 45  ASP A CB  1 
ATOM   383  C  CG  . ASP A 1 48  ? 13.699  -5.779  -0.913  1.00 20.81 ? 45  ASP A CG  1 
ATOM   384  O  OD1 . ASP A 1 48  ? 14.555  -6.633  -0.643  1.00 22.90 ? 45  ASP A OD1 1 
ATOM   385  O  OD2 . ASP A 1 48  ? 13.909  -4.801  -1.673  1.00 26.02 ? 45  ASP A OD2 1 
ATOM   386  N  N   . VAL A 1 49  ? 9.601   -7.025  0.437   1.00 15.55 ? 46  VAL A N   1 
ATOM   387  C  CA  . VAL A 1 49  ? 8.330   -6.959  1.178   1.00 15.79 ? 46  VAL A CA  1 
ATOM   388  C  C   . VAL A 1 49  ? 8.087   -8.274  1.944   1.00 15.71 ? 46  VAL A C   1 
ATOM   389  O  O   . VAL A 1 49  ? 7.800   -8.266  3.156   1.00 15.16 ? 46  VAL A O   1 
ATOM   390  C  CB  . VAL A 1 49  ? 7.161   -6.663  0.236   1.00 15.95 ? 46  VAL A CB  1 
ATOM   391  C  CG1 . VAL A 1 49  ? 5.821   -6.680  0.999   1.00 17.52 ? 46  VAL A CG1 1 
ATOM   392  C  CG2 . VAL A 1 49  ? 7.378   -5.295  -0.511  1.00 16.04 ? 46  VAL A CG2 1 
ATOM   393  N  N   . LEU A 1 50  ? 8.262   -9.403  1.251   1.00 15.40 ? 47  LEU A N   1 
ATOM   394  C  CA  . LEU A 1 50  ? 8.077   -10.715 1.862   1.00 16.00 ? 47  LEU A CA  1 
ATOM   395  C  C   . LEU A 1 50  ? 9.078   -10.994 2.981   1.00 16.35 ? 47  LEU A C   1 
ATOM   396  O  O   . LEU A 1 50  ? 8.726   -11.609 3.984   1.00 16.16 ? 47  LEU A O   1 
ATOM   397  C  CB  . LEU A 1 50  ? 8.136   -11.820 0.783   1.00 15.82 ? 47  LEU A CB  1 
ATOM   398  C  CG  . LEU A 1 50  ? 6.973   -11.768 -0.216  1.00 18.00 ? 47  LEU A CG  1 
ATOM   399  C  CD1 . LEU A 1 50  ? 7.066   -12.923 -1.165  1.00 19.61 ? 47  LEU A CD1 1 
ATOM   400  C  CD2 . LEU A 1 50  ? 5.602   -11.758 0.483   1.00 21.41 ? 47  LEU A CD2 1 
ATOM   401  N  N   . ALA A 1 51  ? 10.319  -10.533 2.820   1.00 16.11 ? 48  ALA A N   1 
ATOM   402  C  CA  . ALA A 1 51  ? 11.337  -10.720 3.865   1.00 16.18 ? 48  ALA A CA  1 
ATOM   403  C  C   . ALA A 1 51  ? 10.911  -10.021 5.166   1.00 16.42 ? 48  ALA A C   1 
ATOM   404  O  O   . ALA A 1 51  ? 11.142  -10.545 6.268   1.00 15.33 ? 48  ALA A O   1 
ATOM   405  C  CB  . ALA A 1 51  ? 12.725  -10.226 3.383   1.00 16.60 ? 48  ALA A CB  1 
ATOM   406  N  N   . CYS A 1 52  ? 10.245  -8.865  5.033   1.00 16.55 ? 49  CYS A N   1 
ATOM   407  C  CA  . CYS A 1 52  ? 9.779   -8.092  6.191   1.00 17.52 ? 49  CYS A CA  1 
ATOM   408  C  C   . CYS A 1 52  ? 8.721   -8.810  7.035   1.00 17.36 ? 49  CYS A C   1 
ATOM   409  O  O   . CYS A 1 52  ? 8.514   -8.464  8.198   1.00 16.56 ? 49  CYS A O   1 
ATOM   410  C  CB  . CYS A 1 52  ? 9.229   -6.731  5.762   1.00 17.68 ? 49  CYS A CB  1 
ATOM   411  S  SG  . CYS A 1 52  ? 10.486  -5.590  5.121   1.00 22.44 ? 49  CYS A SG  1 
ATOM   412  N  N   . LEU A 1 53  ? 8.045   -9.794  6.446   1.00 17.05 ? 50  LEU A N   1 
ATOM   413  C  CA  . LEU A 1 53  ? 7.101   -10.608 7.194   1.00 17.25 ? 50  LEU A CA  1 
ATOM   414  C  C   . LEU A 1 53  ? 7.807   -11.393 8.298   1.00 17.87 ? 50  LEU A C   1 
ATOM   415  O  O   . LEU A 1 53  ? 7.175   -11.776 9.284   1.00 17.81 ? 50  LEU A O   1 
ATOM   416  C  CB  . LEU A 1 53  ? 6.356   -11.583 6.271   1.00 16.49 ? 50  LEU A CB  1 
ATOM   417  C  CG  . LEU A 1 53  ? 5.427   -10.939 5.241   1.00 16.78 ? 50  LEU A CG  1 
ATOM   418  C  CD1 . LEU A 1 53  ? 4.830   -12.032 4.371   1.00 13.54 ? 50  LEU A CD1 1 
ATOM   419  C  CD2 . LEU A 1 53  ? 4.354   -10.091 5.968   1.00 12.52 ? 50  LEU A CD2 1 
ATOM   420  N  N   . ASP A 1 54  ? 9.100   -11.665 8.126   1.00 17.90 ? 51  ASP A N   1 
ATOM   421  C  CA  . ASP A 1 54  ? 9.848   -12.436 9.147   1.00 19.26 ? 51  ASP A CA  1 
ATOM   422  C  C   . ASP A 1 54  ? 10.700  -11.526 10.044  1.00 20.40 ? 51  ASP A C   1 
ATOM   423  O  O   . ASP A 1 54  ? 11.616  -11.982 10.738  1.00 21.50 ? 51  ASP A O   1 
ATOM   424  C  CB  . ASP A 1 54  ? 10.711  -13.508 8.475   1.00 19.71 ? 51  ASP A CB  1 
ATOM   425  C  CG  . ASP A 1 54  ? 11.303  -14.492 9.480   1.00 20.45 ? 51  ASP A CG  1 
ATOM   426  O  OD1 . ASP A 1 54  ? 10.564  -14.975 10.356  1.00 21.94 ? 51  ASP A OD1 1 
ATOM   427  O  OD2 . ASP A 1 54  ? 12.509  -14.779 9.391   1.00 22.54 ? 51  ASP A OD2 1 
ATOM   428  N  N   . ARG A 1 55  ? 10.386  -10.234 10.034  1.00 20.45 ? 52  ARG A N   1 
ATOM   429  C  CA  . ARG A 1 55  ? 11.066  -9.251  10.865  1.00 21.91 ? 52  ARG A CA  1 
ATOM   430  C  C   . ARG A 1 55  ? 10.054  -8.578  11.797  1.00 20.61 ? 52  ARG A C   1 
ATOM   431  O  O   . ARG A 1 55  ? 8.838   -8.625  11.552  1.00 20.07 ? 52  ARG A O   1 
ATOM   432  C  CB  . ARG A 1 55  ? 11.798  -8.231  9.979   1.00 21.60 ? 52  ARG A CB  1 
ATOM   433  C  CG  . ARG A 1 55  ? 13.008  -8.842  9.255   1.00 24.39 ? 52  ARG A CG  1 
ATOM   434  C  CD  . ARG A 1 55  ? 13.796  -7.848  8.384   1.00 26.83 ? 52  ARG A CD  1 
ATOM   435  N  NE  . ARG A 1 55  ? 14.880  -7.155  9.106   1.00 35.44 ? 52  ARG A NE  1 
ATOM   436  C  CZ  . ARG A 1 55  ? 14.972  -5.830  9.259   1.00 39.65 ? 52  ARG A CZ  1 
ATOM   437  N  NH1 . ARG A 1 55  ? 14.047  -5.015  8.740   1.00 41.43 ? 52  ARG A NH1 1 
ATOM   438  N  NH2 . ARG A 1 55  ? 15.999  -5.308  9.931   1.00 40.68 ? 52  ARG A NH2 1 
ATOM   439  N  N   . ASP A 1 56  ? 10.556  -7.981  12.872  1.00 20.24 ? 53  ASP A N   1 
ATOM   440  C  CA  A ASP A 1 56  ? 9.635   -7.329  13.812  0.50 20.18 ? 53  ASP A CA  1 
ATOM   441  C  CA  B ASP A 1 56  ? 9.781   -7.309  13.914  0.50 20.72 ? 53  ASP A CA  1 
ATOM   442  C  C   . ASP A 1 56  ? 9.502   -5.833  13.556  1.00 20.15 ? 53  ASP A C   1 
ATOM   443  O  O   . ASP A 1 56  ? 8.971   -5.074  14.384  1.00 21.53 ? 53  ASP A O   1 
ATOM   444  C  CB  A ASP A 1 56  ? 9.980   -7.656  15.263  0.50 20.31 ? 53  ASP A CB  1 
ATOM   445  C  CB  B ASP A 1 56  ? 10.596  -7.375  15.220  0.50 21.51 ? 53  ASP A CB  1 
ATOM   446  C  CG  A ASP A 1 56  ? 9.511   -9.038  15.667  0.50 21.47 ? 53  ASP A CG  1 
ATOM   447  C  CG  B ASP A 1 56  ? 9.819   -7.953  16.393  0.50 24.07 ? 53  ASP A CG  1 
ATOM   448  O  OD1 A ASP A 1 56  ? 8.267   -9.298  15.651  0.50 23.06 ? 53  ASP A OD1 1 
ATOM   449  O  OD1 B ASP A 1 56  ? 8.606   -8.244  16.259  0.50 27.97 ? 53  ASP A OD1 1 
ATOM   450  O  OD2 A ASP A 1 56  ? 10.388  -9.860  16.005  0.50 23.23 ? 53  ASP A OD2 1 
ATOM   451  O  OD2 B ASP A 1 56  ? 10.442  -8.126  17.476  0.50 28.08 ? 53  ASP A OD2 1 
ATOM   452  N  N   . VAL A 1 57  ? 9.896   -5.419  12.355  1.00 17.99 ? 54  VAL A N   1 
ATOM   453  C  CA  . VAL A 1 57  ? 9.786   -4.025  11.911  1.00 16.60 ? 54  VAL A CA  1 
ATOM   454  C  C   . VAL A 1 57  ? 8.343   -3.515  12.068  1.00 15.42 ? 54  VAL A C   1 
ATOM   455  O  O   . VAL A 1 57  ? 7.391   -4.277  11.892  1.00 15.73 ? 54  VAL A O   1 
ATOM   456  C  CB  . VAL A 1 57  ? 10.270  -3.892  10.432  1.00 16.55 ? 54  VAL A CB  1 
ATOM   457  C  CG1 . VAL A 1 57  ? 9.382   -4.672  9.495   1.00 16.12 ? 54  VAL A CG1 1 
ATOM   458  C  CG2 . VAL A 1 57  ? 10.390  -2.417  9.972   1.00 17.27 ? 54  VAL A CG2 1 
ATOM   459  N  N   . THR A 1 58  ? 8.193   -2.241  12.421  1.00 13.50 ? 55  THR A N   1 
ATOM   460  C  CA  . THR A 1 58  ? 6.869   -1.636  12.528  1.00 12.82 ? 55  THR A CA  1 
ATOM   461  C  C   . THR A 1 58  ? 6.381   -1.206  11.168  1.00 12.87 ? 55  THR A C   1 
ATOM   462  O  O   . THR A 1 58  ? 7.177   -1.019  10.221  1.00 11.85 ? 55  THR A O   1 
ATOM   463  C  CB  . THR A 1 58  ? 6.835   -0.408  13.454  1.00 12.43 ? 55  THR A CB  1 
ATOM   464  O  OG1 . THR A 1 58  ? 7.616   0.652   12.883  1.00 11.34 ? 55  THR A OG1 1 
ATOM   465  C  CG2 . THR A 1 58  ? 7.345   -0.777  14.888  1.00 11.97 ? 55  THR A CG2 1 
ATOM   466  N  N   . TYR A 1 59  ? 5.069   -1.063  11.064  1.00 12.32 ? 56  TYR A N   1 
ATOM   467  C  CA  . TYR A 1 59  ? 4.455   -0.567  9.833   1.00 12.23 ? 56  TYR A CA  1 
ATOM   468  C  C   . TYR A 1 59  ? 5.026   0.797   9.466   1.00 12.59 ? 56  TYR A C   1 
ATOM   469  O  O   . TYR A 1 59  ? 5.350   1.054   8.292   1.00 12.93 ? 56  TYR A O   1 
ATOM   470  C  CB  . TYR A 1 59  ? 2.921   -0.499  9.996   1.00 12.67 ? 56  TYR A CB  1 
ATOM   471  C  CG  . TYR A 1 59  ? 2.156   -0.536  8.680   1.00 12.87 ? 56  TYR A CG  1 
ATOM   472  C  CD1 . TYR A 1 59  ? 2.278   -1.622  7.801   1.00 13.60 ? 56  TYR A CD1 1 
ATOM   473  C  CD2 . TYR A 1 59  ? 1.295   0.513   8.331   1.00 13.36 ? 56  TYR A CD2 1 
ATOM   474  C  CE1 . TYR A 1 59  ? 1.545   -1.672  6.592   1.00 13.29 ? 56  TYR A CE1 1 
ATOM   475  C  CE2 . TYR A 1 59  ? 0.595   0.495   7.122   1.00 10.52 ? 56  TYR A CE2 1 
ATOM   476  C  CZ  . TYR A 1 59  ? 0.718   -0.595  6.269   1.00 13.79 ? 56  TYR A CZ  1 
ATOM   477  O  OH  . TYR A 1 59  ? 0.030   -0.602  5.089   1.00 14.06 ? 56  TYR A OH  1 
ATOM   478  N  N   . GLY A 1 60  ? 5.195   1.662   10.467  1.00 12.07 ? 57  GLY A N   1 
ATOM   479  C  CA  . GLY A 1 60  ? 5.748   2.993   10.210  1.00 12.54 ? 57  GLY A CA  1 
ATOM   480  C  C   . GLY A 1 60  ? 7.173   2.894   9.670   1.00 13.19 ? 57  GLY A C   1 
ATOM   481  O  O   . GLY A 1 60  ? 7.549   3.592   8.717   1.00 12.66 ? 57  GLY A O   1 
ATOM   482  N  N   . ASP A 1 61  ? 7.971   2.038   10.287  1.00 13.00 ? 58  ASP A N   1 
ATOM   483  C  CA  . ASP A 1 61  ? 9.371   1.913   9.884   1.00 13.42 ? 58  ASP A CA  1 
ATOM   484  C  C   . ASP A 1 61  ? 9.544   1.299   8.479   1.00 13.15 ? 58  ASP A C   1 
ATOM   485  O  O   . ASP A 1 61  ? 10.505  1.635   7.773   1.00 12.57 ? 58  ASP A O   1 
ATOM   486  C  CB  . ASP A 1 61  ? 10.149  1.146   10.927  1.00 13.27 ? 58  ASP A CB  1 
ATOM   487  C  CG  . ASP A 1 61  ? 10.597  2.031   12.100  1.00 16.40 ? 58  ASP A CG  1 
ATOM   488  O  OD1 . ASP A 1 61  ? 10.469  3.289   12.047  1.00 17.31 ? 58  ASP A OD1 1 
ATOM   489  O  OD2 . ASP A 1 61  ? 11.096  1.455   13.082  1.00 17.65 ? 58  ASP A OD2 1 
ATOM   490  N  N   . PHE A 1 62  ? 8.619   0.427   8.081   1.00 12.54 ? 59  PHE A N   1 
ATOM   491  C  CA  . PHE A 1 62  ? 8.544   -0.066  6.686   1.00 11.80 ? 59  PHE A CA  1 
ATOM   492  C  C   . PHE A 1 62  ? 8.418   1.088   5.673   1.00 12.30 ? 59  PHE A C   1 
ATOM   493  O  O   . PHE A 1 62  ? 9.197   1.185   4.713   1.00 11.17 ? 59  PHE A O   1 
ATOM   494  C  CB  . PHE A 1 62  ? 7.379   -1.055  6.536   1.00 11.90 ? 59  PHE A CB  1 
ATOM   495  C  CG  . PHE A 1 62  ? 7.204   -1.587  5.142   1.00 12.44 ? 59  PHE A CG  1 
ATOM   496  C  CD1 . PHE A 1 62  ? 7.950   -2.671  4.695   1.00 14.19 ? 59  PHE A CD1 1 
ATOM   497  C  CD2 . PHE A 1 62  ? 6.300   -1.000  4.282   1.00 12.89 ? 59  PHE A CD2 1 
ATOM   498  C  CE1 . PHE A 1 62  ? 7.773   -3.180  3.394   1.00 12.17 ? 59  PHE A CE1 1 
ATOM   499  C  CE2 . PHE A 1 62  ? 6.121   -1.499  2.966   1.00 14.09 ? 59  PHE A CE2 1 
ATOM   500  C  CZ  . PHE A 1 62  ? 6.862   -2.593  2.544   1.00 12.93 ? 59  PHE A CZ  1 
ATOM   501  N  N   . PHE A 1 63  ? 7.438   1.960   5.897   1.00 11.97 ? 60  PHE A N   1 
ATOM   502  C  CA  . PHE A 1 63  ? 7.275   3.170   5.089   1.00 12.50 ? 60  PHE A CA  1 
ATOM   503  C  C   . PHE A 1 63  ? 8.393   4.200   5.212   1.00 12.88 ? 60  PHE A C   1 
ATOM   504  O  O   . PHE A 1 63  ? 8.760   4.811   4.200   1.00 14.48 ? 60  PHE A O   1 
ATOM   505  C  CB  . PHE A 1 63  ? 5.893   3.803   5.323   1.00 12.12 ? 60  PHE A CB  1 
ATOM   506  C  CG  . PHE A 1 63  ? 4.814   3.077   4.623   1.00 13.68 ? 60  PHE A CG  1 
ATOM   507  C  CD1 . PHE A 1 63  ? 4.252   1.952   5.178   1.00 13.80 ? 60  PHE A CD1 1 
ATOM   508  C  CD2 . PHE A 1 63  ? 4.411   3.474   3.350   1.00 15.17 ? 60  PHE A CD2 1 
ATOM   509  C  CE1 . PHE A 1 63  ? 3.226   1.228   4.494   1.00 13.46 ? 60  PHE A CE1 1 
ATOM   510  C  CE2 . PHE A 1 63  ? 3.395   2.768   2.674   1.00 16.07 ? 60  PHE A CE2 1 
ATOM   511  C  CZ  . PHE A 1 63  ? 2.819   1.643   3.252   1.00 13.60 ? 60  PHE A CZ  1 
ATOM   512  N  N   . ARG A 1 64  ? 8.942   4.388   6.415   1.00 12.55 ? 61  ARG A N   1 
ATOM   513  C  CA  . ARG A 1 64  ? 10.026  5.368   6.590   1.00 13.60 ? 61  ARG A CA  1 
ATOM   514  C  C   . ARG A 1 64  ? 11.246  4.969   5.783   1.00 13.23 ? 61  ARG A C   1 
ATOM   515  O  O   . ARG A 1 64  ? 11.999  5.828   5.342   1.00 14.70 ? 61  ARG A O   1 
ATOM   516  C  CB  . ARG A 1 64  ? 10.430  5.559   8.055   1.00 14.20 ? 61  ARG A CB  1 
ATOM   517  C  CG  . ARG A 1 64  ? 9.370   6.210   8.922   1.00 14.02 ? 61  ARG A CG  1 
ATOM   518  C  CD  . ARG A 1 64  ? 9.881   6.325   10.369  1.00 14.05 ? 61  ARG A CD  1 
ATOM   519  N  NE  . ARG A 1 64  ? 8.841   6.901   11.235  1.00 15.42 ? 61  ARG A NE  1 
ATOM   520  C  CZ  . ARG A 1 64  ? 8.121   6.220   12.124  1.00 17.25 ? 61  ARG A CZ  1 
ATOM   521  N  NH1 . ARG A 1 64  ? 8.336   4.923   12.326  1.00 15.24 ? 61  ARG A NH1 1 
ATOM   522  N  NH2 . ARG A 1 64  ? 7.187   6.853   12.838  1.00 14.84 ? 61  ARG A NH2 1 
ATOM   523  N  N   . GLN A 1 65  ? 11.435  3.675   5.601   1.00 12.22 ? 62  GLN A N   1 
ATOM   524  C  CA  . GLN A 1 65  ? 12.643  3.152   4.934   1.00 14.45 ? 62  GLN A CA  1 
ATOM   525  C  C   . GLN A 1 65  ? 12.461  2.700   3.480   1.00 13.40 ? 62  GLN A C   1 
ATOM   526  O  O   . GLN A 1 65  ? 13.376  2.060   2.881   1.00 14.34 ? 62  GLN A O   1 
ATOM   527  C  CB  . GLN A 1 65  ? 13.229  2.027   5.785   1.00 14.28 ? 62  GLN A CB  1 
ATOM   528  C  CG  . GLN A 1 65  ? 13.724  2.548   7.146   1.00 18.74 ? 62  GLN A CG  1 
ATOM   529  C  CD  . GLN A 1 65  ? 14.159  1.429   8.073   1.00 24.88 ? 62  GLN A CD  1 
ATOM   530  O  OE1 . GLN A 1 65  ? 13.345  0.607   8.495   1.00 28.29 ? 62  GLN A OE1 1 
ATOM   531  N  NE2 . GLN A 1 65  ? 15.444  1.387   8.391   1.00 26.64 ? 62  GLN A NE2 1 
ATOM   532  N  N   . ALA A 1 66  ? 11.313  3.037   2.903   1.00 12.48 ? 63  ALA A N   1 
ATOM   533  C  CA  . ALA A 1 66  ? 11.032  2.715   1.499   1.00 11.85 ? 63  ALA A CA  1 
ATOM   534  C  C   . ALA A 1 66  ? 12.168  3.240   0.637   1.00 12.46 ? 63  ALA A C   1 
ATOM   535  O  O   . ALA A 1 66  ? 12.618  4.388   0.804   1.00 12.74 ? 63  ALA A O   1 
ATOM   536  C  CB  . ALA A 1 66  ? 9.714   3.321   1.054   1.00 10.83 ? 63  ALA A CB  1 
ATOM   537  N  N   . PRO A 1 67  ? 12.691  2.391   -0.255  1.00 12.47 ? 64  PRO A N   1 
ATOM   538  C  CA  . PRO A 1 67  ? 13.872  2.849   -1.013  1.00 11.81 ? 64  PRO A CA  1 
ATOM   539  C  C   . PRO A 1 67  ? 13.629  3.948   -2.044  1.00 11.35 ? 64  PRO A C   1 
ATOM   540  O  O   . PRO A 1 67  ? 14.523  4.750   -2.295  1.00 12.52 ? 64  PRO A O   1 
ATOM   541  C  CB  . PRO A 1 67  ? 14.369  1.580   -1.732  1.00 12.37 ? 64  PRO A CB  1 
ATOM   542  C  CG  . PRO A 1 67  ? 13.350  0.538   -1.506  1.00 12.61 ? 64  PRO A CG  1 
ATOM   543  C  CD  . PRO A 1 67  ? 12.296  1.004   -0.560  1.00 11.71 ? 64  PRO A CD  1 
ATOM   544  N  N   . TYR A 1 68  ? 12.459  3.984   -2.669  1.00 11.34 ? 65  TYR A N   1 
ATOM   545  C  CA  . TYR A 1 68  ? 12.263  4.903   -3.781  1.00 11.74 ? 65  TYR A CA  1 
ATOM   546  C  C   . TYR A 1 68  ? 10.785  5.086   -4.088  1.00 11.85 ? 65  TYR A C   1 
ATOM   547  O  O   . TYR A 1 68  ? 10.213  4.336   -4.881  1.00 11.63 ? 65  TYR A O   1 
ATOM   548  C  CB  . TYR A 1 68  ? 12.958  4.388   -5.042  1.00 12.72 ? 65  TYR A CB  1 
ATOM   549  C  CG  . TYR A 1 68  ? 13.343  5.486   -6.008  1.00 15.14 ? 65  TYR A CG  1 
ATOM   550  C  CD1 . TYR A 1 68  ? 12.402  6.084   -6.853  1.00 15.78 ? 65  TYR A CD1 1 
ATOM   551  C  CD2 . TYR A 1 68  ? 14.667  5.933   -6.063  1.00 15.48 ? 65  TYR A CD2 1 
ATOM   552  C  CE1 . TYR A 1 68  ? 12.802  7.119   -7.726  1.00 18.56 ? 65  TYR A CE1 1 
ATOM   553  C  CE2 . TYR A 1 68  ? 15.065  6.937   -6.923  1.00 17.72 ? 65  TYR A CE2 1 
ATOM   554  C  CZ  . TYR A 1 68  ? 14.134  7.531   -7.742  1.00 17.67 ? 65  TYR A CZ  1 
ATOM   555  O  OH  . TYR A 1 68  ? 14.588  8.526   -8.598  1.00 19.85 ? 65  TYR A OH  1 
ATOM   556  N  N   . TYR A 1 69  ? 10.173  6.107   -3.502  1.00 11.44 ? 66  TYR A N   1 
ATOM   557  C  CA  . TYR A 1 69  ? 8.745   6.319   -3.757  1.00 11.84 ? 66  TYR A CA  1 
ATOM   558  C  C   . TYR A 1 69  ? 8.553   6.747   -5.192  1.00 12.22 ? 66  TYR A C   1 
ATOM   559  O  O   . TYR A 1 69  ? 9.281   7.631   -5.679  1.00 12.62 ? 66  TYR A O   1 
ATOM   560  C  CB  . TYR A 1 69  ? 8.202   7.374   -2.800  1.00 11.35 ? 66  TYR A CB  1 
ATOM   561  C  CG  . TYR A 1 69  ? 7.886   6.803   -1.432  1.00 13.48 ? 66  TYR A CG  1 
ATOM   562  C  CD1 . TYR A 1 69  ? 6.701   6.070   -1.232  1.00 14.57 ? 66  TYR A CD1 1 
ATOM   563  C  CD2 . TYR A 1 69  ? 8.753   6.986   -0.354  1.00 13.23 ? 66  TYR A CD2 1 
ATOM   564  C  CE1 . TYR A 1 69  ? 6.391   5.539   -0.002  1.00 15.24 ? 66  TYR A CE1 1 
ATOM   565  C  CE2 . TYR A 1 69  ? 8.442   6.457   0.912   1.00 14.35 ? 66  TYR A CE2 1 
ATOM   566  C  CZ  . TYR A 1 69  ? 7.253   5.748   1.062   1.00 13.52 ? 66  TYR A CZ  1 
ATOM   567  O  OH  . TYR A 1 69  ? 6.915   5.222   2.260   1.00 13.91 ? 66  TYR A OH  1 
ATOM   568  N  N   . VAL A 1 70  ? 7.576   6.134   -5.862  1.00 12.76 ? 67  VAL A N   1 
ATOM   569  C  CA  . VAL A 1 70  ? 7.357   6.349   -7.304  1.00 13.39 ? 67  VAL A CA  1 
ATOM   570  C  C   . VAL A 1 70  ? 6.739   7.740   -7.523  1.00 13.80 ? 67  VAL A C   1 
ATOM   571  O  O   . VAL A 1 70  ? 5.850   8.152   -6.761  1.00 13.48 ? 67  VAL A O   1 
ATOM   572  C  CB  . VAL A 1 70  ? 6.494   5.188   -7.899  1.00 13.73 ? 67  VAL A CB  1 
ATOM   573  C  CG1 . VAL A 1 70  ? 5.023   5.287   -7.448  1.00 12.16 ? 67  VAL A CG1 1 
ATOM   574  C  CG2 . VAL A 1 70  ? 6.596   5.088   -9.430  1.00 15.91 ? 67  VAL A CG2 1 
ATOM   575  N  N   . PRO A 1 71  ? 7.243   8.494   -8.524  1.00 14.09 ? 68  PRO A N   1 
ATOM   576  C  CA  . PRO A 1 71  ? 6.719   9.833   -8.768  1.00 14.40 ? 68  PRO A CA  1 
ATOM   577  C  C   . PRO A 1 71  ? 5.195   9.868   -9.009  1.00 13.55 ? 68  PRO A C   1 
ATOM   578  O  O   . PRO A 1 71  ? 4.537   10.795  -8.565  1.00 12.59 ? 68  PRO A O   1 
ATOM   579  C  CB  . PRO A 1 71  ? 7.495   10.309  -10.018 1.00 14.70 ? 68  PRO A CB  1 
ATOM   580  C  CG  . PRO A 1 71  ? 8.756   9.504   -10.011 1.00 15.85 ? 68  PRO A CG  1 
ATOM   581  C  CD  . PRO A 1 71  ? 8.375   8.167   -9.414  1.00 14.77 ? 68  PRO A CD  1 
ATOM   582  N  N   . GLU A 1 72  ? 4.653   8.842   -9.659  1.00 13.02 ? 69  GLU A N   1 
ATOM   583  C  CA  . GLU A 1 72  ? 3.246   8.840   -10.054 1.00 12.24 ? 69  GLU A CA  1 
ATOM   584  C  C   . GLU A 1 72  ? 2.295   8.688   -8.863  1.00 11.81 ? 69  GLU A C   1 
ATOM   585  O  O   . GLU A 1 72  ? 1.079   8.753   -9.018  1.00 12.43 ? 69  GLU A O   1 
ATOM   586  C  CB  . GLU A 1 72  ? 3.008   7.727   -11.083 1.00 12.60 ? 69  GLU A CB  1 
ATOM   587  C  CG  . GLU A 1 72  ? 3.610   8.033   -12.474 1.00 15.54 ? 69  GLU A CG  1 
ATOM   588  C  CD  . GLU A 1 72  ? 5.138   7.824   -12.559 1.00 20.73 ? 69  GLU A CD  1 
ATOM   589  O  OE1 . GLU A 1 72  ? 5.758   7.279   -11.611 1.00 21.03 ? 69  GLU A OE1 1 
ATOM   590  O  OE2 . GLU A 1 72  ? 5.718   8.192   -13.597 1.00 20.63 ? 69  GLU A OE2 1 
ATOM   591  N  N   . ARG A 1 73  ? 2.850   8.490   -7.669  1.00 11.05 ? 70  ARG A N   1 
ATOM   592  C  CA  . ARG A 1 73  ? 2.012   8.284   -6.487  1.00 11.55 ? 70  ARG A CA  1 
ATOM   593  C  C   . ARG A 1 73  ? 1.264   9.562   -6.096  1.00 11.06 ? 70  ARG A C   1 
ATOM   594  O  O   . ARG A 1 73  ? 0.263   9.512   -5.391  1.00 12.18 ? 70  ARG A O   1 
ATOM   595  C  CB  . ARG A 1 73  ? 2.859   7.771   -5.318  1.00 11.35 ? 70  ARG A CB  1 
ATOM   596  C  CG  . ARG A 1 73  ? 3.680   8.846   -4.642  1.00 11.14 ? 70  ARG A CG  1 
ATOM   597  C  CD  . ARG A 1 73  ? 4.708   8.264   -3.679  1.00 10.84 ? 70  ARG A CD  1 
ATOM   598  N  NE  . ARG A 1 73  ? 5.279   9.358   -2.894  1.00 12.32 ? 70  ARG A NE  1 
ATOM   599  C  CZ  . ARG A 1 73  ? 6.131   10.264  -3.358  1.00 12.50 ? 70  ARG A CZ  1 
ATOM   600  N  NH1 . ARG A 1 73  ? 6.569   10.202  -4.623  1.00 11.94 ? 70  ARG A NH1 1 
ATOM   601  N  NH2 . ARG A 1 73  ? 6.544   11.235  -2.541  1.00 15.18 ? 70  ARG A NH2 1 
ATOM   602  N  N   . ILE A 1 74  ? 1.749   10.712  -6.574  1.00 10.50 ? 71  ILE A N   1 
ATOM   603  C  CA  . ILE A 1 74  ? 1.094   11.993  -6.338  1.00 10.37 ? 71  ILE A CA  1 
ATOM   604  C  C   . ILE A 1 74  ? -0.309  12.007  -7.005  1.00 10.09 ? 71  ILE A C   1 
ATOM   605  O  O   . ILE A 1 74  ? -1.216  12.736  -6.578  1.00 8.92  ? 71  ILE A O   1 
ATOM   606  C  CB  . ILE A 1 74  ? 1.983   13.135  -6.907  1.00 10.23 ? 71  ILE A CB  1 
ATOM   607  C  CG1 . ILE A 1 74  ? 3.393   13.131  -6.247  1.00 12.59 ? 71  ILE A CG1 1 
ATOM   608  C  CG2 . ILE A 1 74  ? 1.304   14.526  -6.876  1.00 12.47 ? 71  ILE A CG2 1 
ATOM   609  C  CD1 . ILE A 1 74  ? 3.436   13.021  -4.739  1.00 12.56 ? 71  ILE A CD1 1 
ATOM   610  N  N   . ALA A 1 75  ? -0.477  11.205  -8.051  1.00 9.19  ? 72  ALA A N   1 
ATOM   611  C  CA  . ALA A 1 75  ? -1.780  11.085  -8.728  1.00 9.37  ? 72  ALA A CA  1 
ATOM   612  C  C   . ALA A 1 75  ? -2.795  10.198  -7.992  1.00 9.56  ? 72  ALA A C   1 
ATOM   613  O  O   . ALA A 1 75  ? -3.972  10.166  -8.388  1.00 9.66  ? 72  ALA A O   1 
ATOM   614  C  CB  . ALA A 1 75  ? -1.582  10.595  -10.179 1.00 10.07 ? 72  ALA A CB  1 
ATOM   615  N  N   . ILE A 1 76  ? -2.349  9.479   -6.950  1.00 10.62 ? 73  ILE A N   1 
ATOM   616  C  CA  . ILE A 1 76  ? -3.255  8.706   -6.091  1.00 11.80 ? 73  ILE A CA  1 
ATOM   617  C  C   . ILE A 1 76  ? -4.012  9.681   -5.169  1.00 12.89 ? 73  ILE A C   1 
ATOM   618  O  O   . ILE A 1 76  ? -3.594  9.981   -4.021  1.00 13.17 ? 73  ILE A O   1 
ATOM   619  C  CB  . ILE A 1 76  ? -2.532  7.600   -5.272  1.00 12.78 ? 73  ILE A CB  1 
ATOM   620  C  CG1 . ILE A 1 76  ? -1.679  6.711   -6.190  1.00 8.97  ? 73  ILE A CG1 1 
ATOM   621  C  CG2 . ILE A 1 76  ? -3.564  6.752   -4.519  1.00 10.79 ? 73  ILE A CG2 1 
ATOM   622  C  CD1 . ILE A 1 76  ? -0.586  5.884   -5.446  1.00 11.79 ? 73  ILE A CD1 1 
ATOM   623  N  N   . THR A 1 77  ? -5.118  10.200  -5.692  1.00 13.62 ? 74  THR A N   1 
ATOM   624  C  CA  . THR A 1 77  ? -5.913  11.212  -4.979  1.00 14.67 ? 74  THR A CA  1 
ATOM   625  C  C   . THR A 1 77  ? -7.283  10.610  -4.594  1.00 15.80 ? 74  THR A C   1 
ATOM   626  O  O   . THR A 1 77  ? -7.601  9.482   -4.982  1.00 16.66 ? 74  THR A O   1 
ATOM   627  C  CB  . THR A 1 77  ? -6.113  12.475  -5.841  1.00 14.35 ? 74  THR A CB  1 
ATOM   628  O  OG1 . THR A 1 77  ? -6.759  12.099  -7.069  1.00 15.45 ? 74  THR A OG1 1 
ATOM   629  C  CG2 . THR A 1 77  ? -4.769  13.141  -6.161  1.00 13.71 ? 74  THR A CG2 1 
ATOM   630  N  N   . GLY A 1 78  ? -8.080  11.347  -3.827  1.00 16.47 ? 75  GLY A N   1 
ATOM   631  C  CA  . GLY A 1 78  ? -9.419  10.877  -3.462  1.00 17.69 ? 75  GLY A CA  1 
ATOM   632  C  C   . GLY A 1 78  ? -9.497  10.450  -2.012  1.00 18.66 ? 75  GLY A C   1 
ATOM   633  O  O   . GLY A 1 78  ? -8.571  10.690  -1.239  1.00 18.90 ? 75  GLY A O   1 
ATOM   634  N  N   . LYS A 1 79  ? -10.586 9.784   -1.660  1.00 19.91 ? 76  LYS A N   1 
ATOM   635  C  CA  . LYS A 1 79  ? -10.911 9.478   -0.274  1.00 21.01 ? 76  LYS A CA  1 
ATOM   636  C  C   . LYS A 1 79  ? -10.573 8.040   0.047   1.00 21.73 ? 76  LYS A C   1 
ATOM   637  O  O   . LYS A 1 79  ? -10.730 7.155   -0.792  1.00 22.01 ? 76  LYS A O   1 
ATOM   638  C  CB  . LYS A 1 79  ? -12.406 9.683   -0.009  1.00 21.68 ? 76  LYS A CB  1 
ATOM   639  C  CG  . LYS A 1 79  ? -12.913 11.114  -0.096  1.00 24.07 ? 76  LYS A CG  1 
ATOM   640  C  CD  . LYS A 1 79  ? -12.386 11.953  1.027   1.00 26.52 ? 76  LYS A CD  1 
ATOM   641  C  CE  . LYS A 1 79  ? -13.442 12.240  2.075   1.00 29.88 ? 76  LYS A CE  1 
ATOM   642  N  NZ  . LYS A 1 79  ? -13.089 13.521  2.776   1.00 32.68 ? 76  LYS A NZ  1 
ATOM   643  N  N   . ILE A 1 80  ? -10.127 7.814   1.273   1.00 22.28 ? 77  ILE A N   1 
ATOM   644  C  CA  . ILE A 1 80  ? -9.905  6.469   1.787   1.00 23.44 ? 77  ILE A CA  1 
ATOM   645  C  C   . ILE A 1 80  ? -9.884  6.592   3.300   1.00 24.56 ? 77  ILE A C   1 
ATOM   646  O  O   . ILE A 1 80  ? -9.488  7.630   3.834   1.00 24.91 ? 77  ILE A O   1 
ATOM   647  C  CB  . ILE A 1 80  ? -8.591  5.819   1.200   1.00 22.85 ? 77  ILE A CB  1 
ATOM   648  C  CG1 . ILE A 1 80  ? -8.651  4.286   1.207   1.00 22.18 ? 77  ILE A CG1 1 
ATOM   649  C  CG2 . ILE A 1 80  ? -7.321  6.371   1.879   1.00 23.28 ? 77  ILE A CG2 1 
ATOM   650  C  CD1 . ILE A 1 80  ? -9.793  3.682   0.356   1.00 21.33 ? 77  ILE A CD1 1 
ATOM   651  N  N   . CYS A 1 81  ? -10.344 5.551   3.992   1.00 26.12 ? 78  CYS A N   1 
ATOM   652  C  CA  . CYS A 1 81  ? -10.383 5.533   5.461   1.00 27.20 ? 78  CYS A CA  1 
ATOM   653  C  C   . CYS A 1 81  ? -10.975 6.823   6.039   1.00 26.60 ? 78  CYS A C   1 
ATOM   654  O  O   . CYS A 1 81  ? -10.554 7.269   7.113   1.00 27.48 ? 78  CYS A O   1 
ATOM   655  C  CB  . CYS A 1 81  ? -8.978  5.293   6.037   1.00 27.50 ? 78  CYS A CB  1 
ATOM   656  S  SG  . CYS A 1 81  ? -8.074  3.858   5.349   1.00 32.21 ? 78  CYS A SG  1 
ATOM   657  N  N   . GLY A 1 82  ? -11.908 7.439   5.310   1.00 25.55 ? 79  GLY A N   1 
ATOM   658  C  CA  . GLY A 1 82  ? -12.614 8.658   5.761   1.00 24.11 ? 79  GLY A CA  1 
ATOM   659  C  C   . GLY A 1 82  ? -12.043 10.039  5.410   1.00 23.45 ? 79  GLY A C   1 
ATOM   660  O  O   . GLY A 1 82  ? -12.690 11.067  5.668   1.00 23.12 ? 79  GLY A O   1 
ATOM   661  N  N   . VAL A 1 83  ? -10.837 10.081  4.821   1.00 21.47 ? 80  VAL A N   1 
ATOM   662  C  CA  . VAL A 1 83  ? -10.123 11.347  4.631   1.00 19.35 ? 80  VAL A CA  1 
ATOM   663  C  C   . VAL A 1 83  ? -9.594  11.532  3.207   1.00 18.04 ? 80  VAL A C   1 
ATOM   664  O  O   . VAL A 1 83  ? -9.418  10.562  2.459   1.00 17.01 ? 80  VAL A O   1 
ATOM   665  C  CB  . VAL A 1 83  ? -8.937  11.526  5.643   1.00 19.70 ? 80  VAL A CB  1 
ATOM   666  C  CG1 . VAL A 1 83  ? -9.459  11.656  7.097   1.00 19.94 ? 80  VAL A CG1 1 
ATOM   667  C  CG2 . VAL A 1 83  ? -7.922  10.381  5.527   1.00 20.63 ? 80  VAL A CG2 1 
ATOM   668  N  N   . ARG A 1 84  ? -9.331  12.784  2.842   1.00 16.45 ? 81  ARG A N   1 
ATOM   669  C  CA  . ARG A 1 84  ? -8.811  13.085  1.513   1.00 15.50 ? 81  ARG A CA  1 
ATOM   670  C  C   . ARG A 1 84  ? -7.291  12.928  1.488   1.00 14.55 ? 81  ARG A C   1 
ATOM   671  O  O   . ARG A 1 84  ? -6.579  13.651  2.199   1.00 12.87 ? 81  ARG A O   1 
ATOM   672  C  CB  . ARG A 1 84  ? -9.228  14.487  1.095   1.00 16.07 ? 81  ARG A CB  1 
ATOM   673  C  CG  . ARG A 1 84  ? -9.091  14.704  -0.353  1.00 19.07 ? 81  ARG A CG  1 
ATOM   674  C  CD  . ARG A 1 84  ? -9.902  15.908  -0.845  1.00 24.41 ? 81  ARG A CD  1 
ATOM   675  N  NE  . ARG A 1 84  ? -11.344 15.668  -0.898  1.00 28.14 ? 81  ARG A NE  1 
ATOM   676  C  CZ  . ARG A 1 84  ? -11.963 14.874  -1.771  1.00 31.76 ? 81  ARG A CZ  1 
ATOM   677  N  NH1 . ARG A 1 84  ? -11.275 14.188  -2.680  1.00 33.42 ? 81  ARG A NH1 1 
ATOM   678  N  NH2 . ARG A 1 84  ? -13.284 14.752  -1.717  1.00 32.73 ? 81  ARG A NH2 1 
ATOM   679  N  N   . ILE A 1 85  ? -6.799  12.017  0.641   1.00 12.85 ? 82  ILE A N   1 
ATOM   680  C  CA  . ILE A 1 85  ? -5.390  11.588  0.685   1.00 12.55 ? 82  ILE A CA  1 
ATOM   681  C  C   . ILE A 1 85  ? -4.455  12.752  0.418   1.00 13.26 ? 82  ILE A C   1 
ATOM   682  O  O   . ILE A 1 85  ? -3.505  12.990  1.170   1.00 13.06 ? 82  ILE A O   1 
ATOM   683  C  CB  . ILE A 1 85  ? -5.135  10.449  -0.326  1.00 13.24 ? 82  ILE A CB  1 
ATOM   684  C  CG1 . ILE A 1 85  ? -5.806  9.149   0.142   1.00 13.69 ? 82  ILE A CG1 1 
ATOM   685  C  CG2 . ILE A 1 85  ? -3.633  10.208  -0.547  1.00 13.39 ? 82  ILE A CG2 1 
ATOM   686  C  CD1 . ILE A 1 85  ? -6.167  8.216   -1.049  1.00 13.97 ? 82  ILE A CD1 1 
ATOM   687  N  N   . GLU A 1 86  ? -4.764  13.509  -0.633  1.00 13.42 ? 83  GLU A N   1 
ATOM   688  C  CA  . GLU A 1 86  ? -3.954  14.662  -1.019  1.00 14.43 ? 83  GLU A CA  1 
ATOM   689  C  C   . GLU A 1 86  ? -3.935  15.810  0.025   1.00 14.42 ? 83  GLU A C   1 
ATOM   690  O  O   . GLU A 1 86  ? -3.081  16.687  -0.046  1.00 14.15 ? 83  GLU A O   1 
ATOM   691  C  CB  . GLU A 1 86  ? -4.381  15.198  -2.387  1.00 14.36 ? 83  GLU A CB  1 
ATOM   692  C  CG  . GLU A 1 86  ? -5.814  15.737  -2.404  1.00 13.42 ? 83  GLU A CG  1 
ATOM   693  C  CD  . GLU A 1 86  ? -6.846  14.692  -2.831  1.00 14.89 ? 83  GLU A CD  1 
ATOM   694  O  OE1 . GLU A 1 86  ? -6.650  13.486  -2.578  1.00 14.14 ? 83  GLU A OE1 1 
ATOM   695  O  OE2 . GLU A 1 86  ? -7.878  15.083  -3.415  1.00 14.63 ? 83  GLU A OE2 1 
ATOM   696  N  N   . GLU A 1 87  ? -4.852  15.779  0.991   1.00 14.67 ? 84  GLU A N   1 
ATOM   697  C  CA  . GLU A 1 87  ? -4.907  16.786  2.060   1.00 14.92 ? 84  GLU A CA  1 
ATOM   698  C  C   . GLU A 1 87  ? -4.326  16.318  3.387   1.00 14.91 ? 84  GLU A C   1 
ATOM   699  O  O   . GLU A 1 87  ? -4.413  17.038  4.392   1.00 14.56 ? 84  GLU A O   1 
ATOM   700  C  CB  . GLU A 1 87  ? -6.355  17.250  2.259   1.00 15.16 ? 84  GLU A CB  1 
ATOM   701  C  CG  . GLU A 1 87  ? -6.811  18.109  1.094   1.00 17.21 ? 84  GLU A CG  1 
ATOM   702  C  CD  . GLU A 1 87  ? -8.285  18.466  1.139   1.00 23.05 ? 84  GLU A CD  1 
ATOM   703  O  OE1 . GLU A 1 87  ? -8.960  18.217  2.171   1.00 23.87 ? 84  GLU A OE1 1 
ATOM   704  O  OE2 . GLU A 1 87  ? -8.761  19.009  0.120   1.00 25.32 ? 84  GLU A OE2 1 
ATOM   705  N  N   . ILE A 1 88  ? -3.748  15.121  3.404   1.00 14.85 ? 85  ILE A N   1 
ATOM   706  C  CA  . ILE A 1 88  ? -3.135  14.592  4.630   1.00 15.48 ? 85  ILE A CA  1 
ATOM   707  C  C   . ILE A 1 88  ? -1.802  15.296  4.913   1.00 16.29 ? 85  ILE A C   1 
ATOM   708  O  O   . ILE A 1 88  ? -0.861  15.207  4.120   1.00 15.88 ? 85  ILE A O   1 
ATOM   709  C  CB  . ILE A 1 88  ? -2.941  13.045  4.592   1.00 14.96 ? 85  ILE A CB  1 
ATOM   710  C  CG1 . ILE A 1 88  ? -4.297  12.332  4.435   1.00 14.81 ? 85  ILE A CG1 1 
ATOM   711  C  CG2 . ILE A 1 88  ? -2.199  12.556  5.870   1.00 14.89 ? 85  ILE A CG2 1 
ATOM   712  C  CD1 . ILE A 1 88  ? -4.168  10.836  4.132   1.00 15.19 ? 85  ILE A CD1 1 
ATOM   713  N  N   . ASP A 1 89  ? -1.722  15.951  6.064   1.00 17.79 ? 86  ASP A N   1 
ATOM   714  C  CA  . ASP A 1 89  ? -0.547  16.753  6.413   1.00 19.58 ? 86  ASP A CA  1 
ATOM   715  C  C   . ASP A 1 89  ? 0.689   15.938  6.770   1.00 19.67 ? 86  ASP A C   1 
ATOM   716  O  O   . ASP A 1 89  ? 1.808   16.268  6.350   1.00 19.77 ? 86  ASP A O   1 
ATOM   717  C  CB  . ASP A 1 89  ? -0.882  17.688  7.565   1.00 20.94 ? 86  ASP A CB  1 
ATOM   718  C  CG  . ASP A 1 89  ? -1.492  18.990  7.102   1.00 25.13 ? 86  ASP A CG  1 
ATOM   719  O  OD1 . ASP A 1 89  ? -1.375  19.339  5.888   1.00 30.20 ? 86  ASP A OD1 1 
ATOM   720  O  OD2 . ASP A 1 89  ? -2.098  19.675  7.966   1.00 30.52 ? 86  ASP A OD2 1 
ATOM   721  N  N   . ASP A 1 90  ? 0.468   14.880  7.546   1.00 18.43 ? 87  ASP A N   1 
ATOM   722  C  CA  . ASP A 1 90  ? 1.517   13.978  7.975   1.00 18.52 ? 87  ASP A CA  1 
ATOM   723  C  C   . ASP A 1 90  ? 1.980   13.167  6.755   1.00 18.05 ? 87  ASP A C   1 
ATOM   724  O  O   . ASP A 1 90  ? 1.191   12.379  6.205   1.00 17.13 ? 87  ASP A O   1 
ATOM   725  C  CB  . ASP A 1 90  ? 0.926   13.056  9.039   1.00 17.97 ? 87  ASP A CB  1 
ATOM   726  C  CG  . ASP A 1 90  ? 1.955   12.151  9.679   1.00 19.01 ? 87  ASP A CG  1 
ATOM   727  O  OD1 . ASP A 1 90  ? 3.016   11.903  9.065   1.00 16.02 ? 87  ASP A OD1 1 
ATOM   728  O  OD2 . ASP A 1 90  ? 1.671   11.671  10.805  1.00 17.53 ? 87  ASP A OD2 1 
ATOM   729  N  N   . PRO A 1 91  ? 3.248   13.362  6.328   1.00 17.61 ? 88  PRO A N   1 
ATOM   730  C  CA  . PRO A 1 91  ? 3.745   12.735  5.113   1.00 17.04 ? 88  PRO A CA  1 
ATOM   731  C  C   . PRO A 1 91  ? 3.819   11.224  5.189   1.00 16.50 ? 88  PRO A C   1 
ATOM   732  O  O   . PRO A 1 91  ? 3.680   10.546  4.163   1.00 16.06 ? 88  PRO A O   1 
ATOM   733  C  CB  . PRO A 1 91  ? 5.164   13.326  4.943   1.00 17.86 ? 88  PRO A CB  1 
ATOM   734  C  CG  . PRO A 1 91  ? 5.515   13.890  6.263   1.00 18.26 ? 88  PRO A CG  1 
ATOM   735  C  CD  . PRO A 1 91  ? 4.246   14.245  6.954   1.00 18.00 ? 88  PRO A CD  1 
ATOM   736  N  N   . LEU A 1 92  ? 4.053   10.695  6.387   1.00 15.02 ? 89  LEU A N   1 
ATOM   737  C  CA  . LEU A 1 92  ? 4.117   9.245   6.546   1.00 14.15 ? 89  LEU A CA  1 
ATOM   738  C  C   . LEU A 1 92  ? 2.719   8.657   6.403   1.00 13.52 ? 89  LEU A C   1 
ATOM   739  O  O   . LEU A 1 92  ? 2.536   7.698   5.662   1.00 13.37 ? 89  LEU A O   1 
ATOM   740  C  CB  . LEU A 1 92  ? 4.743   8.842   7.883   1.00 13.89 ? 89  LEU A CB  1 
ATOM   741  C  CG  . LEU A 1 92  ? 4.871   7.329   8.151   1.00 15.23 ? 89  LEU A CG  1 
ATOM   742  C  CD1 . LEU A 1 92  ? 5.714   6.638   7.078   1.00 16.02 ? 89  LEU A CD1 1 
ATOM   743  C  CD2 . LEU A 1 92  ? 5.510   7.108   9.535   1.00 12.90 ? 89  LEU A CD2 1 
HETATM 744  N  N   . MSE A 1 93  ? 1.741   9.225   7.112   1.00 13.14 ? 90  MSE A N   1 
HETATM 745  C  CA  . MSE A 1 93  ? 0.359   8.780   6.968   1.00 12.79 ? 90  MSE A CA  1 
HETATM 746  C  C   . MSE A 1 93  ? -0.101  8.910   5.492   1.00 12.90 ? 90  MSE A C   1 
HETATM 747  O  O   . MSE A 1 93  ? -0.896  8.109   5.004   1.00 11.01 ? 90  MSE A O   1 
HETATM 748  C  CB  . MSE A 1 93  ? -0.566  9.574   7.884   1.00 13.24 ? 90  MSE A CB  1 
HETATM 749  C  CG  . MSE A 1 93  ? -2.021  9.037   7.968   1.00 15.07 ? 90  MSE A CG  1 
HETATM 750  SE SE  . MSE A 1 93  ? -2.079  7.155   8.594   1.00 29.48 ? 90  MSE A SE  1 
HETATM 751  C  CE  . MSE A 1 93  ? -1.936  7.493   10.508  1.00 23.60 ? 90  MSE A CE  1 
ATOM   752  N  N   . GLN A 1 94  ? 0.367   9.943   4.797   1.00 12.63 ? 91  GLN A N   1 
ATOM   753  C  CA  . GLN A 1 94  ? -0.070  10.143  3.422   1.00 12.96 ? 91  GLN A CA  1 
ATOM   754  C  C   . GLN A 1 94  ? 0.357   8.978   2.511   1.00 12.96 ? 91  GLN A C   1 
ATOM   755  O  O   . GLN A 1 94  ? -0.454  8.518   1.714   1.00 12.33 ? 91  GLN A O   1 
ATOM   756  C  CB  . GLN A 1 94  ? 0.357   11.522  2.903   1.00 13.30 ? 91  GLN A CB  1 
ATOM   757  C  CG  . GLN A 1 94  ? -0.193  11.878  1.555   1.00 13.58 ? 91  GLN A CG  1 
ATOM   758  C  CD  . GLN A 1 94  ? 0.229   13.274  1.102   1.00 14.22 ? 91  GLN A CD  1 
ATOM   759  O  OE1 . GLN A 1 94  ? 1.417   13.574  0.983   1.00 15.80 ? 91  GLN A OE1 1 
ATOM   760  N  NE2 . GLN A 1 94  ? -0.747  14.122  0.834   1.00 11.64 ? 91  GLN A NE2 1 
ATOM   761  N  N   . GLU A 1 95  ? 1.592   8.482   2.654   1.00 13.77 ? 92  GLU A N   1 
ATOM   762  C  CA  . GLU A 1 95  ? 2.080   7.317   1.879   1.00 13.92 ? 92  GLU A CA  1 
ATOM   763  C  C   . GLU A 1 95  ? 1.310   6.053   2.260   1.00 14.09 ? 92  GLU A C   1 
ATOM   764  O  O   . GLU A 1 95  ? 0.983   5.231   1.405   1.00 13.90 ? 92  GLU A O   1 
ATOM   765  C  CB  . GLU A 1 95  ? 3.592   7.081   2.086   1.00 14.37 ? 92  GLU A CB  1 
ATOM   766  C  CG  . GLU A 1 95  ? 4.514   8.293   1.759   1.00 17.50 ? 92  GLU A CG  1 
ATOM   767  C  CD  . GLU A 1 95  ? 4.380   8.824   0.324   1.00 18.96 ? 92  GLU A CD  1 
ATOM   768  O  OE1 . GLU A 1 95  ? 3.537   8.324   -0.446  1.00 20.52 ? 92  GLU A OE1 1 
ATOM   769  O  OE2 . GLU A 1 95  ? 5.141   9.753   -0.034  1.00 18.91 ? 92  GLU A OE2 1 
ATOM   770  N  N   . ILE A 1 96  ? 1.030   5.906   3.553   1.00 13.00 ? 93  ILE A N   1 
ATOM   771  C  CA  . ILE A 1 96  ? 0.279   4.756   4.064   1.00 12.48 ? 93  ILE A CA  1 
ATOM   772  C  C   . ILE A 1 96  ? -1.116  4.742   3.433   1.00 12.23 ? 93  ILE A C   1 
ATOM   773  O  O   . ILE A 1 96  ? -1.600  3.692   2.996   1.00 11.55 ? 93  ILE A O   1 
ATOM   774  C  CB  . ILE A 1 96  ? 0.195   4.791   5.609   1.00 12.07 ? 93  ILE A CB  1 
ATOM   775  C  CG1 . ILE A 1 96  ? 1.557   4.375   6.205   1.00 13.33 ? 93  ILE A CG1 1 
ATOM   776  C  CG2 . ILE A 1 96  ? -0.990  3.938   6.153   1.00 10.50 ? 93  ILE A CG2 1 
ATOM   777  C  CD1 . ILE A 1 96  ? 1.706   4.533   7.776   1.00 12.46 ? 93  ILE A CD1 1 
ATOM   778  N  N   . ARG A 1 97  ? -1.757  5.907   3.391   1.00 11.71 ? 94  ARG A N   1 
ATOM   779  C  CA  . ARG A 1 97  ? -3.107  6.007   2.841   1.00 11.87 ? 94  ARG A CA  1 
ATOM   780  C  C   . ARG A 1 97  ? -3.097  5.835   1.331   1.00 12.04 ? 94  ARG A C   1 
ATOM   781  O  O   . ARG A 1 97  ? -4.063  5.332   0.779   1.00 11.57 ? 94  ARG A O   1 
ATOM   782  C  CB  . ARG A 1 97  ? -3.785  7.316   3.241   1.00 12.60 ? 94  ARG A CB  1 
ATOM   783  C  CG  . ARG A 1 97  ? -4.117  7.400   4.747   1.00 14.12 ? 94  ARG A CG  1 
ATOM   784  C  CD  . ARG A 1 97  ? -5.138  6.308   5.126   1.00 21.60 ? 94  ARG A CD  1 
ATOM   785  N  NE  . ARG A 1 97  ? -5.585  6.439   6.510   1.00 27.49 ? 94  ARG A NE  1 
ATOM   786  C  CZ  . ARG A 1 97  ? -5.445  5.506   7.447   1.00 28.90 ? 94  ARG A CZ  1 
ATOM   787  N  NH1 . ARG A 1 97  ? -4.862  4.355   7.177   1.00 29.87 ? 94  ARG A NH1 1 
ATOM   788  N  NH2 . ARG A 1 97  ? -5.905  5.729   8.668   1.00 32.39 ? 94  ARG A NH2 1 
ATOM   789  N  N   . ARG A 1 98  ? -2.011  6.220   0.664   1.00 11.03 ? 95  ARG A N   1 
ATOM   790  C  CA  . ARG A 1 98  ? -1.908  5.928   -0.783  1.00 11.80 ? 95  ARG A CA  1 
ATOM   791  C  C   . ARG A 1 98  ? -1.870  4.417   -1.021  1.00 11.80 ? 95  ARG A C   1 
ATOM   792  O  O   . ARG A 1 98  ? -2.547  3.917   -1.936  1.00 11.73 ? 95  ARG A O   1 
ATOM   793  C  CB  . ARG A 1 98  ? -0.690  6.605   -1.419  1.00 11.60 ? 95  ARG A CB  1 
ATOM   794  C  CG  . ARG A 1 98  ? -0.823  8.100   -1.557  1.00 12.20 ? 95  ARG A CG  1 
ATOM   795  C  CD  . ARG A 1 98  ? 0.483   8.727   -2.012  1.00 12.78 ? 95  ARG A CD  1 
ATOM   796  N  NE  . ARG A 1 98  ? 0.291   10.160  -2.244  1.00 14.99 ? 95  ARG A NE  1 
ATOM   797  C  CZ  . ARG A 1 98  ? 1.179   11.115  -2.002  1.00 16.82 ? 95  ARG A CZ  1 
ATOM   798  N  NH1 . ARG A 1 98  ? 2.368   10.837  -1.480  1.00 13.53 ? 95  ARG A NH1 1 
ATOM   799  N  NH2 . ARG A 1 98  ? 0.865   12.370  -2.284  1.00 16.15 ? 95  ARG A NH2 1 
ATOM   800  N  N   . LEU A 1 99  ? -1.131  3.678   -0.193  1.00 11.31 ? 96  LEU A N   1 
ATOM   801  C  CA  . LEU A 1 99  ? -1.222  2.193   -0.295  1.00 12.23 ? 96  LEU A CA  1 
ATOM   802  C  C   . LEU A 1 99  ? -2.645  1.659   -0.043  1.00 12.12 ? 96  LEU A C   1 
ATOM   803  O  O   . LEU A 1 99  ? -3.137  0.766   -0.766  1.00 11.67 ? 96  LEU A O   1 
ATOM   804  C  CB  . LEU A 1 99  ? -0.193  1.464   0.586   1.00 12.40 ? 96  LEU A CB  1 
ATOM   805  C  CG  . LEU A 1 99  ? -0.226  -0.073  0.427   1.00 12.25 ? 96  LEU A CG  1 
ATOM   806  C  CD1 . LEU A 1 99  ? 0.085   -0.499  -1.004  1.00 13.20 ? 96  LEU A CD1 1 
ATOM   807  C  CD2 . LEU A 1 99  ? 0.715   -0.756  1.428   1.00 10.28 ? 96  LEU A CD2 1 
ATOM   808  N  N   . ASP A 1 100 ? -3.319  2.214   0.959   1.00 12.26 ? 97  ASP A N   1 
ATOM   809  C  CA  . ASP A 1 100 ? -4.699  1.791   1.242   1.00 12.92 ? 97  ASP A CA  1 
ATOM   810  C  C   . ASP A 1 100 ? -5.596  1.981   0.030   1.00 13.01 ? 97  ASP A C   1 
ATOM   811  O  O   . ASP A 1 100 ? -6.482  1.145   -0.213  1.00 12.88 ? 97  ASP A O   1 
ATOM   812  C  CB  . ASP A 1 100 ? -5.309  2.523   2.425   1.00 12.31 ? 97  ASP A CB  1 
ATOM   813  C  CG  . ASP A 1 100 ? -4.700  2.102   3.774   1.00 16.77 ? 97  ASP A CG  1 
ATOM   814  O  OD1 . ASP A 1 100 ? -4.388  0.913   4.002   1.00 18.84 ? 97  ASP A OD1 1 
ATOM   815  O  OD2 . ASP A 1 100 ? -4.558  2.984   4.631   1.00 18.83 ? 97  ASP A OD2 1 
ATOM   816  N  N   . LYS A 1 101 ? -5.406  3.092   -0.696  1.00 12.22 ? 98  LYS A N   1 
ATOM   817  C  CA  . LYS A 1 101 ? -6.175  3.371   -1.914  1.00 12.08 ? 98  LYS A CA  1 
ATOM   818  C  C   . LYS A 1 101 ? -5.884  2.322   -2.994  1.00 11.50 ? 98  LYS A C   1 
ATOM   819  O  O   . LYS A 1 101 ? -6.816  1.821   -3.636  1.00 10.57 ? 98  LYS A O   1 
ATOM   820  C  CB  . LYS A 1 101 ? -5.878  4.799   -2.435  1.00 11.94 ? 98  LYS A CB  1 
ATOM   821  C  CG  . LYS A 1 101 ? -6.740  5.264   -3.606  1.00 13.51 ? 98  LYS A CG  1 
ATOM   822  C  CD  . LYS A 1 101 ? -8.205  5.348   -3.216  1.00 15.74 ? 98  LYS A CD  1 
ATOM   823  C  CE  . LYS A 1 101 ? -8.932  6.398   -4.032  1.00 19.68 ? 98  LYS A CE  1 
ATOM   824  N  NZ  . LYS A 1 101 ? -10.380 6.353   -3.644  1.00 21.25 ? 98  LYS A NZ  1 
ATOM   825  N  N   . LEU A 1 102 ? -4.606  1.976   -3.184  1.00 10.26 ? 99  LEU A N   1 
ATOM   826  C  CA  . LEU A 1 102 ? -4.243  0.971   -4.195  1.00 11.65 ? 99  LEU A CA  1 
ATOM   827  C  C   . LEU A 1 102 ? -4.865  -0.394  -3.870  1.00 11.84 ? 99  LEU A C   1 
ATOM   828  O  O   . LEU A 1 102 ? -5.342  -1.095  -4.760  1.00 12.15 ? 99  LEU A O   1 
ATOM   829  C  CB  . LEU A 1 102 ? -2.711  0.835   -4.347  1.00 11.37 ? 99  LEU A CB  1 
ATOM   830  C  CG  . LEU A 1 102 ? -1.935  2.116   -4.708  1.00 11.65 ? 99  LEU A CG  1 
ATOM   831  C  CD1 . LEU A 1 102 ? -0.389  1.892   -4.700  1.00 9.60  ? 99  LEU A CD1 1 
ATOM   832  C  CD2 . LEU A 1 102 ? -2.391  2.631   -6.079  1.00 12.30 ? 99  LEU A CD2 1 
ATOM   833  N  N   . VAL A 1 103 ? -4.871  -0.735  -2.583  1.00 11.00 ? 100 VAL A N   1 
ATOM   834  C  CA  . VAL A 1 103 ? -5.415  -1.986  -2.100  1.00 11.93 ? 100 VAL A CA  1 
ATOM   835  C  C   . VAL A 1 103 ? -6.935  -1.946  -2.207  1.00 12.27 ? 100 VAL A C   1 
ATOM   836  O  O   . VAL A 1 103 ? -7.563  -2.964  -2.498  1.00 12.81 ? 100 VAL A O   1 
ATOM   837  C  CB  . VAL A 1 103 ? -4.976  -2.276  -0.642  1.00 11.79 ? 100 VAL A CB  1 
ATOM   838  C  CG1 . VAL A 1 103 ? -5.693  -3.479  -0.099  1.00 14.28 ? 100 VAL A CG1 1 
ATOM   839  C  CG2 . VAL A 1 103 ? -3.468  -2.575  -0.619  1.00 11.88 ? 100 VAL A CG2 1 
ATOM   840  N  N   . ASP A 1 104 ? -7.523  -0.773  -1.992  1.00 12.30 ? 101 ASP A N   1 
ATOM   841  C  CA  . ASP A 1 104 ? -8.981  -0.650  -2.210  1.00 13.00 ? 101 ASP A CA  1 
ATOM   842  C  C   . ASP A 1 104 ? -9.366  -0.983  -3.651  1.00 12.92 ? 101 ASP A C   1 
ATOM   843  O  O   . ASP A 1 104 ? -10.339 -1.717  -3.868  1.00 13.48 ? 101 ASP A O   1 
ATOM   844  C  CB  . ASP A 1 104 ? -9.493  0.715   -1.808  1.00 12.48 ? 101 ASP A CB  1 
ATOM   845  C  CG  . ASP A 1 104 ? -11.007 0.714   -1.566  1.00 15.74 ? 101 ASP A CG  1 
ATOM   846  O  OD1 . ASP A 1 104 ? -11.534 -0.217  -0.905  1.00 16.53 ? 101 ASP A OD1 1 
ATOM   847  O  OD2 . ASP A 1 104 ? -11.649 1.658   -2.050  1.00 19.37 ? 101 ASP A OD2 1 
ATOM   848  N  N   . TRP A 1 105 ? -8.596  -0.500  -4.630  1.00 13.54 ? 102 TRP A N   1 
ATOM   849  C  CA  . TRP A 1 105 ? -8.825  -0.911  -6.024  1.00 13.66 ? 102 TRP A CA  1 
ATOM   850  C  C   . TRP A 1 105 ? -8.779  -2.432  -6.191  1.00 12.62 ? 102 TRP A C   1 
ATOM   851  O  O   . TRP A 1 105 ? -9.613  -2.984  -6.878  1.00 12.21 ? 102 TRP A O   1 
ATOM   852  C  CB  . TRP A 1 105 ? -7.849  -0.256  -7.012  1.00 14.51 ? 102 TRP A CB  1 
ATOM   853  C  CG  . TRP A 1 105 ? -8.085  1.205   -7.243  1.00 14.53 ? 102 TRP A CG  1 
ATOM   854  C  CD1 . TRP A 1 105 ? -7.227  2.236   -6.916  1.00 15.31 ? 102 TRP A CD1 1 
ATOM   855  C  CD2 . TRP A 1 105 ? -9.230  1.813   -7.860  1.00 14.57 ? 102 TRP A CD2 1 
ATOM   856  N  NE1 . TRP A 1 105 ? -7.778  3.441   -7.289  1.00 14.66 ? 102 TRP A NE1 1 
ATOM   857  C  CE2 . TRP A 1 105 ? -9.007  3.216   -7.862  1.00 15.06 ? 102 TRP A CE2 1 
ATOM   858  C  CE3 . TRP A 1 105 ? -10.429 1.313   -8.399  1.00 16.14 ? 102 TRP A CE3 1 
ATOM   859  C  CZ2 . TRP A 1 105 ? -9.933  4.127   -8.390  1.00 17.34 ? 102 TRP A CZ2 1 
ATOM   860  C  CZ3 . TRP A 1 105 ? -11.374 2.231   -8.925  1.00 17.48 ? 102 TRP A CZ3 1 
ATOM   861  C  CH2 . TRP A 1 105 ? -11.111 3.629   -8.914  1.00 16.66 ? 102 TRP A CH2 1 
ATOM   862  N  N   . LEU A 1 106 ? -7.796  -3.093  -5.581  1.00 12.32 ? 103 LEU A N   1 
ATOM   863  C  CA  . LEU A 1 106 ? -7.715  -4.560  -5.635  1.00 12.10 ? 103 LEU A CA  1 
ATOM   864  C  C   . LEU A 1 106 ? -8.942  -5.257  -5.013  1.00 13.00 ? 103 LEU A C   1 
ATOM   865  O  O   . LEU A 1 106 ? -9.449  -6.246  -5.584  1.00 13.67 ? 103 LEU A O   1 
ATOM   866  C  CB  . LEU A 1 106 ? -6.408  -5.072  -5.005  1.00 11.73 ? 103 LEU A CB  1 
ATOM   867  C  CG  . LEU A 1 106 ? -5.102  -4.487  -5.558  1.00 10.73 ? 103 LEU A CG  1 
ATOM   868  C  CD1 . LEU A 1 106 ? -3.892  -5.024  -4.791  1.00 9.90  ? 103 LEU A CD1 1 
ATOM   869  C  CD2 . LEU A 1 106 ? -4.966  -4.784  -7.033  1.00 8.81  ? 103 LEU A CD2 1 
ATOM   870  N  N   . ALA A 1 107 ? -9.408  -4.761  -3.857  1.00 13.74 ? 104 ALA A N   1 
ATOM   871  C  CA  . ALA A 1 107 ? -10.586 -5.320  -3.171  1.00 15.13 ? 104 ALA A CA  1 
ATOM   872  C  C   . ALA A 1 107 ? -11.823 -5.112  -4.014  1.00 16.11 ? 104 ALA A C   1 
ATOM   873  O  O   . ALA A 1 107 ? -12.791 -5.885  -3.948  1.00 17.17 ? 104 ALA A O   1 
ATOM   874  C  CB  . ALA A 1 107 ? -10.773 -4.689  -1.808  1.00 14.90 ? 104 ALA A CB  1 
ATOM   875  N  N   . LYS A 1 108 ? -11.769 -4.070  -4.838  1.00 16.58 ? 105 LYS A N   1 
ATOM   876  C  CA  . LYS A 1 108 ? -12.824 -3.771  -5.765  1.00 17.64 ? 105 LYS A CA  1 
ATOM   877  C  C   . LYS A 1 108 ? -12.673 -4.452  -7.136  1.00 17.91 ? 105 LYS A C   1 
ATOM   878  O  O   . LYS A 1 108 ? -13.435 -4.162  -8.056  1.00 18.09 ? 105 LYS A O   1 
ATOM   879  C  CB  . LYS A 1 108 ? -12.973 -2.258  -5.890  1.00 17.66 ? 105 LYS A CB  1 
ATOM   880  C  CG  . LYS A 1 108 ? -14.089 -1.795  -5.041  1.00 22.38 ? 105 LYS A CG  1 
ATOM   881  C  CD  . LYS A 1 108 ? -13.816 -0.553  -4.281  1.00 25.43 ? 105 LYS A CD  1 
ATOM   882  C  CE  . LYS A 1 108 ? -13.970 -0.905  -2.835  1.00 29.75 ? 105 LYS A CE  1 
ATOM   883  N  NZ  . LYS A 1 108 ? -14.711 0.135   -2.119  1.00 33.40 ? 105 LYS A NZ  1 
ATOM   884  N  N   . GLY A 1 109 ? -11.701 -5.353  -7.274  1.00 17.53 ? 106 GLY A N   1 
ATOM   885  C  CA  . GLY A 1 109 ? -11.677 -6.244  -8.443  1.00 17.38 ? 106 GLY A CA  1 
ATOM   886  C  C   . GLY A 1 109 ? -10.703 -5.862  -9.554  1.00 17.20 ? 106 GLY A C   1 
ATOM   887  O  O   . GLY A 1 109 ? -10.642 -6.521  -10.596 1.00 17.13 ? 106 GLY A O   1 
ATOM   888  N  N   . LYS A 1 110 ? -9.922  -4.815  -9.353  1.00 16.43 ? 107 LYS A N   1 
ATOM   889  C  CA  . LYS A 1 110 ? -8.865  -4.502  -10.332 1.00 16.22 ? 107 LYS A CA  1 
ATOM   890  C  C   . LYS A 1 110 ? -7.670  -5.447  -10.204 1.00 15.65 ? 107 LYS A C   1 
ATOM   891  O  O   . LYS A 1 110 ? -7.319  -5.916  -9.111  1.00 14.70 ? 107 LYS A O   1 
ATOM   892  C  CB  . LYS A 1 110 ? -8.376  -3.052  -10.191 1.00 16.59 ? 107 LYS A CB  1 
ATOM   893  C  CG  . LYS A 1 110 ? -9.467  -2.007  -10.278 1.00 19.44 ? 107 LYS A CG  1 
ATOM   894  C  CD  . LYS A 1 110 ? -10.093 -1.974  -11.654 1.00 24.23 ? 107 LYS A CD  1 
ATOM   895  C  CE  . LYS A 1 110 ? -10.952 -0.731  -11.819 1.00 27.16 ? 107 LYS A CE  1 
ATOM   896  N  NZ  . LYS A 1 110 ? -11.915 -0.909  -12.953 1.00 30.33 ? 107 LYS A NZ  1 
ATOM   897  N  N   . THR A 1 111 ? -7.015  -5.724  -11.323 1.00 15.23 ? 108 THR A N   1 
ATOM   898  C  CA  . THR A 1 111 ? -5.759  -6.447  -11.217 1.00 15.18 ? 108 THR A CA  1 
ATOM   899  C  C   . THR A 1 111 ? -4.674  -5.424  -10.861 1.00 14.88 ? 108 THR A C   1 
ATOM   900  O  O   . THR A 1 111 ? -4.893  -4.199  -10.938 1.00 13.55 ? 108 THR A O   1 
ATOM   901  C  CB  . THR A 1 111 ? -5.386  -7.120  -12.536 1.00 15.98 ? 108 THR A CB  1 
ATOM   902  O  OG1 . THR A 1 111 ? -5.177  -6.096  -13.506 1.00 14.06 ? 108 THR A OG1 1 
ATOM   903  C  CG2 . THR A 1 111 ? -6.513  -8.074  -13.025 1.00 16.64 ? 108 THR A CG2 1 
ATOM   904  N  N   . SER A 1 112 ? -3.498  -5.904  -10.483 1.00 14.88 ? 109 SER A N   1 
ATOM   905  C  CA  . SER A 1 112 ? -2.417  -4.975  -10.201 1.00 15.52 ? 109 SER A CA  1 
ATOM   906  C  C   . SER A 1 112 ? -2.002  -4.237  -11.462 1.00 15.40 ? 109 SER A C   1 
ATOM   907  O  O   . SER A 1 112 ? -1.669  -3.050  -11.400 1.00 14.13 ? 109 SER A O   1 
ATOM   908  C  CB  . SER A 1 112 ? -1.231  -5.674  -9.522  1.00 15.70 ? 109 SER A CB  1 
ATOM   909  O  OG  . SER A 1 112 ? -0.703  -6.682  -10.349 1.00 19.41 ? 109 SER A OG  1 
ATOM   910  N  N   . GLN A 1 113 ? -2.025  -4.921  -12.612 1.00 16.28 ? 110 GLN A N   1 
ATOM   911  C  CA  A GLN A 1 113 ? -1.755  -4.285  -13.910 0.50 16.49 ? 110 GLN A CA  1 
ATOM   912  C  CA  B GLN A 1 113 ? -1.718  -4.237  -13.864 0.50 17.06 ? 110 GLN A CA  1 
ATOM   913  C  C   . GLN A 1 113 ? -2.717  -3.106  -14.154 1.00 16.76 ? 110 GLN A C   1 
ATOM   914  O  O   . GLN A 1 113 ? -2.308  -1.998  -14.546 1.00 16.66 ? 110 GLN A O   1 
ATOM   915  C  CB  A GLN A 1 113 ? -1.845  -5.317  -15.052 0.50 16.76 ? 110 GLN A CB  1 
ATOM   916  C  CB  B GLN A 1 113 ? -1.528  -5.215  -15.031 0.50 17.25 ? 110 GLN A CB  1 
ATOM   917  C  CG  A GLN A 1 113 ? -1.500  -4.772  -16.445 0.50 16.34 ? 110 GLN A CG  1 
ATOM   918  C  CG  B GLN A 1 113 ? -0.078  -5.690  -15.138 0.50 18.44 ? 110 GLN A CG  1 
ATOM   919  C  CD  A GLN A 1 113 ? -1.806  -5.763  -17.572 0.50 17.10 ? 110 GLN A CD  1 
ATOM   920  C  CD  B GLN A 1 113 ? 0.130   -6.795  -16.156 0.50 18.99 ? 110 GLN A CD  1 
ATOM   921  O  OE1 A GLN A 1 113 ? -2.003  -6.960  -17.338 0.50 19.16 ? 110 GLN A OE1 1 
ATOM   922  O  OE1 B GLN A 1 113 ? -0.408  -6.753  -17.267 0.50 22.78 ? 110 GLN A OE1 1 
ATOM   923  N  NE2 A GLN A 1 113 ? -1.863  -5.261  -18.798 0.50 16.95 ? 110 GLN A NE2 1 
ATOM   924  N  NE2 B GLN A 1 113 ? 0.929   -7.793  -15.783 0.50 21.31 ? 110 GLN A NE2 1 
ATOM   925  N  N   . GLN A 1 114 ? -4.005  -3.329  -13.904 1.00 16.54 ? 111 GLN A N   1 
ATOM   926  C  CA  . GLN A 1 114 ? -5.004  -2.234  -14.063 1.00 16.23 ? 111 GLN A CA  1 
ATOM   927  C  C   . GLN A 1 114 ? -4.785  -1.054  -13.105 1.00 15.41 ? 111 GLN A C   1 
ATOM   928  O  O   . GLN A 1 114 ? -4.978  0.117   -13.459 1.00 14.05 ? 111 GLN A O   1 
ATOM   929  C  CB  . GLN A 1 114 ? -6.414  -2.776  -13.879 1.00 16.82 ? 111 GLN A CB  1 
ATOM   930  C  CG  . GLN A 1 114 ? -6.880  -3.606  -15.094 1.00 19.91 ? 111 GLN A CG  1 
ATOM   931  C  CD  . GLN A 1 114 ? -8.176  -4.331  -14.839 1.00 21.41 ? 111 GLN A CD  1 
ATOM   932  O  OE1 . GLN A 1 114 ? -8.416  -4.829  -13.737 1.00 21.38 ? 111 GLN A OE1 1 
ATOM   933  N  NE2 . GLN A 1 114 ? -9.034  -4.397  -15.864 1.00 21.06 ? 111 GLN A NE2 1 
ATOM   934  N  N   . VAL A 1 115 ? -4.391  -1.369  -11.875 1.00 15.09 ? 112 VAL A N   1 
ATOM   935  C  CA  . VAL A 1 115 ? -4.074  -0.341  -10.898 1.00 14.76 ? 112 VAL A CA  1 
ATOM   936  C  C   . VAL A 1 115 ? -2.868  0.510   -11.316 1.00 15.30 ? 112 VAL A C   1 
ATOM   937  O  O   . VAL A 1 115 ? -2.939  1.747   -11.268 1.00 14.92 ? 112 VAL A O   1 
ATOM   938  C  CB  . VAL A 1 115 ? -3.906  -0.952  -9.488  1.00 15.14 ? 112 VAL A CB  1 
ATOM   939  C  CG1 . VAL A 1 115 ? -3.420  0.102   -8.501  1.00 15.47 ? 112 VAL A CG1 1 
ATOM   940  C  CG2 . VAL A 1 115 ? -5.231  -1.512  -9.041  1.00 12.80 ? 112 VAL A CG2 1 
ATOM   941  N  N   . LEU A 1 116 ? -1.772  -0.133  -11.713 1.00 15.20 ? 113 LEU A N   1 
ATOM   942  C  CA  . LEU A 1 116 ? -0.610  0.580   -12.215 1.00 17.67 ? 113 LEU A CA  1 
ATOM   943  C  C   . LEU A 1 116 ? -0.972  1.392   -13.459 1.00 18.48 ? 113 LEU A C   1 
ATOM   944  O  O   . LEU A 1 116 ? -0.556  2.541   -13.602 1.00 18.54 ? 113 LEU A O   1 
ATOM   945  C  CB  . LEU A 1 116 ? 0.543   -0.395  -12.534 1.00 17.56 ? 113 LEU A CB  1 
ATOM   946  C  CG  . LEU A 1 116 ? 1.608   -0.654  -11.446 1.00 18.93 ? 113 LEU A CG  1 
ATOM   947  C  CD1 . LEU A 1 116 ? 1.011   -1.100  -10.130 1.00 17.55 ? 113 LEU A CD1 1 
ATOM   948  C  CD2 . LEU A 1 116 ? 2.702   -1.672  -11.946 1.00 19.56 ? 113 LEU A CD2 1 
ATOM   949  N  N   . GLU A 1 117 ? -1.764  0.794   -14.355 1.00 19.61 ? 114 GLU A N   1 
ATOM   950  C  CA  . GLU A 1 117 ? -2.152  1.491   -15.583 1.00 21.05 ? 114 GLU A CA  1 
ATOM   951  C  C   . GLU A 1 117 ? -2.943  2.758   -15.279 1.00 20.37 ? 114 GLU A C   1 
ATOM   952  O  O   . GLU A 1 117 ? -2.826  3.744   -15.992 1.00 20.97 ? 114 GLU A O   1 
ATOM   953  C  CB  . GLU A 1 117 ? -2.913  0.564   -16.525 1.00 21.24 ? 114 GLU A CB  1 
ATOM   954  C  CG  . GLU A 1 117 ? -1.963  -0.375  -17.271 1.00 26.35 ? 114 GLU A CG  1 
ATOM   955  C  CD  . GLU A 1 117 ? -2.664  -1.278  -18.251 1.00 30.98 ? 114 GLU A CD  1 
ATOM   956  O  OE1 . GLU A 1 117 ? -3.816  -0.969  -18.622 1.00 34.92 ? 114 GLU A OE1 1 
ATOM   957  O  OE2 . GLU A 1 117 ? -2.057  -2.297  -18.654 1.00 34.43 ? 114 GLU A OE2 1 
ATOM   958  N  N   . LYS A 1 118 ? -3.706  2.736   -14.191 1.00 20.55 ? 115 LYS A N   1 
ATOM   959  C  CA  . LYS A 1 118 ? -4.472  3.890   -13.726 1.00 20.71 ? 115 LYS A CA  1 
ATOM   960  C  C   . LYS A 1 118 ? -3.575  5.075   -13.372 1.00 20.21 ? 115 LYS A C   1 
ATOM   961  O  O   . LYS A 1 118 ? -3.932  6.228   -13.622 1.00 19.84 ? 115 LYS A O   1 
ATOM   962  C  CB  . LYS A 1 118 ? -5.306  3.492   -12.507 1.00 21.11 ? 115 LYS A CB  1 
ATOM   963  C  CG  . LYS A 1 118 ? -6.348  4.486   -12.059 1.00 21.95 ? 115 LYS A CG  1 
ATOM   964  C  CD  . LYS A 1 118 ? -7.243  3.854   -10.956 1.00 22.82 ? 115 LYS A CD  1 
ATOM   965  C  CE  . LYS A 1 118 ? -8.421  3.042   -11.531 1.00 23.86 ? 115 LYS A CE  1 
ATOM   966  N  NZ  . LYS A 1 118 ? -9.375  3.938   -12.303 1.00 25.33 ? 115 LYS A NZ  1 
ATOM   967  N  N   . TYR A 1 119 ? -2.419  4.797   -12.778 1.00 18.87 ? 116 TYR A N   1 
ATOM   968  C  CA  . TYR A 1 119 ? -1.627  5.864   -12.183 1.00 17.74 ? 116 TYR A CA  1 
ATOM   969  C  C   . TYR A 1 119 ? -0.361  6.168   -12.957 1.00 18.23 ? 116 TYR A C   1 
ATOM   970  O  O   . TYR A 1 119 ? 0.239   7.216   -12.757 1.00 18.06 ? 116 TYR A O   1 
ATOM   971  C  CB  . TYR A 1 119 ? -1.332  5.571   -10.709 1.00 17.27 ? 116 TYR A CB  1 
ATOM   972  C  CG  . TYR A 1 119 ? -2.591  5.588   -9.845  1.00 15.08 ? 116 TYR A CG  1 
ATOM   973  C  CD1 . TYR A 1 119 ? -3.267  6.781   -9.595  1.00 12.89 ? 116 TYR A CD1 1 
ATOM   974  C  CD2 . TYR A 1 119 ? -3.125  4.390   -9.314  1.00 14.00 ? 116 TYR A CD2 1 
ATOM   975  C  CE1 . TYR A 1 119 ? -4.451  6.801   -8.823  1.00 13.10 ? 116 TYR A CE1 1 
ATOM   976  C  CE2 . TYR A 1 119 ? -4.309  4.401   -8.528  1.00 12.02 ? 116 TYR A CE2 1 
ATOM   977  C  CZ  . TYR A 1 119 ? -4.941  5.606   -8.268  1.00 14.03 ? 116 TYR A CZ  1 
ATOM   978  O  OH  . TYR A 1 119 ? -6.100  5.635   -7.508  1.00 15.78 ? 116 TYR A OH  1 
ATOM   979  N  N   . GLU A 1 120 ? 0.050   5.259   -13.836 1.00 18.91 ? 117 GLU A N   1 
ATOM   980  C  CA  A GLU A 1 120 ? 1.235   5.541   -14.624 0.50 18.81 ? 117 GLU A CA  1 
ATOM   981  C  CA  B GLU A 1 120 ? 1.223   5.446   -14.708 0.50 19.79 ? 117 GLU A CA  1 
ATOM   982  C  C   . GLU A 1 120 ? 0.836   6.528   -15.722 1.00 19.05 ? 117 GLU A C   1 
ATOM   983  O  O   . GLU A 1 120 ? -0.134  6.349   -16.458 1.00 20.69 ? 117 GLU A O   1 
ATOM   984  C  CB  A GLU A 1 120 ? 1.976   4.267   -15.077 0.50 18.56 ? 117 GLU A CB  1 
ATOM   985  C  CB  B GLU A 1 120 ? 1.527   4.120   -15.431 0.50 19.78 ? 117 GLU A CB  1 
ATOM   986  C  CG  A GLU A 1 120 ? 2.878   3.693   -13.951 0.50 18.04 ? 117 GLU A CG  1 
ATOM   987  C  CG  B GLU A 1 120 ? 2.997   3.702   -15.591 0.50 21.82 ? 117 GLU A CG  1 
ATOM   988  C  CD  A GLU A 1 120 ? 3.785   2.511   -14.359 0.50 19.51 ? 117 GLU A CD  1 
ATOM   989  C  CD  B GLU A 1 120 ? 3.177   2.425   -16.456 0.50 22.31 ? 117 GLU A CD  1 
ATOM   990  O  OE1 A GLU A 1 120 ? 3.362   1.652   -15.157 0.50 17.80 ? 117 GLU A OE1 1 
ATOM   991  O  OE1 B GLU A 1 120 ? 2.651   1.352   -16.072 0.50 24.89 ? 117 GLU A OE1 1 
ATOM   992  O  OE2 A GLU A 1 120 ? 4.932   2.430   -13.854 0.50 20.49 ? 117 GLU A OE2 1 
ATOM   993  O  OE2 B GLU A 1 120 ? 3.847   2.493   -17.523 0.50 24.93 ? 117 GLU A OE2 1 
ATOM   994  N  N   . LYS A 1 121 ? 1.529   7.653   -15.751 1.00 16.87 ? 118 LYS A N   1 
ATOM   995  C  CA  . LYS A 1 121 ? 1.142   8.694   -16.683 1.00 15.54 ? 118 LYS A CA  1 
ATOM   996  C  C   . LYS A 1 121 ? 2.205   8.826   -17.762 1.00 14.93 ? 118 LYS A C   1 
ATOM   997  O  O   . LYS A 1 121 ? 3.390   8.832   -17.453 1.00 15.29 ? 118 LYS A O   1 
ATOM   998  C  CB  . LYS A 1 121 ? 0.929   10.007  -15.956 1.00 14.72 ? 118 LYS A CB  1 
ATOM   999  C  CG  . LYS A 1 121 ? -0.102  9.930   -14.827 1.00 13.92 ? 118 LYS A CG  1 
ATOM   1000 C  CD  . LYS A 1 121 ? -1.522  9.723   -15.353 1.00 11.38 ? 118 LYS A CD  1 
ATOM   1001 C  CE  . LYS A 1 121 ? -2.508  9.694   -14.153 1.00 13.70 ? 118 LYS A CE  1 
ATOM   1002 N  NZ  . LYS A 1 121 ? -3.899  9.445   -14.593 1.00 14.12 ? 118 LYS A NZ  1 
ATOM   1003 N  N   . HIS A 1 122 ? 1.772   8.910   -19.013 1.00 14.03 ? 119 HIS A N   1 
ATOM   1004 C  CA  . HIS A 1 122 ? 2.698   9.079   -20.154 1.00 13.62 ? 119 HIS A CA  1 
ATOM   1005 C  C   . HIS A 1 122 ? 2.503   10.438  -20.789 1.00 12.45 ? 119 HIS A C   1 
ATOM   1006 O  O   . HIS A 1 122 ? 1.393   10.959  -20.772 1.00 11.44 ? 119 HIS A O   1 
ATOM   1007 C  CB  . HIS A 1 122 ? 2.481   7.963   -21.187 1.00 13.66 ? 119 HIS A CB  1 
ATOM   1008 C  CG  . HIS A 1 122 ? 2.548   6.598   -20.582 1.00 15.30 ? 119 HIS A CG  1 
ATOM   1009 N  ND1 . HIS A 1 122 ? 3.674   6.135   -19.935 1.00 19.16 ? 119 HIS A ND1 1 
ATOM   1010 C  CD2 . HIS A 1 122 ? 1.629   5.610   -20.498 1.00 17.60 ? 119 HIS A CD2 1 
ATOM   1011 C  CE1 . HIS A 1 122 ? 3.443   4.918   -19.471 1.00 18.90 ? 119 HIS A CE1 1 
ATOM   1012 N  NE2 . HIS A 1 122 ? 2.209   4.576   -19.802 1.00 19.45 ? 119 HIS A NE2 1 
ATOM   1013 N  N   . LYS A 1 123 ? 3.585   11.002  -21.336 1.00 11.58 ? 120 LYS A N   1 
ATOM   1014 C  CA  . LYS A 1 123 ? 3.513   12.258  -22.099 1.00 11.72 ? 120 LYS A CA  1 
ATOM   1015 C  C   . LYS A 1 123 ? 2.658   12.082  -23.335 1.00 11.73 ? 120 LYS A C   1 
ATOM   1016 O  O   . LYS A 1 123 ? 2.104   13.046  -23.871 1.00 11.27 ? 120 LYS A O   1 
ATOM   1017 C  CB  . LYS A 1 123 ? 4.920   12.762  -22.461 1.00 11.39 ? 120 LYS A CB  1 
ATOM   1018 C  CG  . LYS A 1 123 ? 5.698   13.175  -21.208 1.00 12.06 ? 120 LYS A CG  1 
ATOM   1019 C  CD  . LYS A 1 123 ? 7.133   13.591  -21.507 1.00 14.49 ? 120 LYS A CD  1 
ATOM   1020 C  CE  . LYS A 1 123 ? 7.905   13.727  -20.193 1.00 20.58 ? 120 LYS A CE  1 
ATOM   1021 N  NZ  . LYS A 1 123 ? 9.344   14.043  -20.459 1.00 23.80 ? 120 LYS A NZ  1 
ATOM   1022 O  OXT . LYS A 1 123 ? 2.503   10.946  -23.817 1.00 12.09 ? 120 LYS A OXT 1 
HETATM 1023 C  C1  . EDO B 2 .   ? -3.863  1.355   7.340   1.00 37.16 ? 201 EDO A C1  1 
HETATM 1024 O  O1  . EDO B 2 .   ? -5.220  0.913   7.375   1.00 38.54 ? 201 EDO A O1  1 
HETATM 1025 C  C2  . EDO B 2 .   ? -2.971  0.132   7.251   1.00 37.04 ? 201 EDO A C2  1 
HETATM 1026 O  O2  . EDO B 2 .   ? -3.750  -0.971  6.788   1.00 36.60 ? 201 EDO A O2  1 
HETATM 1027 O  O   . HOH C 3 .   ? 11.980  6.344   2.435   1.00 12.64 ? 202 HOH A O   1 
HETATM 1028 O  O   . HOH C 3 .   ? -1.603  1.151   4.139   1.00 12.65 ? 203 HOH A O   1 
HETATM 1029 O  O   . HOH C 3 .   ? -0.088  11.934  -18.573 1.00 14.48 ? 204 HOH A O   1 
HETATM 1030 O  O   . HOH C 3 .   ? -15.388 -12.920 1.827   1.00 14.86 ? 205 HOH A O   1 
HETATM 1031 O  O   . HOH C 3 .   ? -3.247  -9.527  10.642  1.00 14.64 ? 206 HOH A O   1 
HETATM 1032 O  O   . HOH C 3 .   ? 2.702   -14.477 -1.624  1.00 15.01 ? 207 HOH A O   1 
HETATM 1033 O  O   . HOH C 3 .   ? 10.851  -1.177  13.437  1.00 14.87 ? 208 HOH A O   1 
HETATM 1034 O  O   . HOH C 3 .   ? -5.116  11.309  -10.396 1.00 15.75 ? 209 HOH A O   1 
HETATM 1035 O  O   . HOH C 3 .   ? 12.567  10.046  -9.639  1.00 16.01 ? 210 HOH A O   1 
HETATM 1036 O  O   . HOH C 3 .   ? -4.878  7.751   18.736  1.00 16.02 ? 211 HOH A O   1 
HETATM 1037 O  O   . HOH C 3 .   ? 6.810   -6.908  11.390  1.00 16.04 ? 212 HOH A O   1 
HETATM 1038 O  O   . HOH C 3 .   ? -1.231  -14.583 -4.911  1.00 16.41 ? 213 HOH A O   1 
HETATM 1039 O  O   . HOH C 3 .   ? -7.020  8.013   -7.232  1.00 16.61 ? 214 HOH A O   1 
HETATM 1040 O  O   . HOH C 3 .   ? -2.022  -8.017  -12.937 1.00 16.75 ? 215 HOH A O   1 
HETATM 1041 O  O   . HOH C 3 .   ? -6.694  13.524  -9.441  1.00 17.04 ? 216 HOH A O   1 
HETATM 1042 O  O   . HOH C 3 .   ? -5.438  9.391   -12.255 1.00 17.04 ? 217 HOH A O   1 
HETATM 1043 O  O   . HOH C 3 .   ? -3.327  -8.838  -10.444 1.00 17.08 ? 218 HOH A O   1 
HETATM 1044 O  O   . HOH C 3 .   ? -8.730  18.686  4.719   1.00 17.25 ? 219 HOH A O   1 
HETATM 1045 O  O   . HOH C 3 .   ? -8.338  -7.538  7.138   1.00 17.41 ? 220 HOH A O   1 
HETATM 1046 O  O   . HOH C 3 .   ? -4.987  4.434   15.587  1.00 17.64 ? 221 HOH A O   1 
HETATM 1047 O  O   . HOH C 3 .   ? 6.515   5.973   15.363  1.00 17.94 ? 222 HOH A O   1 
HETATM 1048 O  O   . HOH C 3 .   ? 7.493   2.828   14.433  1.00 17.98 ? 223 HOH A O   1 
HETATM 1049 O  O   . HOH C 3 .   ? 1.841   3.638   19.682  1.00 18.92 ? 224 HOH A O   1 
HETATM 1050 O  O   . HOH C 3 .   ? -1.052  8.442   -19.678 1.00 19.26 ? 225 HOH A O   1 
HETATM 1051 O  O   . HOH C 3 .   ? 10.199  -7.176  -7.117  1.00 19.87 ? 226 HOH A O   1 
HETATM 1052 O  O   . HOH C 3 .   ? -8.045  -7.818  -7.294  1.00 19.83 ? 227 HOH A O   1 
HETATM 1053 O  O   . HOH C 3 .   ? -6.004  -9.421  -6.897  1.00 20.10 ? 228 HOH A O   1 
HETATM 1054 O  O   . HOH C 3 .   ? -15.191 -5.081  -2.917  1.00 20.81 ? 229 HOH A O   1 
HETATM 1055 O  O   . HOH C 3 .   ? 2.118   14.753  -1.632  1.00 21.34 ? 230 HOH A O   1 
HETATM 1056 O  O   . HOH C 3 .   ? 5.833   -9.108  13.448  1.00 21.40 ? 231 HOH A O   1 
HETATM 1057 O  O   . HOH C 3 .   ? -16.308 -10.325 2.418   1.00 21.88 ? 232 HOH A O   1 
HETATM 1058 O  O   . HOH C 3 .   ? 10.107  3.324   -7.327  1.00 21.68 ? 233 HOH A O   1 
HETATM 1059 O  O   . HOH C 3 .   ? 4.731   10.023  -15.236 1.00 21.65 ? 234 HOH A O   1 
HETATM 1060 O  O   . HOH C 3 .   ? 8.374   1.604   -8.308  1.00 22.45 ? 235 HOH A O   1 
HETATM 1061 O  O   . HOH C 3 .   ? 11.262  -9.641  -5.864  1.00 22.53 ? 236 HOH A O   1 
HETATM 1062 O  O   . HOH C 3 .   ? -3.329  4.325   23.599  1.00 22.80 ? 237 HOH A O   1 
HETATM 1063 O  O   . HOH C 3 .   ? 7.393   -11.199 12.197  1.00 22.61 ? 238 HOH A O   1 
HETATM 1064 O  O   . HOH C 3 .   ? -8.153  17.736  -3.847  1.00 22.30 ? 239 HOH A O   1 
HETATM 1065 O  O   . HOH C 3 .   ? -2.023  14.305  9.107   1.00 23.28 ? 240 HOH A O   1 
HETATM 1066 O  O   . HOH C 3 .   ? -13.460 7.034   2.576   1.00 23.57 ? 241 HOH A O   1 
HETATM 1067 O  O   . HOH C 3 .   ? 5.094   11.495  10.671  1.00 23.62 ? 242 HOH A O   1 
HETATM 1068 O  O   . HOH C 3 .   ? 9.996   16.340  -22.500 1.00 23.88 ? 243 HOH A O   1 
HETATM 1069 O  O   . HOH C 3 .   ? 5.947   9.604   -21.125 1.00 23.55 ? 244 HOH A O   1 
HETATM 1070 O  O   . HOH C 3 .   ? 15.224  0.169   2.224   1.00 23.34 ? 245 HOH A O   1 
HETATM 1071 O  O   . HOH C 3 .   ? 12.118  -12.698 0.611   1.00 24.18 ? 246 HOH A O   1 
HETATM 1072 O  O   . HOH C 3 .   ? -1.594  13.920  -4.245  1.00 23.53 ? 247 HOH A O   1 
HETATM 1073 O  O   . HOH C 3 .   ? -4.201  -3.596  7.604   1.00 24.13 ? 248 HOH A O   1 
HETATM 1074 O  O   . HOH C 3 .   ? -7.752  -0.581  1.500   1.00 25.62 ? 249 HOH A O   1 
HETATM 1075 O  O   . HOH C 3 .   ? -1.980  11.967  -3.058  1.00 24.85 ? 250 HOH A O   1 
HETATM 1076 O  O   . HOH C 3 .   ? 14.435  -1.838  10.109  1.00 26.56 ? 251 HOH A O   1 
HETATM 1077 O  O   . HOH C 3 .   ? -6.926  14.853  4.732   1.00 26.36 ? 252 HOH A O   1 
HETATM 1078 O  O   . HOH C 3 .   ? -5.342  -10.809 9.054   1.00 27.13 ? 253 HOH A O   1 
HETATM 1079 O  O   . HOH C 3 .   ? -13.593 -7.572  -5.914  1.00 26.81 ? 254 HOH A O   1 
HETATM 1080 O  O   . HOH C 3 .   ? 4.341   6.470   -15.810 1.00 26.25 ? 255 HOH A O   1 
HETATM 1081 O  O   . HOH C 3 .   ? 10.812  8.916   2.040   1.00 26.71 ? 256 HOH A O   1 
HETATM 1082 O  O   . HOH C 3 .   ? 12.088  -14.361 5.157   1.00 27.72 ? 257 HOH A O   1 
HETATM 1083 O  O   . HOH C 3 .   ? 10.775  -1.930  16.049  1.00 27.54 ? 258 HOH A O   1 
HETATM 1084 O  O   . HOH C 3 .   ? 3.624   12.274  1.490   1.00 27.84 ? 259 HOH A O   1 
HETATM 1085 O  O   . HOH C 3 .   ? -7.977  -17.085 -0.223  1.00 28.32 ? 260 HOH A O   1 
HETATM 1086 O  O   . HOH C 3 .   ? -6.515  -0.684  3.761   1.00 28.29 ? 261 HOH A O   1 
HETATM 1087 O  O   . HOH C 3 .   ? 6.230   13.036  -9.012  1.00 28.47 ? 262 HOH A O   1 
HETATM 1088 O  O   . HOH C 3 .   ? -10.581 -15.773 -1.873  1.00 28.67 ? 263 HOH A O   1 
HETATM 1089 O  O   . HOH C 3 .   ? -3.530  -15.377 -2.912  1.00 28.59 ? 264 HOH A O   1 
HETATM 1090 O  O   . HOH C 3 .   ? -5.063  -6.891  -16.096 1.00 29.29 ? 265 HOH A O   1 
HETATM 1091 O  O   . HOH C 3 .   ? 8.428   8.756   -13.959 1.00 29.66 ? 266 HOH A O   1 
HETATM 1092 O  O   . HOH C 3 .   ? -14.515 -8.696  4.091   1.00 30.43 ? 267 HOH A O   1 
HETATM 1093 O  O   . HOH C 3 .   ? -3.251  6.744   -16.556 1.00 29.89 ? 268 HOH A O   1 
HETATM 1094 O  O   . HOH C 3 .   ? -6.699  0.780   -15.417 1.00 30.98 ? 269 HOH A O   1 
HETATM 1095 O  O   . HOH C 3 .   ? 2.088   15.260  3.315   1.00 30.56 ? 270 HOH A O   1 
HETATM 1096 O  O   . HOH C 3 .   ? 9.427   -1.137  -7.729  1.00 30.61 ? 271 HOH A O   1 
HETATM 1097 O  O   . HOH C 3 .   ? -11.639 2.804   3.401   1.00 31.60 ? 272 HOH A O   1 
HETATM 1098 O  O   . HOH C 3 .   ? 10.144  10.020  -0.344  1.00 30.94 ? 273 HOH A O   1 
HETATM 1099 O  O   . HOH C 3 .   ? 1.822   -15.750 -5.030  1.00 31.14 ? 274 HOH A O   1 
HETATM 1100 O  O   . HOH C 3 .   ? 7.898   10.999  8.391   1.00 30.56 ? 275 HOH A O   1 
HETATM 1101 O  O   . HOH C 3 .   ? 12.589  1.551   -7.933  1.00 31.49 ? 276 HOH A O   1 
HETATM 1102 O  O   . HOH C 3 .   ? 4.182   -9.306  17.736  1.00 32.07 ? 277 HOH A O   1 
HETATM 1103 O  O   . HOH C 3 .   ? 3.232   -6.949  18.882  1.00 30.61 ? 278 HOH A O   1 
HETATM 1104 O  O   . HOH C 3 .   ? -0.800  11.985  12.163  1.00 31.57 ? 279 HOH A O   1 
HETATM 1105 O  O   . HOH C 3 .   ? -10.872 3.327   -3.896  1.00 32.57 ? 280 HOH A O   1 
HETATM 1106 O  O   . HOH C 3 .   ? 1.434   -5.609  -12.152 1.00 32.03 ? 281 HOH A O   1 
HETATM 1107 O  O   . HOH C 3 .   ? 13.604  -11.769 6.749   1.00 32.68 ? 282 HOH A O   1 
HETATM 1108 O  O   . HOH C 3 .   ? -7.815  5.400   14.897  1.00 32.72 ? 283 HOH A O   1 
HETATM 1109 O  O   . HOH C 3 .   ? -1.235  4.109   -17.859 1.00 32.77 ? 284 HOH A O   1 
HETATM 1110 O  O   . HOH C 3 .   ? 6.365   9.768   12.311  1.00 34.11 ? 285 HOH A O   1 
HETATM 1111 O  O   . HOH C 3 .   ? 8.729   16.734  -18.900 1.00 33.96 ? 286 HOH A O   1 
HETATM 1112 O  O   . HOH C 3 .   ? 3.670   -5.480  -11.361 1.00 33.68 ? 287 HOH A O   1 
HETATM 1113 O  O   . HOH C 3 .   ? -5.637  -13.910 3.392   1.00 33.94 ? 288 HOH A O   1 
HETATM 1114 O  O   . HOH C 3 .   ? 9.227   9.629   10.524  1.00 33.90 ? 289 HOH A O   1 
HETATM 1115 O  O   . HOH C 3 .   ? -2.774  11.940  9.689   1.00 34.06 ? 290 HOH A O   1 
HETATM 1116 O  O   . HOH C 3 .   ? 4.578   -14.235 -3.537  1.00 35.11 ? 291 HOH A O   1 
HETATM 1117 O  O   . HOH C 3 .   ? 13.898  1.574   12.971  1.00 35.14 ? 292 HOH A O   1 
HETATM 1118 O  O   . HOH C 3 .   ? 13.992  0.581   -5.710  1.00 36.29 ? 293 HOH A O   1 
HETATM 1119 O  O   . HOH C 3 .   ? -12.399 9.385   -3.711  1.00 34.65 ? 294 HOH A O   1 
HETATM 1120 O  O   . HOH C 3 .   ? 9.698   -11.715 13.817  1.00 36.49 ? 295 HOH A O   1 
HETATM 1121 O  O   . HOH C 3 .   ? 13.301  -8.557  13.260  1.00 36.54 ? 296 HOH A O   1 
HETATM 1122 O  O   . HOH C 3 .   ? -13.390 3.260   0.123   1.00 37.79 ? 297 HOH A O   1 
HETATM 1123 O  O   . HOH C 3 .   ? 15.310  -9.089  -1.201  1.00 37.58 ? 298 HOH A O   1 
HETATM 1124 O  O   . HOH C 3 .   ? -8.783  -15.236 -3.922  1.00 39.96 ? 299 HOH A O   1 
HETATM 1125 O  O   . HOH C 3 .   ? 4.432   -4.580  20.710  1.00 39.38 ? 300 HOH A O   1 
HETATM 1126 O  O   . HOH C 3 .   ? -10.412 6.540   -10.847 1.00 39.67 ? 301 HOH A O   1 
HETATM 1127 O  O   . HOH C 3 .   ? -6.902  19.351  -2.371  1.00 40.12 ? 302 HOH A O   1 
HETATM 1128 O  O   . HOH C 3 .   ? -10.820 -6.291  -13.180 1.00 40.04 ? 303 HOH A O   1 
HETATM 1129 O  O   . HOH C 3 .   ? 3.844   -15.760 -7.893  1.00 42.42 ? 304 HOH A O   1 
HETATM 1130 O  O   . HOH C 3 .   ? 15.689  -0.844  6.901   1.00 40.45 ? 305 HOH A O   1 
HETATM 1131 O  O   . HOH C 3 .   ? 9.128   -3.579  16.264  1.00 41.15 ? 306 HOH A O   1 
HETATM 1132 O  O   . HOH C 3 .   ? 16.741  3.718   6.786   1.00 41.10 ? 307 HOH A O   1 
HETATM 1133 O  O   . HOH C 3 .   ? 15.711  3.843   2.288   1.00 40.41 ? 308 HOH A O   1 
HETATM 1134 O  O   . HOH C 3 .   ? 7.578   5.664   -12.551 1.00 42.23 ? 309 HOH A O   1 
HETATM 1135 O  O   . HOH C 3 .   ? 7.959   9.725   3.604   1.00 47.19 ? 310 HOH A O   1 
HETATM 1136 O  O   . HOH C 3 .   ? -6.285  9.465   9.537   1.00 45.92 ? 311 HOH A O   1 
HETATM 1137 O  O   . HOH C 3 .   ? -14.469 -3.616  -0.951  1.00 43.75 ? 312 HOH A O   1 
HETATM 1138 O  O   . HOH C 3 .   ? 0.660   2.393   -18.230 1.00 44.33 ? 313 HOH A O   1 
HETATM 1139 O  O   . HOH C 3 .   ? -6.049  21.954  -1.278  1.00 46.84 ? 314 HOH A O   1 
HETATM 1140 O  O   . HOH C 3 .   ? 5.542   -2.609  17.949  1.00 47.86 ? 315 HOH A O   1 
HETATM 1141 O  O   . HOH C 3 .   ? -12.965 16.429  1.155   1.00 48.81 ? 316 HOH A O   1 
# 
